data_8Y77
# 
_entry.id   8Y77 
# 
_audit_conform.dict_name       mmcif_pdbx.dic 
_audit_conform.dict_version    5.399 
_audit_conform.dict_location   http://mmcif.pdb.org/dictionaries/ascii/mmcif_pdbx.dic 
# 
loop_
_database_2.database_id 
_database_2.database_code 
_database_2.pdbx_database_accession 
_database_2.pdbx_DOI 
PDB   8Y77         pdb_00008y77 10.2210/pdb8y77/pdb 
WWPDB D_1300045128 ?            ?                   
# 
_pdbx_audit_revision_history.ordinal             1 
_pdbx_audit_revision_history.data_content_type   'Structure model' 
_pdbx_audit_revision_history.major_revision      1 
_pdbx_audit_revision_history.minor_revision      0 
_pdbx_audit_revision_history.revision_date       2025-02-12 
# 
_pdbx_audit_revision_details.ordinal             1 
_pdbx_audit_revision_details.revision_ordinal    1 
_pdbx_audit_revision_details.data_content_type   'Structure model' 
_pdbx_audit_revision_details.provider            repository 
_pdbx_audit_revision_details.type                'Initial release' 
_pdbx_audit_revision_details.description         ? 
_pdbx_audit_revision_details.details             ? 
# 
_pdbx_database_status.status_code                     REL 
_pdbx_database_status.status_code_sf                  REL 
_pdbx_database_status.status_code_mr                  ? 
_pdbx_database_status.entry_id                        8Y77 
_pdbx_database_status.recvd_initial_deposition_date   2024-02-04 
_pdbx_database_status.SG_entry                        N 
_pdbx_database_status.deposit_site                    PDBJ 
_pdbx_database_status.process_site                    PDBC 
_pdbx_database_status.status_code_cs                  ? 
_pdbx_database_status.status_code_nmr_data            ? 
_pdbx_database_status.methods_development_category    ? 
_pdbx_database_status.pdb_format_compatible           Y 
# 
loop_
_pdbx_contact_author.id 
_pdbx_contact_author.email 
_pdbx_contact_author.name_first 
_pdbx_contact_author.name_last 
_pdbx_contact_author.name_mi 
_pdbx_contact_author.role 
_pdbx_contact_author.identifier_ORCID 
2 wangz@bnu.edu.cn    Zhanxin Wang ? 'principal investigator/group leader' 0000-0001-9956-9376 
3 sakuracaoyh@163.com Yinghua Cao  ? 'principal investigator/group leader' 0000-0001-7804-1118 
# 
loop_
_audit_author.name 
_audit_author.pdbx_ordinal 
_audit_author.identifier_ORCID 
'Cao, Y.'  1 ? 
'Wang, Z.' 2 ? 
# 
_citation.abstract                  ? 
_citation.abstract_id_CAS           ? 
_citation.book_id_ISBN              ? 
_citation.book_publisher            ? 
_citation.book_publisher_city       ? 
_citation.book_title                ? 
_citation.coordinate_linkage        ? 
_citation.country                   ? 
_citation.database_id_Medline       ? 
_citation.details                   ? 
_citation.id                        primary 
_citation.journal_abbrev            'To Be Published' 
_citation.journal_id_ASTM           ? 
_citation.journal_id_CSD            0353 
_citation.journal_id_ISSN           ? 
_citation.journal_full              ? 
_citation.journal_issue             ? 
_citation.journal_volume            ? 
_citation.language                  ? 
_citation.page_first                ? 
_citation.page_last                 ? 
_citation.title                     'Crystal structure of the complex of SAMD1-SAM and L3MBTL3-SAM domains' 
_citation.year                      ? 
_citation.database_id_CSD           ? 
_citation.pdbx_database_id_DOI      ? 
_citation.pdbx_database_id_PubMed   ? 
_citation.pdbx_database_id_patent   ? 
_citation.unpublished_flag          ? 
# 
loop_
_citation_author.citation_id 
_citation_author.name 
_citation_author.ordinal 
_citation_author.identifier_ORCID 
primary 'Cao, Y.'  1 ? 
primary 'Wang, Z.' 2 ? 
# 
loop_
_entity.id 
_entity.type 
_entity.src_method 
_entity.pdbx_description 
_entity.formula_weight 
_entity.pdbx_number_of_molecules 
_entity.pdbx_ec 
_entity.pdbx_mutation 
_entity.pdbx_fragment 
_entity.details 
1 polymer man 'Sterile alpha motif domain-containing protein 1' 7541.609 1   ? ? ? ? 
2 polymer man 'Lethal(3)malignant brain tumor-like protein 3'   8161.290 1   ? ? ? ? 
3 water   nat water                                             18.015   178 ? ? ? ? 
# 
loop_
_entity_name_com.entity_id 
_entity_name_com.name 
1 'SAM domain-containing protein 1,Atherin'                            
2 'H-l(3)mbt-like protein 3,L(3)mbt-like protein 3,L3mbt-like 3,MBT-1' 
# 
loop_
_entity_poly.entity_id 
_entity_poly.type 
_entity_poly.nstd_linkage 
_entity_poly.nstd_monomer 
_entity_poly.pdbx_seq_one_letter_code 
_entity_poly.pdbx_seq_one_letter_code_can 
_entity_poly.pdbx_strand_id 
_entity_poly.pdbx_target_identifier 
1 'polypeptide(L)' no no SPVEWTVMDVVEYFTEAGFPEQATAFQEQEIDGKSLLRMQRTDVLTGLSIRLGPALKIYEHHIKVL        
SPVEWTVMDVVEYFTEAGFPEQATAFQEQEIDGKSLLRMQRTDVLTGLSIRLGPALKIYEHHIKVL        A ? 
2 'polypeptide(L)' no no GSVSKWSTDEVSEFIQSLPGCEEHGKVFKDEQIDGEAFLLMTQTDIVKIMSIKEGPAEKIFNSILMFKAAEKN 
GSVSKWSTDEVSEFIQSLPGCEEHGKVFKDEQIDGEAFLLMTQTDIVKIMSIKEGPAEKIFNSILMFKAAEKN B ? 
# 
_pdbx_entity_nonpoly.entity_id   3 
_pdbx_entity_nonpoly.name        water 
_pdbx_entity_nonpoly.comp_id     HOH 
# 
loop_
_entity_poly_seq.entity_id 
_entity_poly_seq.num 
_entity_poly_seq.mon_id 
_entity_poly_seq.hetero 
1 1  SER n 
1 2  PRO n 
1 3  VAL n 
1 4  GLU n 
1 5  TRP n 
1 6  THR n 
1 7  VAL n 
1 8  MET n 
1 9  ASP n 
1 10 VAL n 
1 11 VAL n 
1 12 GLU n 
1 13 TYR n 
1 14 PHE n 
1 15 THR n 
1 16 GLU n 
1 17 ALA n 
1 18 GLY n 
1 19 PHE n 
1 20 PRO n 
1 21 GLU n 
1 22 GLN n 
1 23 ALA n 
1 24 THR n 
1 25 ALA n 
1 26 PHE n 
1 27 GLN n 
1 28 GLU n 
1 29 GLN n 
1 30 GLU n 
1 31 ILE n 
1 32 ASP n 
1 33 GLY n 
1 34 LYS n 
1 35 SER n 
1 36 LEU n 
1 37 LEU n 
1 38 ARG n 
1 39 MET n 
1 40 GLN n 
1 41 ARG n 
1 42 THR n 
1 43 ASP n 
1 44 VAL n 
1 45 LEU n 
1 46 THR n 
1 47 GLY n 
1 48 LEU n 
1 49 SER n 
1 50 ILE n 
1 51 ARG n 
1 52 LEU n 
1 53 GLY n 
1 54 PRO n 
1 55 ALA n 
1 56 LEU n 
1 57 LYS n 
1 58 ILE n 
1 59 TYR n 
1 60 GLU n 
1 61 HIS n 
1 62 HIS n 
1 63 ILE n 
1 64 LYS n 
1 65 VAL n 
1 66 LEU n 
2 1  GLY n 
2 2  SER n 
2 3  VAL n 
2 4  SER n 
2 5  LYS n 
2 6  TRP n 
2 7  SER n 
2 8  THR n 
2 9  ASP n 
2 10 GLU n 
2 11 VAL n 
2 12 SER n 
2 13 GLU n 
2 14 PHE n 
2 15 ILE n 
2 16 GLN n 
2 17 SER n 
2 18 LEU n 
2 19 PRO n 
2 20 GLY n 
2 21 CYS n 
2 22 GLU n 
2 23 GLU n 
2 24 HIS n 
2 25 GLY n 
2 26 LYS n 
2 27 VAL n 
2 28 PHE n 
2 29 LYS n 
2 30 ASP n 
2 31 GLU n 
2 32 GLN n 
2 33 ILE n 
2 34 ASP n 
2 35 GLY n 
2 36 GLU n 
2 37 ALA n 
2 38 PHE n 
2 39 LEU n 
2 40 LEU n 
2 41 MET n 
2 42 THR n 
2 43 GLN n 
2 44 THR n 
2 45 ASP n 
2 46 ILE n 
2 47 VAL n 
2 48 LYS n 
2 49 ILE n 
2 50 MET n 
2 51 SER n 
2 52 ILE n 
2 53 LYS n 
2 54 GLU n 
2 55 GLY n 
2 56 PRO n 
2 57 ALA n 
2 58 GLU n 
2 59 LYS n 
2 60 ILE n 
2 61 PHE n 
2 62 ASN n 
2 63 SER n 
2 64 ILE n 
2 65 LEU n 
2 66 MET n 
2 67 PHE n 
2 68 LYS n 
2 69 ALA n 
2 70 ALA n 
2 71 GLU n 
2 72 LYS n 
2 73 ASN n 
# 
loop_
_entity_src_gen.entity_id 
_entity_src_gen.pdbx_src_id 
_entity_src_gen.pdbx_alt_source_flag 
_entity_src_gen.pdbx_seq_type 
_entity_src_gen.pdbx_beg_seq_num 
_entity_src_gen.pdbx_end_seq_num 
_entity_src_gen.gene_src_common_name 
_entity_src_gen.gene_src_genus 
_entity_src_gen.pdbx_gene_src_gene 
_entity_src_gen.gene_src_species 
_entity_src_gen.gene_src_strain 
_entity_src_gen.gene_src_tissue 
_entity_src_gen.gene_src_tissue_fraction 
_entity_src_gen.gene_src_details 
_entity_src_gen.pdbx_gene_src_fragment 
_entity_src_gen.pdbx_gene_src_scientific_name 
_entity_src_gen.pdbx_gene_src_ncbi_taxonomy_id 
_entity_src_gen.pdbx_gene_src_variant 
_entity_src_gen.pdbx_gene_src_cell_line 
_entity_src_gen.pdbx_gene_src_atcc 
_entity_src_gen.pdbx_gene_src_organ 
_entity_src_gen.pdbx_gene_src_organelle 
_entity_src_gen.pdbx_gene_src_cell 
_entity_src_gen.pdbx_gene_src_cellular_location 
_entity_src_gen.host_org_common_name 
_entity_src_gen.pdbx_host_org_scientific_name 
_entity_src_gen.pdbx_host_org_ncbi_taxonomy_id 
_entity_src_gen.host_org_genus 
_entity_src_gen.pdbx_host_org_gene 
_entity_src_gen.pdbx_host_org_organ 
_entity_src_gen.host_org_species 
_entity_src_gen.pdbx_host_org_tissue 
_entity_src_gen.pdbx_host_org_tissue_fraction 
_entity_src_gen.pdbx_host_org_strain 
_entity_src_gen.pdbx_host_org_variant 
_entity_src_gen.pdbx_host_org_cell_line 
_entity_src_gen.pdbx_host_org_atcc 
_entity_src_gen.pdbx_host_org_culture_collection 
_entity_src_gen.pdbx_host_org_cell 
_entity_src_gen.pdbx_host_org_organelle 
_entity_src_gen.pdbx_host_org_cellular_location 
_entity_src_gen.pdbx_host_org_vector_type 
_entity_src_gen.pdbx_host_org_vector 
_entity_src_gen.host_org_details 
_entity_src_gen.expression_system_id 
_entity_src_gen.plasmid_name 
_entity_src_gen.plasmid_details 
_entity_src_gen.pdbx_description 
1 1 sample 'Biological sequence' 1 66 human ? SAMD1                     ? ? ? ? ? ? 'Homo sapiens' 9606 ? ? ? ? ? ? ? ? 
'Escherichia coli' 562 ? ? ? ? ? ? ? ? ? ? ? ? ? ? ? ? ? ? ? ? ? 
2 1 sample 'Biological sequence' 1 73 human ? 'L3MBTL3, KIAA1798, MBT1' ? ? ? ? ? ? 'Homo sapiens' 9606 ? ? ? ? ? ? ? ? 
'Escherichia coli' 562 ? ? ? ? ? ? ? ? ? ? ? ? ? ? ? ? ? ? ? ? ? 
# 
loop_
_chem_comp.id 
_chem_comp.type 
_chem_comp.mon_nstd_flag 
_chem_comp.name 
_chem_comp.pdbx_synonyms 
_chem_comp.formula 
_chem_comp.formula_weight 
ALA 'L-peptide linking' y ALANINE         ? 'C3 H7 N O2'     89.093  
ARG 'L-peptide linking' y ARGININE        ? 'C6 H15 N4 O2 1' 175.209 
ASN 'L-peptide linking' y ASPARAGINE      ? 'C4 H8 N2 O3'    132.118 
ASP 'L-peptide linking' y 'ASPARTIC ACID' ? 'C4 H7 N O4'     133.103 
CYS 'L-peptide linking' y CYSTEINE        ? 'C3 H7 N O2 S'   121.158 
GLN 'L-peptide linking' y GLUTAMINE       ? 'C5 H10 N2 O3'   146.144 
GLU 'L-peptide linking' y 'GLUTAMIC ACID' ? 'C5 H9 N O4'     147.129 
GLY 'peptide linking'   y GLYCINE         ? 'C2 H5 N O2'     75.067  
HIS 'L-peptide linking' y HISTIDINE       ? 'C6 H10 N3 O2 1' 156.162 
HOH non-polymer         . WATER           ? 'H2 O'           18.015  
ILE 'L-peptide linking' y ISOLEUCINE      ? 'C6 H13 N O2'    131.173 
LEU 'L-peptide linking' y LEUCINE         ? 'C6 H13 N O2'    131.173 
LYS 'L-peptide linking' y LYSINE          ? 'C6 H15 N2 O2 1' 147.195 
MET 'L-peptide linking' y METHIONINE      ? 'C5 H11 N O2 S'  149.211 
PHE 'L-peptide linking' y PHENYLALANINE   ? 'C9 H11 N O2'    165.189 
PRO 'L-peptide linking' y PROLINE         ? 'C5 H9 N O2'     115.130 
SER 'L-peptide linking' y SERINE          ? 'C3 H7 N O3'     105.093 
THR 'L-peptide linking' y THREONINE       ? 'C4 H9 N O3'     119.119 
TRP 'L-peptide linking' y TRYPTOPHAN      ? 'C11 H12 N2 O2'  204.225 
TYR 'L-peptide linking' y TYROSINE        ? 'C9 H11 N O3'    181.189 
VAL 'L-peptide linking' y VALINE          ? 'C5 H11 N O2'    117.146 
# 
loop_
_pdbx_poly_seq_scheme.asym_id 
_pdbx_poly_seq_scheme.entity_id 
_pdbx_poly_seq_scheme.seq_id 
_pdbx_poly_seq_scheme.mon_id 
_pdbx_poly_seq_scheme.ndb_seq_num 
_pdbx_poly_seq_scheme.pdb_seq_num 
_pdbx_poly_seq_scheme.auth_seq_num 
_pdbx_poly_seq_scheme.pdb_mon_id 
_pdbx_poly_seq_scheme.auth_mon_id 
_pdbx_poly_seq_scheme.pdb_strand_id 
_pdbx_poly_seq_scheme.pdb_ins_code 
_pdbx_poly_seq_scheme.hetero 
A 1 1  SER 1  458 458 SER SER A . n 
A 1 2  PRO 2  459 459 PRO PRO A . n 
A 1 3  VAL 3  460 460 VAL VAL A . n 
A 1 4  GLU 4  461 461 GLU GLU A . n 
A 1 5  TRP 5  462 462 TRP TRP A . n 
A 1 6  THR 6  463 463 THR THR A . n 
A 1 7  VAL 7  464 464 VAL VAL A . n 
A 1 8  MET 8  465 465 MET MET A . n 
A 1 9  ASP 9  466 466 ASP ASP A . n 
A 1 10 VAL 10 467 467 VAL VAL A . n 
A 1 11 VAL 11 468 468 VAL VAL A . n 
A 1 12 GLU 12 469 469 GLU GLU A . n 
A 1 13 TYR 13 470 470 TYR TYR A . n 
A 1 14 PHE 14 471 471 PHE PHE A . n 
A 1 15 THR 15 472 472 THR THR A . n 
A 1 16 GLU 16 473 473 GLU GLU A . n 
A 1 17 ALA 17 474 474 ALA ALA A . n 
A 1 18 GLY 18 475 475 GLY GLY A . n 
A 1 19 PHE 19 476 476 PHE PHE A . n 
A 1 20 PRO 20 477 477 PRO PRO A . n 
A 1 21 GLU 21 478 478 GLU GLU A . n 
A 1 22 GLN 22 479 479 GLN GLN A . n 
A 1 23 ALA 23 480 480 ALA ALA A . n 
A 1 24 THR 24 481 481 THR THR A . n 
A 1 25 ALA 25 482 482 ALA ALA A . n 
A 1 26 PHE 26 483 483 PHE PHE A . n 
A 1 27 GLN 27 484 484 GLN GLN A . n 
A 1 28 GLU 28 485 485 GLU GLU A . n 
A 1 29 GLN 29 486 486 GLN GLN A . n 
A 1 30 GLU 30 487 487 GLU GLU A . n 
A 1 31 ILE 31 488 488 ILE ILE A . n 
A 1 32 ASP 32 489 489 ASP ASP A . n 
A 1 33 GLY 33 490 490 GLY GLY A . n 
A 1 34 LYS 34 491 491 LYS LYS A . n 
A 1 35 SER 35 492 492 SER SER A . n 
A 1 36 LEU 36 493 493 LEU LEU A . n 
A 1 37 LEU 37 494 494 LEU LEU A . n 
A 1 38 ARG 38 495 495 ARG ARG A . n 
A 1 39 MET 39 496 496 MET MET A . n 
A 1 40 GLN 40 497 497 GLN GLN A . n 
A 1 41 ARG 41 498 498 ARG ARG A . n 
A 1 42 THR 42 499 499 THR THR A . n 
A 1 43 ASP 43 500 500 ASP ASP A . n 
A 1 44 VAL 44 501 501 VAL VAL A . n 
A 1 45 LEU 45 502 502 LEU LEU A . n 
A 1 46 THR 46 503 503 THR THR A . n 
A 1 47 GLY 47 504 504 GLY GLY A . n 
A 1 48 LEU 48 505 505 LEU LEU A . n 
A 1 49 SER 49 506 506 SER SER A . n 
A 1 50 ILE 50 507 507 ILE ILE A . n 
A 1 51 ARG 51 508 508 ARG ARG A . n 
A 1 52 LEU 52 509 509 LEU LEU A . n 
A 1 53 GLY 53 510 510 GLY GLY A . n 
A 1 54 PRO 54 511 511 PRO PRO A . n 
A 1 55 ALA 55 512 512 ALA ALA A . n 
A 1 56 LEU 56 513 513 LEU LEU A . n 
A 1 57 LYS 57 514 514 LYS LYS A . n 
A 1 58 ILE 58 515 515 ILE ILE A . n 
A 1 59 TYR 59 516 516 TYR TYR A . n 
A 1 60 GLU 60 517 517 GLU GLU A . n 
A 1 61 HIS 61 518 518 HIS HIS A . n 
A 1 62 HIS 62 519 519 HIS HIS A . n 
A 1 63 ILE 63 520 520 ILE ILE A . n 
A 1 64 LYS 64 521 521 LYS LYS A . n 
A 1 65 VAL 65 522 522 VAL VAL A . n 
A 1 66 LEU 66 523 523 LEU LEU A . n 
B 2 1  GLY 1  703 703 GLY GLY B . n 
B 2 2  SER 2  704 704 SER SER B . n 
B 2 3  VAL 3  705 705 VAL VAL B . n 
B 2 4  SER 4  706 706 SER SER B . n 
B 2 5  LYS 5  707 707 LYS LYS B . n 
B 2 6  TRP 6  708 708 TRP TRP B . n 
B 2 7  SER 7  709 709 SER SER B . n 
B 2 8  THR 8  710 710 THR THR B . n 
B 2 9  ASP 9  711 711 ASP ASP B . n 
B 2 10 GLU 10 712 712 GLU GLU B . n 
B 2 11 VAL 11 713 713 VAL VAL B . n 
B 2 12 SER 12 714 714 SER SER B . n 
B 2 13 GLU 13 715 715 GLU GLU B . n 
B 2 14 PHE 14 716 716 PHE PHE B . n 
B 2 15 ILE 15 717 717 ILE ILE B . n 
B 2 16 GLN 16 718 718 GLN GLN B . n 
B 2 17 SER 17 719 719 SER SER B . n 
B 2 18 LEU 18 720 720 LEU LEU B . n 
B 2 19 PRO 19 721 721 PRO PRO B . n 
B 2 20 GLY 20 722 722 GLY GLY B . n 
B 2 21 CYS 21 723 723 CYS CYS B . n 
B 2 22 GLU 22 724 724 GLU GLU B . n 
B 2 23 GLU 23 725 725 GLU GLU B . n 
B 2 24 HIS 24 726 726 HIS HIS B . n 
B 2 25 GLY 25 727 727 GLY GLY B . n 
B 2 26 LYS 26 728 728 LYS LYS B . n 
B 2 27 VAL 27 729 729 VAL VAL B . n 
B 2 28 PHE 28 730 730 PHE PHE B . n 
B 2 29 LYS 29 731 731 LYS LYS B . n 
B 2 30 ASP 30 732 732 ASP ASP B . n 
B 2 31 GLU 31 733 733 GLU GLU B . n 
B 2 32 GLN 32 734 734 GLN GLN B . n 
B 2 33 ILE 33 735 735 ILE ILE B . n 
B 2 34 ASP 34 736 736 ASP ASP B . n 
B 2 35 GLY 35 737 737 GLY GLY B . n 
B 2 36 GLU 36 738 738 GLU GLU B . n 
B 2 37 ALA 37 739 739 ALA ALA B . n 
B 2 38 PHE 38 740 740 PHE PHE B . n 
B 2 39 LEU 39 741 741 LEU LEU B . n 
B 2 40 LEU 40 742 742 LEU LEU B . n 
B 2 41 MET 41 743 743 MET MET B . n 
B 2 42 THR 42 744 744 THR THR B . n 
B 2 43 GLN 43 745 745 GLN GLN B . n 
B 2 44 THR 44 746 746 THR THR B . n 
B 2 45 ASP 45 747 747 ASP ASP B . n 
B 2 46 ILE 46 748 748 ILE ILE B . n 
B 2 47 VAL 47 749 749 VAL VAL B . n 
B 2 48 LYS 48 750 750 LYS LYS B . n 
B 2 49 ILE 49 751 751 ILE ILE B . n 
B 2 50 MET 50 752 752 MET MET B . n 
B 2 51 SER 51 753 753 SER SER B . n 
B 2 52 ILE 52 754 754 ILE ILE B . n 
B 2 53 LYS 53 755 755 LYS LYS B . n 
B 2 54 GLU 54 756 756 GLU GLU B . n 
B 2 55 GLY 55 757 757 GLY GLY B . n 
B 2 56 PRO 56 758 758 PRO PRO B . n 
B 2 57 ALA 57 759 759 ALA ALA B . n 
B 2 58 GLU 58 760 760 GLU GLU B . n 
B 2 59 LYS 59 761 761 LYS LYS B . n 
B 2 60 ILE 60 762 762 ILE ILE B . n 
B 2 61 PHE 61 763 763 PHE PHE B . n 
B 2 62 ASN 62 764 764 ASN ASN B . n 
B 2 63 SER 63 765 765 SER SER B . n 
B 2 64 ILE 64 766 766 ILE ILE B . n 
B 2 65 LEU 65 767 767 LEU LEU B . n 
B 2 66 MET 66 768 768 MET MET B . n 
B 2 67 PHE 67 769 769 PHE PHE B . n 
B 2 68 LYS 68 770 770 LYS LYS B . n 
B 2 69 ALA 69 771 771 ALA ALA B . n 
B 2 70 ALA 70 772 772 ALA ALA B . n 
B 2 71 GLU 71 773 773 GLU GLU B . n 
B 2 72 LYS 72 774 ?   ?   ?   B . n 
B 2 73 ASN 73 775 ?   ?   ?   B . n 
# 
loop_
_pdbx_nonpoly_scheme.asym_id 
_pdbx_nonpoly_scheme.entity_id 
_pdbx_nonpoly_scheme.mon_id 
_pdbx_nonpoly_scheme.ndb_seq_num 
_pdbx_nonpoly_scheme.pdb_seq_num 
_pdbx_nonpoly_scheme.auth_seq_num 
_pdbx_nonpoly_scheme.pdb_mon_id 
_pdbx_nonpoly_scheme.auth_mon_id 
_pdbx_nonpoly_scheme.pdb_strand_id 
_pdbx_nonpoly_scheme.pdb_ins_code 
C 3 HOH 1  601 73  HOH HOH A . 
C 3 HOH 2  602 139 HOH HOH A . 
C 3 HOH 3  603 154 HOH HOH A . 
C 3 HOH 4  604 61  HOH HOH A . 
C 3 HOH 5  605 160 HOH HOH A . 
C 3 HOH 6  606 57  HOH HOH A . 
C 3 HOH 7  607 86  HOH HOH A . 
C 3 HOH 8  608 25  HOH HOH A . 
C 3 HOH 9  609 162 HOH HOH A . 
C 3 HOH 10 610 126 HOH HOH A . 
C 3 HOH 11 611 167 HOH HOH A . 
C 3 HOH 12 612 64  HOH HOH A . 
C 3 HOH 13 613 114 HOH HOH A . 
C 3 HOH 14 614 42  HOH HOH A . 
C 3 HOH 15 615 134 HOH HOH A . 
C 3 HOH 16 616 84  HOH HOH A . 
C 3 HOH 17 617 128 HOH HOH A . 
C 3 HOH 18 618 165 HOH HOH A . 
C 3 HOH 19 619 122 HOH HOH A . 
C 3 HOH 20 620 99  HOH HOH A . 
C 3 HOH 21 621 1   HOH HOH A . 
C 3 HOH 22 622 137 HOH HOH A . 
C 3 HOH 23 623 62  HOH HOH A . 
C 3 HOH 24 624 9   HOH HOH A . 
C 3 HOH 25 625 175 HOH HOH A . 
C 3 HOH 26 626 13  HOH HOH A . 
C 3 HOH 27 627 46  HOH HOH A . 
C 3 HOH 28 628 159 HOH HOH A . 
C 3 HOH 29 629 45  HOH HOH A . 
C 3 HOH 30 630 63  HOH HOH A . 
C 3 HOH 31 631 27  HOH HOH A . 
C 3 HOH 32 632 6   HOH HOH A . 
C 3 HOH 33 633 174 HOH HOH A . 
C 3 HOH 34 634 14  HOH HOH A . 
C 3 HOH 35 635 18  HOH HOH A . 
C 3 HOH 36 636 88  HOH HOH A . 
C 3 HOH 37 637 41  HOH HOH A . 
C 3 HOH 38 638 65  HOH HOH A . 
C 3 HOH 39 639 112 HOH HOH A . 
C 3 HOH 40 640 21  HOH HOH A . 
C 3 HOH 41 641 59  HOH HOH A . 
C 3 HOH 42 642 32  HOH HOH A . 
C 3 HOH 43 643 102 HOH HOH A . 
C 3 HOH 44 644 101 HOH HOH A . 
C 3 HOH 45 645 66  HOH HOH A . 
C 3 HOH 46 646 38  HOH HOH A . 
C 3 HOH 47 647 127 HOH HOH A . 
C 3 HOH 48 648 56  HOH HOH A . 
C 3 HOH 49 649 48  HOH HOH A . 
C 3 HOH 50 650 5   HOH HOH A . 
C 3 HOH 51 651 53  HOH HOH A . 
C 3 HOH 52 652 95  HOH HOH A . 
C 3 HOH 53 653 157 HOH HOH A . 
C 3 HOH 54 654 54  HOH HOH A . 
C 3 HOH 55 655 142 HOH HOH A . 
C 3 HOH 56 656 90  HOH HOH A . 
C 3 HOH 57 657 170 HOH HOH A . 
C 3 HOH 58 658 93  HOH HOH A . 
C 3 HOH 59 659 103 HOH HOH A . 
C 3 HOH 60 660 166 HOH HOH A . 
C 3 HOH 61 661 176 HOH HOH A . 
C 3 HOH 62 662 28  HOH HOH A . 
C 3 HOH 63 663 172 HOH HOH A . 
C 3 HOH 64 664 81  HOH HOH A . 
C 3 HOH 65 665 22  HOH HOH A . 
C 3 HOH 66 666 97  HOH HOH A . 
C 3 HOH 67 667 138 HOH HOH A . 
C 3 HOH 68 668 155 HOH HOH A . 
C 3 HOH 69 669 136 HOH HOH A . 
C 3 HOH 70 670 109 HOH HOH A . 
C 3 HOH 71 671 149 HOH HOH A . 
C 3 HOH 72 672 131 HOH HOH A . 
C 3 HOH 73 673 98  HOH HOH A . 
C 3 HOH 74 674 124 HOH HOH A . 
C 3 HOH 75 675 52  HOH HOH A . 
C 3 HOH 76 676 132 HOH HOH A . 
C 3 HOH 77 677 153 HOH HOH A . 
C 3 HOH 78 678 92  HOH HOH A . 
C 3 HOH 79 679 33  HOH HOH A . 
C 3 HOH 80 680 150 HOH HOH A . 
C 3 HOH 81 681 156 HOH HOH A . 
C 3 HOH 82 682 121 HOH HOH A . 
C 3 HOH 83 683 110 HOH HOH A . 
C 3 HOH 84 684 130 HOH HOH A . 
C 3 HOH 85 685 67  HOH HOH A . 
C 3 HOH 86 686 178 HOH HOH A . 
C 3 HOH 87 687 161 HOH HOH A . 
C 3 HOH 88 688 147 HOH HOH A . 
C 3 HOH 89 689 140 HOH HOH A . 
C 3 HOH 90 690 116 HOH HOH A . 
C 3 HOH 91 691 120 HOH HOH A . 
C 3 HOH 92 692 60  HOH HOH A . 
C 3 HOH 93 693 106 HOH HOH A . 
C 3 HOH 94 694 152 HOH HOH A . 
C 3 HOH 95 695 169 HOH HOH A . 
C 3 HOH 96 696 145 HOH HOH A . 
D 3 HOH 1  801 104 HOH HOH B . 
D 3 HOH 2  802 115 HOH HOH B . 
D 3 HOH 3  803 71  HOH HOH B . 
D 3 HOH 4  804 82  HOH HOH B . 
D 3 HOH 5  805 177 HOH HOH B . 
D 3 HOH 6  806 141 HOH HOH B . 
D 3 HOH 7  807 143 HOH HOH B . 
D 3 HOH 8  808 70  HOH HOH B . 
D 3 HOH 9  809 29  HOH HOH B . 
D 3 HOH 10 810 19  HOH HOH B . 
D 3 HOH 11 811 111 HOH HOH B . 
D 3 HOH 12 812 148 HOH HOH B . 
D 3 HOH 13 813 113 HOH HOH B . 
D 3 HOH 14 814 24  HOH HOH B . 
D 3 HOH 15 815 4   HOH HOH B . 
D 3 HOH 16 816 87  HOH HOH B . 
D 3 HOH 17 817 76  HOH HOH B . 
D 3 HOH 18 818 15  HOH HOH B . 
D 3 HOH 19 819 118 HOH HOH B . 
D 3 HOH 20 820 40  HOH HOH B . 
D 3 HOH 21 821 39  HOH HOH B . 
D 3 HOH 22 822 31  HOH HOH B . 
D 3 HOH 23 823 20  HOH HOH B . 
D 3 HOH 24 824 55  HOH HOH B . 
D 3 HOH 25 825 7   HOH HOH B . 
D 3 HOH 26 826 125 HOH HOH B . 
D 3 HOH 27 827 79  HOH HOH B . 
D 3 HOH 28 828 173 HOH HOH B . 
D 3 HOH 29 829 35  HOH HOH B . 
D 3 HOH 30 830 11  HOH HOH B . 
D 3 HOH 31 831 44  HOH HOH B . 
D 3 HOH 32 832 23  HOH HOH B . 
D 3 HOH 33 833 2   HOH HOH B . 
D 3 HOH 34 834 146 HOH HOH B . 
D 3 HOH 35 835 105 HOH HOH B . 
D 3 HOH 36 836 8   HOH HOH B . 
D 3 HOH 37 837 37  HOH HOH B . 
D 3 HOH 38 838 78  HOH HOH B . 
D 3 HOH 39 839 10  HOH HOH B . 
D 3 HOH 40 840 91  HOH HOH B . 
D 3 HOH 41 841 43  HOH HOH B . 
D 3 HOH 42 842 26  HOH HOH B . 
D 3 HOH 43 843 96  HOH HOH B . 
D 3 HOH 44 844 47  HOH HOH B . 
D 3 HOH 45 845 129 HOH HOH B . 
D 3 HOH 46 846 49  HOH HOH B . 
D 3 HOH 47 847 51  HOH HOH B . 
D 3 HOH 48 848 3   HOH HOH B . 
D 3 HOH 49 849 151 HOH HOH B . 
D 3 HOH 50 850 17  HOH HOH B . 
D 3 HOH 51 851 16  HOH HOH B . 
D 3 HOH 52 852 100 HOH HOH B . 
D 3 HOH 53 853 50  HOH HOH B . 
D 3 HOH 54 854 89  HOH HOH B . 
D 3 HOH 55 855 72  HOH HOH B . 
D 3 HOH 56 856 94  HOH HOH B . 
D 3 HOH 57 857 144 HOH HOH B . 
D 3 HOH 58 858 69  HOH HOH B . 
D 3 HOH 59 859 179 HOH HOH B . 
D 3 HOH 60 860 119 HOH HOH B . 
D 3 HOH 61 861 74  HOH HOH B . 
D 3 HOH 62 862 171 HOH HOH B . 
D 3 HOH 63 863 75  HOH HOH B . 
D 3 HOH 64 864 108 HOH HOH B . 
D 3 HOH 65 865 34  HOH HOH B . 
D 3 HOH 66 866 158 HOH HOH B . 
D 3 HOH 67 867 68  HOH HOH B . 
D 3 HOH 68 868 80  HOH HOH B . 
D 3 HOH 69 869 123 HOH HOH B . 
D 3 HOH 70 870 30  HOH HOH B . 
D 3 HOH 71 871 12  HOH HOH B . 
D 3 HOH 72 872 77  HOH HOH B . 
D 3 HOH 73 873 117 HOH HOH B . 
D 3 HOH 74 874 133 HOH HOH B . 
D 3 HOH 75 875 85  HOH HOH B . 
D 3 HOH 76 876 168 HOH HOH B . 
D 3 HOH 77 877 83  HOH HOH B . 
D 3 HOH 78 878 36  HOH HOH B . 
D 3 HOH 79 879 163 HOH HOH B . 
D 3 HOH 80 880 135 HOH HOH B . 
D 3 HOH 81 881 58  HOH HOH B . 
D 3 HOH 82 882 164 HOH HOH B . 
# 
loop_
_software.citation_id 
_software.classification 
_software.compiler_name 
_software.compiler_version 
_software.contact_author 
_software.contact_author_email 
_software.date 
_software.description 
_software.dependencies 
_software.hardware 
_software.language 
_software.location 
_software.mods 
_software.name 
_software.os 
_software.os_version 
_software.type 
_software.version 
_software.pdbx_ordinal 
? refinement       ? ? ? ? ? ? ? ? ? ? ? PHENIX   ? ? ? 1.13_2998 1 
? refinement       ? ? ? ? ? ? ? ? ? ? ? PHENIX   ? ? ? 1.13_2998 2 
? 'data reduction' ? ? ? ? ? ? ? ? ? ? ? HKL-2000 ? ? ? .         3 
? 'data scaling'   ? ? ? ? ? ? ? ? ? ? ? HKL-2000 ? ? ? .         4 
? phasing          ? ? ? ? ? ? ? ? ? ? ? PHENIX   ? ? ? .         5 
# 
_cell.angle_alpha                  90.000 
_cell.angle_alpha_esd              ? 
_cell.angle_beta                   90.000 
_cell.angle_beta_esd               ? 
_cell.angle_gamma                  90.000 
_cell.angle_gamma_esd              ? 
_cell.entry_id                     8Y77 
_cell.details                      ? 
_cell.formula_units_Z              ? 
_cell.length_a                     43.981 
_cell.length_a_esd                 ? 
_cell.length_b                     95.515 
_cell.length_b_esd                 ? 
_cell.length_c                     65.926 
_cell.length_c_esd                 ? 
_cell.volume                       276944.922 
_cell.volume_esd                   ? 
_cell.Z_PDB                        8 
_cell.reciprocal_angle_alpha       ? 
_cell.reciprocal_angle_beta        ? 
_cell.reciprocal_angle_gamma       ? 
_cell.reciprocal_angle_alpha_esd   ? 
_cell.reciprocal_angle_beta_esd    ? 
_cell.reciprocal_angle_gamma_esd   ? 
_cell.reciprocal_length_a          ? 
_cell.reciprocal_length_b          ? 
_cell.reciprocal_length_c          ? 
_cell.reciprocal_length_a_esd      ? 
_cell.reciprocal_length_b_esd      ? 
_cell.reciprocal_length_c_esd      ? 
_cell.pdbx_unique_axis             ? 
_cell.pdbx_esd_method              ? 
# 
_symmetry.entry_id                         8Y77 
_symmetry.cell_setting                     ? 
_symmetry.Int_Tables_number                20 
_symmetry.space_group_name_Hall            'C 2c 2' 
_symmetry.space_group_name_H-M             'C 2 2 21' 
_symmetry.pdbx_full_space_group_name_H-M   ? 
# 
_exptl.absorpt_coefficient_mu     ? 
_exptl.absorpt_correction_T_max   ? 
_exptl.absorpt_correction_T_min   ? 
_exptl.absorpt_correction_type    ? 
_exptl.absorpt_process_details    ? 
_exptl.entry_id                   8Y77 
_exptl.crystals_number            1 
_exptl.details                    ? 
_exptl.method                     'X-RAY DIFFRACTION' 
_exptl.method_details             ? 
# 
_exptl_crystal.colour                       ? 
_exptl_crystal.density_diffrn               ? 
_exptl_crystal.density_Matthews             2.20 
_exptl_crystal.density_method               ? 
_exptl_crystal.density_percent_sol          44.21 
_exptl_crystal.description                  ? 
_exptl_crystal.F_000                        ? 
_exptl_crystal.id                           1 
_exptl_crystal.preparation                  ? 
_exptl_crystal.size_max                     ? 
_exptl_crystal.size_mid                     ? 
_exptl_crystal.size_min                     ? 
_exptl_crystal.size_rad                     ? 
_exptl_crystal.colour_lustre                ? 
_exptl_crystal.colour_modifier              ? 
_exptl_crystal.colour_primary               ? 
_exptl_crystal.density_meas                 ? 
_exptl_crystal.density_meas_esd             ? 
_exptl_crystal.density_meas_gt              ? 
_exptl_crystal.density_meas_lt              ? 
_exptl_crystal.density_meas_temp            ? 
_exptl_crystal.density_meas_temp_esd        ? 
_exptl_crystal.density_meas_temp_gt         ? 
_exptl_crystal.density_meas_temp_lt         ? 
_exptl_crystal.pdbx_crystal_image_url       ? 
_exptl_crystal.pdbx_crystal_image_format    ? 
_exptl_crystal.pdbx_mosaicity               ? 
_exptl_crystal.pdbx_mosaicity_esd           ? 
_exptl_crystal.pdbx_mosaic_method           ? 
_exptl_crystal.pdbx_mosaic_block_size       ? 
_exptl_crystal.pdbx_mosaic_block_size_esd   ? 
# 
_exptl_crystal_grow.apparatus       ? 
_exptl_crystal_grow.atmosphere      ? 
_exptl_crystal_grow.crystal_id      1 
_exptl_crystal_grow.details         ? 
_exptl_crystal_grow.method          'VAPOR DIFFUSION, HANGING DROP' 
_exptl_crystal_grow.method_ref      ? 
_exptl_crystal_grow.pH              ? 
_exptl_crystal_grow.pressure        ? 
_exptl_crystal_grow.pressure_esd    ? 
_exptl_crystal_grow.seeding         ? 
_exptl_crystal_grow.seeding_ref     ? 
_exptl_crystal_grow.temp_details    ? 
_exptl_crystal_grow.temp_esd        ? 
_exptl_crystal_grow.time            ? 
_exptl_crystal_grow.pdbx_details    
'0.01 M Magnesium acetate tetrahydrate, 0.05 M MES monohydrate pH 5.6 and 2.63 M Ammonium sulfate' 
_exptl_crystal_grow.pdbx_pH_range   ? 
_exptl_crystal_grow.temp            293 
# 
_diffrn.ambient_environment              ? 
_diffrn.ambient_temp                     80 
_diffrn.ambient_temp_details             ? 
_diffrn.ambient_temp_esd                 ? 
_diffrn.crystal_id                       1 
_diffrn.crystal_support                  ? 
_diffrn.crystal_treatment                ? 
_diffrn.details                          ? 
_diffrn.id                               1 
_diffrn.ambient_pressure                 ? 
_diffrn.ambient_pressure_esd             ? 
_diffrn.ambient_pressure_gt              ? 
_diffrn.ambient_pressure_lt              ? 
_diffrn.ambient_temp_gt                  ? 
_diffrn.ambient_temp_lt                  ? 
_diffrn.pdbx_serial_crystal_experiment   N 
# 
_diffrn_detector.details                      ? 
_diffrn_detector.detector                     PIXEL 
_diffrn_detector.diffrn_id                    1 
_diffrn_detector.type                         'DECTRIS PILATUS3 6M' 
_diffrn_detector.area_resol_mean              ? 
_diffrn_detector.dtime                        ? 
_diffrn_detector.pdbx_frames_total            ? 
_diffrn_detector.pdbx_collection_time_total   ? 
_diffrn_detector.pdbx_collection_date         2020-10-23 
_diffrn_detector.pdbx_frequency               ? 
_diffrn_detector.id                           ? 
_diffrn_detector.number_of_axes               ? 
# 
_diffrn_radiation.collimation                      ? 
_diffrn_radiation.diffrn_id                        1 
_diffrn_radiation.filter_edge                      ? 
_diffrn_radiation.inhomogeneity                    ? 
_diffrn_radiation.monochromator                    ? 
_diffrn_radiation.polarisn_norm                    ? 
_diffrn_radiation.polarisn_ratio                   ? 
_diffrn_radiation.probe                            ? 
_diffrn_radiation.type                             ? 
_diffrn_radiation.xray_symbol                      ? 
_diffrn_radiation.wavelength_id                    1 
_diffrn_radiation.pdbx_monochromatic_or_laue_m_l   M 
_diffrn_radiation.pdbx_wavelength_list             ? 
_diffrn_radiation.pdbx_wavelength                  ? 
_diffrn_radiation.pdbx_diffrn_protocol             'SINGLE WAVELENGTH' 
_diffrn_radiation.pdbx_analyzer                    ? 
_diffrn_radiation.pdbx_scattering_type             x-ray 
# 
_diffrn_radiation_wavelength.id           1 
_diffrn_radiation_wavelength.wavelength   0.97915 
_diffrn_radiation_wavelength.wt           1.0 
# 
_diffrn_source.current                     ? 
_diffrn_source.details                     ? 
_diffrn_source.diffrn_id                   1 
_diffrn_source.power                       ? 
_diffrn_source.size                        ? 
_diffrn_source.source                      SYNCHROTRON 
_diffrn_source.target                      ? 
_diffrn_source.type                        'SSRF BEAMLINE BL18U1' 
_diffrn_source.voltage                     ? 
_diffrn_source.take-off_angle              ? 
_diffrn_source.pdbx_wavelength_list        0.97915 
_diffrn_source.pdbx_wavelength             ? 
_diffrn_source.pdbx_synchrotron_beamline   BL18U1 
_diffrn_source.pdbx_synchrotron_site       SSRF 
# 
_reflns.B_iso_Wilson_estimate                          15.21 
_reflns.entry_id                                       8Y77 
_reflns.data_reduction_details                         ? 
_reflns.data_reduction_method                          ? 
_reflns.d_resolution_high                              1.50 
_reflns.d_resolution_low                               50 
_reflns.details                                        ? 
_reflns.limit_h_max                                    ? 
_reflns.limit_h_min                                    ? 
_reflns.limit_k_max                                    ? 
_reflns.limit_k_min                                    ? 
_reflns.limit_l_max                                    ? 
_reflns.limit_l_min                                    ? 
_reflns.number_all                                     ? 
_reflns.number_obs                                     22635 
_reflns.observed_criterion                             ? 
_reflns.observed_criterion_F_max                       ? 
_reflns.observed_criterion_F_min                       ? 
_reflns.observed_criterion_I_max                       ? 
_reflns.observed_criterion_I_min                       ? 
_reflns.observed_criterion_sigma_F                     ? 
_reflns.observed_criterion_sigma_I                     ? 
_reflns.percent_possible_obs                           99.8 
_reflns.R_free_details                                 ? 
_reflns.Rmerge_F_all                                   ? 
_reflns.Rmerge_F_obs                                   ? 
_reflns.Friedel_coverage                               ? 
_reflns.number_gt                                      ? 
_reflns.threshold_expression                           ? 
_reflns.pdbx_redundancy                                12.6 
_reflns.pdbx_netI_over_av_sigmaI                       ? 
_reflns.pdbx_netI_over_sigmaI                          23.2 
_reflns.pdbx_res_netI_over_av_sigmaI_2                 ? 
_reflns.pdbx_res_netI_over_sigmaI_2                    ? 
_reflns.pdbx_chi_squared                               ? 
_reflns.pdbx_scaling_rejects                           ? 
_reflns.pdbx_d_res_high_opt                            ? 
_reflns.pdbx_d_res_low_opt                             ? 
_reflns.pdbx_d_res_opt_method                          ? 
_reflns.phase_calculation_details                      ? 
_reflns.pdbx_Rrim_I_all                                ? 
_reflns.pdbx_Rpim_I_all                                ? 
_reflns.pdbx_d_opt                                     ? 
_reflns.pdbx_number_measured_all                       ? 
_reflns.pdbx_diffrn_id                                 1 
_reflns.pdbx_ordinal                                   1 
_reflns.pdbx_CC_half                                   ? 
_reflns.pdbx_CC_star                                   ? 
_reflns.pdbx_R_split                                   ? 
_reflns.pdbx_Rmerge_I_obs                              0.106 
_reflns.pdbx_Rmerge_I_all                              ? 
_reflns.pdbx_Rsym_value                                ? 
_reflns.pdbx_CC_split_method                           ? 
_reflns.pdbx_aniso_diffraction_limit_axis_1_ortho[1]   ? 
_reflns.pdbx_aniso_diffraction_limit_axis_1_ortho[2]   ? 
_reflns.pdbx_aniso_diffraction_limit_axis_1_ortho[3]   ? 
_reflns.pdbx_aniso_diffraction_limit_axis_2_ortho[1]   ? 
_reflns.pdbx_aniso_diffraction_limit_axis_2_ortho[2]   ? 
_reflns.pdbx_aniso_diffraction_limit_axis_2_ortho[3]   ? 
_reflns.pdbx_aniso_diffraction_limit_axis_3_ortho[1]   ? 
_reflns.pdbx_aniso_diffraction_limit_axis_3_ortho[2]   ? 
_reflns.pdbx_aniso_diffraction_limit_axis_3_ortho[3]   ? 
_reflns.pdbx_aniso_diffraction_limit_1                 ? 
_reflns.pdbx_aniso_diffraction_limit_2                 ? 
_reflns.pdbx_aniso_diffraction_limit_3                 ? 
_reflns.pdbx_aniso_B_tensor_eigenvector_1_ortho[1]     ? 
_reflns.pdbx_aniso_B_tensor_eigenvector_1_ortho[2]     ? 
_reflns.pdbx_aniso_B_tensor_eigenvector_1_ortho[3]     ? 
_reflns.pdbx_aniso_B_tensor_eigenvector_2_ortho[1]     ? 
_reflns.pdbx_aniso_B_tensor_eigenvector_2_ortho[2]     ? 
_reflns.pdbx_aniso_B_tensor_eigenvector_2_ortho[3]     ? 
_reflns.pdbx_aniso_B_tensor_eigenvector_3_ortho[1]     ? 
_reflns.pdbx_aniso_B_tensor_eigenvector_3_ortho[2]     ? 
_reflns.pdbx_aniso_B_tensor_eigenvector_3_ortho[3]     ? 
_reflns.pdbx_aniso_B_tensor_eigenvalue_1               ? 
_reflns.pdbx_aniso_B_tensor_eigenvalue_2               ? 
_reflns.pdbx_aniso_B_tensor_eigenvalue_3               ? 
_reflns.pdbx_orthogonalization_convention              ? 
_reflns.pdbx_percent_possible_ellipsoidal              ? 
_reflns.pdbx_percent_possible_spherical                ? 
_reflns.pdbx_percent_possible_ellipsoidal_anomalous    ? 
_reflns.pdbx_percent_possible_spherical_anomalous      ? 
_reflns.pdbx_redundancy_anomalous                      ? 
_reflns.pdbx_CC_half_anomalous                         ? 
_reflns.pdbx_absDiff_over_sigma_anomalous              ? 
_reflns.pdbx_percent_possible_anomalous                ? 
_reflns.pdbx_observed_signal_threshold                 ? 
_reflns.pdbx_signal_type                               ? 
_reflns.pdbx_signal_details                            ? 
_reflns.pdbx_signal_software_id                        ? 
# 
_reflns_shell.d_res_high                                    1.50 
_reflns_shell.d_res_low                                     1.53 
_reflns_shell.meanI_over_sigI_all                           ? 
_reflns_shell.meanI_over_sigI_obs                           ? 
_reflns_shell.number_measured_all                           ? 
_reflns_shell.number_measured_obs                           ? 
_reflns_shell.number_possible                               ? 
_reflns_shell.number_unique_all                             ? 
_reflns_shell.number_unique_obs                             1092 
_reflns_shell.percent_possible_obs                          ? 
_reflns_shell.Rmerge_F_all                                  ? 
_reflns_shell.Rmerge_F_obs                                  ? 
_reflns_shell.meanI_over_sigI_gt                            ? 
_reflns_shell.meanI_over_uI_all                             ? 
_reflns_shell.meanI_over_uI_gt                              ? 
_reflns_shell.number_measured_gt                            ? 
_reflns_shell.number_unique_gt                              ? 
_reflns_shell.percent_possible_gt                           ? 
_reflns_shell.Rmerge_F_gt                                   ? 
_reflns_shell.Rmerge_I_gt                                   ? 
_reflns_shell.pdbx_redundancy                               ? 
_reflns_shell.pdbx_chi_squared                              ? 
_reflns_shell.pdbx_netI_over_sigmaI_all                     ? 
_reflns_shell.pdbx_netI_over_sigmaI_obs                     ? 
_reflns_shell.pdbx_Rrim_I_all                               ? 
_reflns_shell.pdbx_Rpim_I_all                               ? 
_reflns_shell.pdbx_rejects                                  ? 
_reflns_shell.pdbx_ordinal                                  1 
_reflns_shell.pdbx_diffrn_id                                1 
_reflns_shell.pdbx_CC_half                                  ? 
_reflns_shell.pdbx_CC_star                                  ? 
_reflns_shell.pdbx_R_split                                  ? 
_reflns_shell.percent_possible_all                          ? 
_reflns_shell.Rmerge_I_all                                  ? 
_reflns_shell.Rmerge_I_obs                                  0.859 
_reflns_shell.pdbx_Rsym_value                               ? 
_reflns_shell.pdbx_percent_possible_ellipsoidal             ? 
_reflns_shell.pdbx_percent_possible_spherical               ? 
_reflns_shell.pdbx_percent_possible_ellipsoidal_anomalous   ? 
_reflns_shell.pdbx_percent_possible_spherical_anomalous     ? 
_reflns_shell.pdbx_redundancy_anomalous                     ? 
_reflns_shell.pdbx_CC_half_anomalous                        ? 
_reflns_shell.pdbx_absDiff_over_sigma_anomalous             ? 
_reflns_shell.pdbx_percent_possible_anomalous               ? 
# 
_refine.aniso_B[1][1]                            ? 
_refine.aniso_B[1][2]                            ? 
_refine.aniso_B[1][3]                            ? 
_refine.aniso_B[2][2]                            ? 
_refine.aniso_B[2][3]                            ? 
_refine.aniso_B[3][3]                            ? 
_refine.B_iso_max                                ? 
_refine.B_iso_mean                               17.75 
_refine.B_iso_min                                ? 
_refine.correlation_coeff_Fo_to_Fc               ? 
_refine.correlation_coeff_Fo_to_Fc_free          ? 
_refine.details                                  ? 
_refine.diff_density_max                         ? 
_refine.diff_density_max_esd                     ? 
_refine.diff_density_min                         ? 
_refine.diff_density_min_esd                     ? 
_refine.diff_density_rms                         ? 
_refine.diff_density_rms_esd                     ? 
_refine.entry_id                                 8Y77 
_refine.pdbx_refine_id                           'X-RAY DIFFRACTION' 
_refine.ls_abs_structure_details                 ? 
_refine.ls_abs_structure_Flack                   ? 
_refine.ls_abs_structure_Flack_esd               ? 
_refine.ls_abs_structure_Rogers                  ? 
_refine.ls_abs_structure_Rogers_esd              ? 
_refine.ls_d_res_high                            1.50 
_refine.ls_d_res_low                             24.02 
_refine.ls_extinction_coef                       ? 
_refine.ls_extinction_coef_esd                   ? 
_refine.ls_extinction_expression                 ? 
_refine.ls_extinction_method                     ? 
_refine.ls_goodness_of_fit_all                   ? 
_refine.ls_goodness_of_fit_all_esd               ? 
_refine.ls_goodness_of_fit_obs                   ? 
_refine.ls_goodness_of_fit_obs_esd               ? 
_refine.ls_hydrogen_treatment                    ? 
_refine.ls_matrix_type                           ? 
_refine.ls_number_constraints                    ? 
_refine.ls_number_parameters                     ? 
_refine.ls_number_reflns_all                     ? 
_refine.ls_number_reflns_obs                     22600 
_refine.ls_number_reflns_R_free                  1094 
_refine.ls_number_reflns_R_work                  21506 
_refine.ls_number_restraints                     ? 
_refine.ls_percent_reflns_obs                    99.68 
_refine.ls_percent_reflns_R_free                 4.84 
_refine.ls_R_factor_all                          ? 
_refine.ls_R_factor_obs                          0.1846 
_refine.ls_R_factor_R_free                       0.2078 
_refine.ls_R_factor_R_free_error                 ? 
_refine.ls_R_factor_R_free_error_details         ? 
_refine.ls_R_factor_R_work                       0.1835 
_refine.ls_R_Fsqd_factor_obs                     ? 
_refine.ls_R_I_factor_obs                        ? 
_refine.ls_redundancy_reflns_all                 ? 
_refine.ls_redundancy_reflns_obs                 ? 
_refine.ls_restrained_S_all                      ? 
_refine.ls_restrained_S_obs                      ? 
_refine.ls_shift_over_esd_max                    ? 
_refine.ls_shift_over_esd_mean                   ? 
_refine.ls_structure_factor_coef                 ? 
_refine.ls_weighting_details                     ? 
_refine.ls_weighting_scheme                      ? 
_refine.ls_wR_factor_all                         ? 
_refine.ls_wR_factor_obs                         ? 
_refine.ls_wR_factor_R_free                      ? 
_refine.ls_wR_factor_R_work                      ? 
_refine.occupancy_max                            ? 
_refine.occupancy_min                            ? 
_refine.solvent_model_details                    'FLAT BULK SOLVENT MODEL' 
_refine.solvent_model_param_bsol                 ? 
_refine.solvent_model_param_ksol                 ? 
_refine.pdbx_R_complete                          ? 
_refine.ls_R_factor_gt                           ? 
_refine.ls_goodness_of_fit_gt                    ? 
_refine.ls_goodness_of_fit_ref                   ? 
_refine.ls_shift_over_su_max                     ? 
_refine.ls_shift_over_su_max_lt                  ? 
_refine.ls_shift_over_su_mean                    ? 
_refine.ls_shift_over_su_mean_lt                 ? 
_refine.pdbx_ls_sigma_I                          ? 
_refine.pdbx_ls_sigma_F                          1.37 
_refine.pdbx_ls_sigma_Fsqd                       ? 
_refine.pdbx_data_cutoff_high_absF               ? 
_refine.pdbx_data_cutoff_high_rms_absF           ? 
_refine.pdbx_data_cutoff_low_absF                ? 
_refine.pdbx_isotropic_thermal_model             ? 
_refine.pdbx_ls_cross_valid_method               'FREE R-VALUE' 
_refine.pdbx_method_to_determine_struct          'MOLECULAR REPLACEMENT' 
_refine.pdbx_starting_model                      ? 
_refine.pdbx_stereochemistry_target_values       'GeoStd + Monomer Library' 
_refine.pdbx_R_Free_selection_details            ? 
_refine.pdbx_stereochem_target_val_spec_case     ? 
_refine.pdbx_overall_ESU_R                       ? 
_refine.pdbx_overall_ESU_R_Free                  ? 
_refine.pdbx_solvent_vdw_probe_radii             1.1100 
_refine.pdbx_solvent_ion_probe_radii             ? 
_refine.pdbx_solvent_shrinkage_radii             0.9000 
_refine.pdbx_real_space_R                        ? 
_refine.pdbx_density_correlation                 ? 
_refine.pdbx_pd_number_of_powder_patterns        ? 
_refine.pdbx_pd_number_of_points                 ? 
_refine.pdbx_pd_meas_number_of_points            ? 
_refine.pdbx_pd_proc_ls_prof_R_factor            ? 
_refine.pdbx_pd_proc_ls_prof_wR_factor           ? 
_refine.pdbx_pd_Marquardt_correlation_coeff      ? 
_refine.pdbx_pd_Fsqrd_R_factor                   ? 
_refine.pdbx_pd_ls_matrix_band_width             ? 
_refine.pdbx_overall_phase_error                 19.5752 
_refine.pdbx_overall_SU_R_free_Cruickshank_DPI   ? 
_refine.pdbx_overall_SU_R_free_Blow_DPI          ? 
_refine.pdbx_overall_SU_R_Blow_DPI               ? 
_refine.pdbx_TLS_residual_ADP_flag               ? 
_refine.pdbx_diffrn_id                           1 
_refine.overall_SU_B                             ? 
_refine.overall_SU_ML                            0.1687 
_refine.overall_SU_R_Cruickshank_DPI             ? 
_refine.overall_SU_R_free                        ? 
_refine.overall_FOM_free_R_set                   ? 
_refine.overall_FOM_work_R_set                   ? 
_refine.pdbx_average_fsc_overall                 ? 
_refine.pdbx_average_fsc_work                    ? 
_refine.pdbx_average_fsc_free                    ? 
# 
_refine_hist.pdbx_refine_id                   'X-RAY DIFFRACTION' 
_refine_hist.cycle_id                         LAST 
_refine_hist.details                          ? 
_refine_hist.d_res_high                       1.50 
_refine_hist.d_res_low                        24.02 
_refine_hist.number_atoms_solvent             178 
_refine_hist.number_atoms_total               1262 
_refine_hist.number_reflns_all                ? 
_refine_hist.number_reflns_obs                ? 
_refine_hist.number_reflns_R_free             ? 
_refine_hist.number_reflns_R_work             ? 
_refine_hist.R_factor_all                     ? 
_refine_hist.R_factor_obs                     ? 
_refine_hist.R_factor_R_free                  ? 
_refine_hist.R_factor_R_work                  ? 
_refine_hist.pdbx_number_residues_total       ? 
_refine_hist.pdbx_B_iso_mean_ligand           ? 
_refine_hist.pdbx_B_iso_mean_solvent          ? 
_refine_hist.pdbx_number_atoms_protein        1084 
_refine_hist.pdbx_number_atoms_nucleic_acid   0 
_refine_hist.pdbx_number_atoms_ligand         0 
_refine_hist.pdbx_number_atoms_lipid          ? 
_refine_hist.pdbx_number_atoms_carb           ? 
_refine_hist.pdbx_pseudo_atom_details         ? 
# 
loop_
_refine_ls_restr.pdbx_refine_id 
_refine_ls_restr.criterion 
_refine_ls_restr.dev_ideal 
_refine_ls_restr.dev_ideal_target 
_refine_ls_restr.number 
_refine_ls_restr.rejects 
_refine_ls_restr.type 
_refine_ls_restr.weight 
_refine_ls_restr.pdbx_restraint_function 
'X-RAY DIFFRACTION' ? 0.0049 ? 1104 ? f_bond_d           ? ? 
'X-RAY DIFFRACTION' ? 0.7490 ? 1488 ? f_angle_d          ? ? 
'X-RAY DIFFRACTION' ? 0.0676 ? 168  ? f_chiral_restr     ? ? 
'X-RAY DIFFRACTION' ? 0.0053 ? 190  ? f_plane_restr      ? ? 
'X-RAY DIFFRACTION' ? 2.7580 ? 411  ? f_dihedral_angle_d ? ? 
# 
loop_
_refine_ls_shell.pdbx_refine_id 
_refine_ls_shell.d_res_high 
_refine_ls_shell.d_res_low 
_refine_ls_shell.number_reflns_all 
_refine_ls_shell.number_reflns_obs 
_refine_ls_shell.number_reflns_R_free 
_refine_ls_shell.number_reflns_R_work 
_refine_ls_shell.percent_reflns_obs 
_refine_ls_shell.percent_reflns_R_free 
_refine_ls_shell.R_factor_all 
_refine_ls_shell.R_factor_obs 
_refine_ls_shell.R_factor_R_free_error 
_refine_ls_shell.R_factor_R_work 
_refine_ls_shell.redundancy_reflns_all 
_refine_ls_shell.redundancy_reflns_obs 
_refine_ls_shell.wR_factor_all 
_refine_ls_shell.wR_factor_obs 
_refine_ls_shell.wR_factor_R_free 
_refine_ls_shell.wR_factor_R_work 
_refine_ls_shell.pdbx_R_complete 
_refine_ls_shell.pdbx_total_number_of_bins_used 
_refine_ls_shell.pdbx_phase_error 
_refine_ls_shell.pdbx_fsc_work 
_refine_ls_shell.pdbx_fsc_free 
_refine_ls_shell.R_factor_R_free 
'X-RAY DIFFRACTION' 1.50 1.57  . . 155 2614 98.68  . . . . 0.2222 . . . . . . . . . . . 0.2589 
'X-RAY DIFFRACTION' 1.57 1.65  . . 130 2635 99.50  . . . . 0.2006 . . . . . . . . . . . 0.2213 
'X-RAY DIFFRACTION' 1.65 1.75  . . 150 2649 99.64  . . . . 0.1916 . . . . . . . . . . . 0.2647 
'X-RAY DIFFRACTION' 1.75 1.89  . . 132 2650 99.82  . . . . 0.1821 . . . . . . . . . . . 0.1896 
'X-RAY DIFFRACTION' 1.89 2.08  . . 139 2677 100.00 . . . . 0.1714 . . . . . . . . . . . 0.2024 
'X-RAY DIFFRACTION' 2.08 2.38  . . 118 2717 100.00 . . . . 0.1679 . . . . . . . . . . . 0.1951 
'X-RAY DIFFRACTION' 2.38 3.00  . . 130 2729 100.00 . . . . 0.1917 . . . . . . . . . . . 0.2137 
'X-RAY DIFFRACTION' 3.00 24.02 . . 140 2835 99.77  . . . . 0.1818 . . . . . . . . . . . 0.1949 
# 
_struct.entry_id                     8Y77 
_struct.title                        'Crystal structure of the complex of SAMD1-SAM and L3MBTL3-SAM domains' 
_struct.pdbx_model_details           ? 
_struct.pdbx_formula_weight          ? 
_struct.pdbx_formula_weight_method   ? 
_struct.pdbx_model_type_details      ? 
_struct.pdbx_CASP_flag               N 
# 
_struct_keywords.entry_id        8Y77 
_struct_keywords.text            'epigenetics, complex, polymer, CpG islands, GENE REGULATION' 
_struct_keywords.pdbx_keywords   'GENE REGULATION' 
# 
loop_
_struct_asym.id 
_struct_asym.pdbx_blank_PDB_chainid_flag 
_struct_asym.pdbx_modified 
_struct_asym.entity_id 
_struct_asym.details 
A N N 1 ? 
B N N 2 ? 
C N N 3 ? 
D N N 3 ? 
# 
loop_
_struct_ref.id 
_struct_ref.db_name 
_struct_ref.db_code 
_struct_ref.pdbx_db_accession 
_struct_ref.pdbx_db_isoform 
_struct_ref.entity_id 
_struct_ref.pdbx_seq_one_letter_code 
_struct_ref.pdbx_align_begin 
1 UNP SAMD1_HUMAN Q6SPF0 ? 1 PVEWTVMDVVEYFTEAGFPEQATAFQEQEIDGKSLLLMQRTDVLTGLSIRLGPALKIYEHHIKVL       459 
2 UNP LMBL3_HUMAN Q96JM7 ? 2 VSKWSTDEVSEFIQSLPGCEEHGKVFKDEQIDGEAFLLMTQTDIVKIMSIKLGPALKIFNSILMFKAAEKN 705 
# 
loop_
_struct_ref_seq.align_id 
_struct_ref_seq.ref_id 
_struct_ref_seq.pdbx_PDB_id_code 
_struct_ref_seq.pdbx_strand_id 
_struct_ref_seq.seq_align_beg 
_struct_ref_seq.pdbx_seq_align_beg_ins_code 
_struct_ref_seq.seq_align_end 
_struct_ref_seq.pdbx_seq_align_end_ins_code 
_struct_ref_seq.pdbx_db_accession 
_struct_ref_seq.db_align_beg 
_struct_ref_seq.pdbx_db_align_beg_ins_code 
_struct_ref_seq.db_align_end 
_struct_ref_seq.pdbx_db_align_end_ins_code 
_struct_ref_seq.pdbx_auth_seq_align_beg 
_struct_ref_seq.pdbx_auth_seq_align_end 
1 1 8Y77 A 2 ? 66 ? Q6SPF0 459 ? 523 ? 459 523 
2 2 8Y77 B 3 ? 73 ? Q96JM7 705 ? 775 ? 705 775 
# 
loop_
_struct_ref_seq_dif.align_id 
_struct_ref_seq_dif.pdbx_pdb_id_code 
_struct_ref_seq_dif.mon_id 
_struct_ref_seq_dif.pdbx_pdb_strand_id 
_struct_ref_seq_dif.seq_num 
_struct_ref_seq_dif.pdbx_pdb_ins_code 
_struct_ref_seq_dif.pdbx_seq_db_name 
_struct_ref_seq_dif.pdbx_seq_db_accession_code 
_struct_ref_seq_dif.db_mon_id 
_struct_ref_seq_dif.pdbx_seq_db_seq_num 
_struct_ref_seq_dif.details 
_struct_ref_seq_dif.pdbx_auth_seq_num 
_struct_ref_seq_dif.pdbx_ordinal 
1 8Y77 SER A 1  ? UNP Q6SPF0 ?   ?   'expression tag' 458 1 
1 8Y77 ARG A 38 ? UNP Q6SPF0 LEU 495 conflict         495 2 
2 8Y77 GLY B 1  ? UNP Q96JM7 ?   ?   'expression tag' 703 3 
2 8Y77 SER B 2  ? UNP Q96JM7 ?   ?   'expression tag' 704 4 
2 8Y77 GLU B 54 ? UNP Q96JM7 LEU 756 conflict         756 5 
2 8Y77 GLU B 58 ? UNP Q96JM7 LEU 760 conflict         760 6 
# 
loop_
_pdbx_struct_assembly.id 
_pdbx_struct_assembly.details 
_pdbx_struct_assembly.method_details 
_pdbx_struct_assembly.oligomeric_details 
_pdbx_struct_assembly.oligomeric_count 
1 author_and_software_defined_assembly PISA tetrameric 4 
2 software_defined_assembly            PISA dimeric    2 
# 
loop_
_pdbx_struct_assembly_prop.biol_id 
_pdbx_struct_assembly_prop.type 
_pdbx_struct_assembly_prop.value 
_pdbx_struct_assembly_prop.details 
1 'ABSA (A^2)' 3220  ? 
1 MORE         -22   ? 
1 'SSA (A^2)'  13870 ? 
2 'ABSA (A^2)' 1080  ? 
2 MORE         -5    ? 
2 'SSA (A^2)'  7460  ? 
# 
loop_
_pdbx_struct_assembly_gen.assembly_id 
_pdbx_struct_assembly_gen.oper_expression 
_pdbx_struct_assembly_gen.asym_id_list 
1 1,2 A,B,C,D 
2 1   A,B,C,D 
# 
_pdbx_struct_assembly_auth_evidence.id                     1 
_pdbx_struct_assembly_auth_evidence.assembly_id            1 
_pdbx_struct_assembly_auth_evidence.experimental_support   'gel filtration' 
_pdbx_struct_assembly_auth_evidence.details                ? 
# 
loop_
_pdbx_struct_oper_list.id 
_pdbx_struct_oper_list.type 
_pdbx_struct_oper_list.name 
_pdbx_struct_oper_list.symmetry_operation 
_pdbx_struct_oper_list.matrix[1][1] 
_pdbx_struct_oper_list.matrix[1][2] 
_pdbx_struct_oper_list.matrix[1][3] 
_pdbx_struct_oper_list.vector[1] 
_pdbx_struct_oper_list.matrix[2][1] 
_pdbx_struct_oper_list.matrix[2][2] 
_pdbx_struct_oper_list.matrix[2][3] 
_pdbx_struct_oper_list.vector[2] 
_pdbx_struct_oper_list.matrix[3][1] 
_pdbx_struct_oper_list.matrix[3][2] 
_pdbx_struct_oper_list.matrix[3][3] 
_pdbx_struct_oper_list.vector[3] 
1 'identity operation'         1_555 x,y,z     1.0000000000 0.0000000000  0.0000000000 0.0000000000   0.0000000000  1.0000000000  0.0000000000  0.0000000000   0.0000000000 0.0000000000  1.0000000000  0.0000000000 
2 'crystal symmetry operation' 4_565 x,-y+1,-z 0.0548509680 -0.7058160624 0.7062684032 -26.5184125267 -0.7058160624 -0.5277282488 -0.4725744190 -30.4917269928 0.7062684032 -0.4725744190 -0.5271227192 9.1345194161 
# 
loop_
_struct_conf.conf_type_id 
_struct_conf.id 
_struct_conf.pdbx_PDB_helix_id 
_struct_conf.beg_label_comp_id 
_struct_conf.beg_label_asym_id 
_struct_conf.beg_label_seq_id 
_struct_conf.pdbx_beg_PDB_ins_code 
_struct_conf.end_label_comp_id 
_struct_conf.end_label_asym_id 
_struct_conf.end_label_seq_id 
_struct_conf.pdbx_end_PDB_ins_code 
_struct_conf.beg_auth_comp_id 
_struct_conf.beg_auth_asym_id 
_struct_conf.beg_auth_seq_id 
_struct_conf.end_auth_comp_id 
_struct_conf.end_auth_asym_id 
_struct_conf.end_auth_seq_id 
_struct_conf.pdbx_PDB_helix_class 
_struct_conf.details 
_struct_conf.pdbx_PDB_helix_length 
HELX_P HELX_P1  AA1 SER A 1  ? TRP A 5  ? SER A 458 TRP A 462 5 ? 5  
HELX_P HELX_P2  AA2 THR A 6  ? ALA A 17 ? THR A 463 ALA A 474 1 ? 12 
HELX_P HELX_P3  AA3 PHE A 19 ? GLN A 29 ? PHE A 476 GLN A 486 1 ? 11 
HELX_P HELX_P4  AA4 ASP A 32 ? MET A 39 ? ASP A 489 MET A 496 1 ? 8  
HELX_P HELX_P5  AA5 GLN A 40 ? GLY A 47 ? GLN A 497 GLY A 504 1 ? 8  
HELX_P HELX_P6  AA6 ARG A 51 ? HIS A 62 ? ARG A 508 HIS A 519 1 ? 12 
HELX_P HELX_P7  AA7 ILE A 63 ? LEU A 66 ? ILE A 520 LEU A 523 5 ? 4  
HELX_P HELX_P8  AA8 SER B 2  ? TRP B 6  ? SER B 704 TRP B 708 5 ? 5  
HELX_P HELX_P9  AA9 SER B 7  ? SER B 17 ? SER B 709 SER B 719 1 ? 11 
HELX_P HELX_P10 AB1 CYS B 21 ? GLU B 23 ? CYS B 723 GLU B 725 5 ? 3  
HELX_P HELX_P11 AB2 HIS B 24 ? GLU B 31 ? HIS B 726 GLU B 733 1 ? 8  
HELX_P HELX_P12 AB3 ASP B 34 ? LEU B 39 ? ASP B 736 LEU B 741 1 ? 6  
HELX_P HELX_P13 AB4 THR B 42 ? ILE B 49 ? THR B 744 ILE B 751 1 ? 8  
HELX_P HELX_P14 AB5 LYS B 53 ? ALA B 70 ? LYS B 755 ALA B 772 1 ? 18 
# 
_struct_conf_type.id          HELX_P 
_struct_conf_type.criteria    ? 
_struct_conf_type.reference   ? 
# 
_pdbx_entry_details.entry_id                   8Y77 
_pdbx_entry_details.compound_details           ? 
_pdbx_entry_details.source_details             ? 
_pdbx_entry_details.nonpolymer_details         ? 
_pdbx_entry_details.sequence_details           ? 
_pdbx_entry_details.has_ligand_of_interest     ? 
_pdbx_entry_details.has_protein_modification   N 
# 
loop_
_pdbx_validate_close_contact.id 
_pdbx_validate_close_contact.PDB_model_num 
_pdbx_validate_close_contact.auth_atom_id_1 
_pdbx_validate_close_contact.auth_asym_id_1 
_pdbx_validate_close_contact.auth_comp_id_1 
_pdbx_validate_close_contact.auth_seq_id_1 
_pdbx_validate_close_contact.PDB_ins_code_1 
_pdbx_validate_close_contact.label_alt_id_1 
_pdbx_validate_close_contact.auth_atom_id_2 
_pdbx_validate_close_contact.auth_asym_id_2 
_pdbx_validate_close_contact.auth_comp_id_2 
_pdbx_validate_close_contact.auth_seq_id_2 
_pdbx_validate_close_contact.PDB_ins_code_2 
_pdbx_validate_close_contact.label_alt_id_2 
_pdbx_validate_close_contact.dist 
1 1 O A HOH 633 ? ? O A HOH 653 ? ? 2.14 
2 1 O A HOH 618 ? ? O A HOH 669 ? ? 2.17 
3 1 O A HOH 633 ? ? O A HOH 645 ? ? 2.18 
4 1 O A HOH 611 ? ? O A HOH 633 ? ? 2.19 
5 1 O A HOH 617 ? ? O A HOH 674 ? ? 2.19 
# 
_pdbx_validate_symm_contact.id                1 
_pdbx_validate_symm_contact.PDB_model_num     1 
_pdbx_validate_symm_contact.auth_atom_id_1    OE1 
_pdbx_validate_symm_contact.auth_asym_id_1    A 
_pdbx_validate_symm_contact.auth_comp_id_1    GLU 
_pdbx_validate_symm_contact.auth_seq_id_1     478 
_pdbx_validate_symm_contact.PDB_ins_code_1    ? 
_pdbx_validate_symm_contact.label_alt_id_1    ? 
_pdbx_validate_symm_contact.site_symmetry_1   1_555 
_pdbx_validate_symm_contact.auth_atom_id_2    NZ 
_pdbx_validate_symm_contact.auth_asym_id_2    A 
_pdbx_validate_symm_contact.auth_comp_id_2    LYS 
_pdbx_validate_symm_contact.auth_seq_id_2     521 
_pdbx_validate_symm_contact.PDB_ins_code_2    ? 
_pdbx_validate_symm_contact.label_alt_id_2    ? 
_pdbx_validate_symm_contact.site_symmetry_2   8_555 
_pdbx_validate_symm_contact.dist              2.18 
# 
_pdbx_validate_torsion.id              1 
_pdbx_validate_torsion.PDB_model_num   1 
_pdbx_validate_torsion.auth_comp_id    HIS 
_pdbx_validate_torsion.auth_asym_id    A 
_pdbx_validate_torsion.auth_seq_id     519 
_pdbx_validate_torsion.PDB_ins_code    ? 
_pdbx_validate_torsion.label_alt_id    ? 
_pdbx_validate_torsion.phi             -134.31 
_pdbx_validate_torsion.psi             -67.67 
# 
loop_
_pdbx_struct_special_symmetry.id 
_pdbx_struct_special_symmetry.PDB_model_num 
_pdbx_struct_special_symmetry.auth_asym_id 
_pdbx_struct_special_symmetry.auth_comp_id 
_pdbx_struct_special_symmetry.auth_seq_id 
_pdbx_struct_special_symmetry.PDB_ins_code 
_pdbx_struct_special_symmetry.label_asym_id 
_pdbx_struct_special_symmetry.label_comp_id 
_pdbx_struct_special_symmetry.label_seq_id 
1 1 A HOH 631 ? C HOH . 
2 1 A HOH 641 ? C HOH . 
3 1 A HOH 659 ? C HOH . 
4 1 A HOH 662 ? C HOH . 
5 1 B HOH 850 ? D HOH . 
# 
loop_
_space_group_symop.id 
_space_group_symop.operation_xyz 
1 x,y,z               
2 x,-y,-z             
3 -x,y,-z+1/2         
4 -x,-y,z+1/2         
5 x+1/2,y+1/2,z       
6 x+1/2,-y+1/2,-z     
7 -x+1/2,y+1/2,-z+1/2 
8 -x+1/2,-y+1/2,z+1/2 
# 
loop_
_pdbx_unobs_or_zero_occ_residues.id 
_pdbx_unobs_or_zero_occ_residues.PDB_model_num 
_pdbx_unobs_or_zero_occ_residues.polymer_flag 
_pdbx_unobs_or_zero_occ_residues.occupancy_flag 
_pdbx_unobs_or_zero_occ_residues.auth_asym_id 
_pdbx_unobs_or_zero_occ_residues.auth_comp_id 
_pdbx_unobs_or_zero_occ_residues.auth_seq_id 
_pdbx_unobs_or_zero_occ_residues.PDB_ins_code 
_pdbx_unobs_or_zero_occ_residues.label_asym_id 
_pdbx_unobs_or_zero_occ_residues.label_comp_id 
_pdbx_unobs_or_zero_occ_residues.label_seq_id 
1 1 Y 1 B LYS 774 ? B LYS 72 
2 1 Y 1 B ASN 775 ? B ASN 73 
# 
loop_
_chem_comp_atom.comp_id 
_chem_comp_atom.atom_id 
_chem_comp_atom.type_symbol 
_chem_comp_atom.pdbx_aromatic_flag 
_chem_comp_atom.pdbx_stereo_config 
_chem_comp_atom.pdbx_ordinal 
ALA N    N N N 1   
ALA CA   C N S 2   
ALA C    C N N 3   
ALA O    O N N 4   
ALA CB   C N N 5   
ALA OXT  O N N 6   
ALA H    H N N 7   
ALA H2   H N N 8   
ALA HA   H N N 9   
ALA HB1  H N N 10  
ALA HB2  H N N 11  
ALA HB3  H N N 12  
ALA HXT  H N N 13  
ARG N    N N N 14  
ARG CA   C N S 15  
ARG C    C N N 16  
ARG O    O N N 17  
ARG CB   C N N 18  
ARG CG   C N N 19  
ARG CD   C N N 20  
ARG NE   N N N 21  
ARG CZ   C N N 22  
ARG NH1  N N N 23  
ARG NH2  N N N 24  
ARG OXT  O N N 25  
ARG H    H N N 26  
ARG H2   H N N 27  
ARG HA   H N N 28  
ARG HB2  H N N 29  
ARG HB3  H N N 30  
ARG HG2  H N N 31  
ARG HG3  H N N 32  
ARG HD2  H N N 33  
ARG HD3  H N N 34  
ARG HE   H N N 35  
ARG HH11 H N N 36  
ARG HH12 H N N 37  
ARG HH21 H N N 38  
ARG HH22 H N N 39  
ARG HXT  H N N 40  
ASN N    N N N 41  
ASN CA   C N S 42  
ASN C    C N N 43  
ASN O    O N N 44  
ASN CB   C N N 45  
ASN CG   C N N 46  
ASN OD1  O N N 47  
ASN ND2  N N N 48  
ASN OXT  O N N 49  
ASN H    H N N 50  
ASN H2   H N N 51  
ASN HA   H N N 52  
ASN HB2  H N N 53  
ASN HB3  H N N 54  
ASN HD21 H N N 55  
ASN HD22 H N N 56  
ASN HXT  H N N 57  
ASP N    N N N 58  
ASP CA   C N S 59  
ASP C    C N N 60  
ASP O    O N N 61  
ASP CB   C N N 62  
ASP CG   C N N 63  
ASP OD1  O N N 64  
ASP OD2  O N N 65  
ASP OXT  O N N 66  
ASP H    H N N 67  
ASP H2   H N N 68  
ASP HA   H N N 69  
ASP HB2  H N N 70  
ASP HB3  H N N 71  
ASP HD2  H N N 72  
ASP HXT  H N N 73  
CYS N    N N N 74  
CYS CA   C N R 75  
CYS C    C N N 76  
CYS O    O N N 77  
CYS CB   C N N 78  
CYS SG   S N N 79  
CYS OXT  O N N 80  
CYS H    H N N 81  
CYS H2   H N N 82  
CYS HA   H N N 83  
CYS HB2  H N N 84  
CYS HB3  H N N 85  
CYS HG   H N N 86  
CYS HXT  H N N 87  
GLN N    N N N 88  
GLN CA   C N S 89  
GLN C    C N N 90  
GLN O    O N N 91  
GLN CB   C N N 92  
GLN CG   C N N 93  
GLN CD   C N N 94  
GLN OE1  O N N 95  
GLN NE2  N N N 96  
GLN OXT  O N N 97  
GLN H    H N N 98  
GLN H2   H N N 99  
GLN HA   H N N 100 
GLN HB2  H N N 101 
GLN HB3  H N N 102 
GLN HG2  H N N 103 
GLN HG3  H N N 104 
GLN HE21 H N N 105 
GLN HE22 H N N 106 
GLN HXT  H N N 107 
GLU N    N N N 108 
GLU CA   C N S 109 
GLU C    C N N 110 
GLU O    O N N 111 
GLU CB   C N N 112 
GLU CG   C N N 113 
GLU CD   C N N 114 
GLU OE1  O N N 115 
GLU OE2  O N N 116 
GLU OXT  O N N 117 
GLU H    H N N 118 
GLU H2   H N N 119 
GLU HA   H N N 120 
GLU HB2  H N N 121 
GLU HB3  H N N 122 
GLU HG2  H N N 123 
GLU HG3  H N N 124 
GLU HE2  H N N 125 
GLU HXT  H N N 126 
GLY N    N N N 127 
GLY CA   C N N 128 
GLY C    C N N 129 
GLY O    O N N 130 
GLY OXT  O N N 131 
GLY H    H N N 132 
GLY H2   H N N 133 
GLY HA2  H N N 134 
GLY HA3  H N N 135 
GLY HXT  H N N 136 
HIS N    N N N 137 
HIS CA   C N S 138 
HIS C    C N N 139 
HIS O    O N N 140 
HIS CB   C N N 141 
HIS CG   C Y N 142 
HIS ND1  N Y N 143 
HIS CD2  C Y N 144 
HIS CE1  C Y N 145 
HIS NE2  N Y N 146 
HIS OXT  O N N 147 
HIS H    H N N 148 
HIS H2   H N N 149 
HIS HA   H N N 150 
HIS HB2  H N N 151 
HIS HB3  H N N 152 
HIS HD1  H N N 153 
HIS HD2  H N N 154 
HIS HE1  H N N 155 
HIS HE2  H N N 156 
HIS HXT  H N N 157 
HOH O    O N N 158 
HOH H1   H N N 159 
HOH H2   H N N 160 
ILE N    N N N 161 
ILE CA   C N S 162 
ILE C    C N N 163 
ILE O    O N N 164 
ILE CB   C N S 165 
ILE CG1  C N N 166 
ILE CG2  C N N 167 
ILE CD1  C N N 168 
ILE OXT  O N N 169 
ILE H    H N N 170 
ILE H2   H N N 171 
ILE HA   H N N 172 
ILE HB   H N N 173 
ILE HG12 H N N 174 
ILE HG13 H N N 175 
ILE HG21 H N N 176 
ILE HG22 H N N 177 
ILE HG23 H N N 178 
ILE HD11 H N N 179 
ILE HD12 H N N 180 
ILE HD13 H N N 181 
ILE HXT  H N N 182 
LEU N    N N N 183 
LEU CA   C N S 184 
LEU C    C N N 185 
LEU O    O N N 186 
LEU CB   C N N 187 
LEU CG   C N N 188 
LEU CD1  C N N 189 
LEU CD2  C N N 190 
LEU OXT  O N N 191 
LEU H    H N N 192 
LEU H2   H N N 193 
LEU HA   H N N 194 
LEU HB2  H N N 195 
LEU HB3  H N N 196 
LEU HG   H N N 197 
LEU HD11 H N N 198 
LEU HD12 H N N 199 
LEU HD13 H N N 200 
LEU HD21 H N N 201 
LEU HD22 H N N 202 
LEU HD23 H N N 203 
LEU HXT  H N N 204 
LYS N    N N N 205 
LYS CA   C N S 206 
LYS C    C N N 207 
LYS O    O N N 208 
LYS CB   C N N 209 
LYS CG   C N N 210 
LYS CD   C N N 211 
LYS CE   C N N 212 
LYS NZ   N N N 213 
LYS OXT  O N N 214 
LYS H    H N N 215 
LYS H2   H N N 216 
LYS HA   H N N 217 
LYS HB2  H N N 218 
LYS HB3  H N N 219 
LYS HG2  H N N 220 
LYS HG3  H N N 221 
LYS HD2  H N N 222 
LYS HD3  H N N 223 
LYS HE2  H N N 224 
LYS HE3  H N N 225 
LYS HZ1  H N N 226 
LYS HZ2  H N N 227 
LYS HZ3  H N N 228 
LYS HXT  H N N 229 
MET N    N N N 230 
MET CA   C N S 231 
MET C    C N N 232 
MET O    O N N 233 
MET CB   C N N 234 
MET CG   C N N 235 
MET SD   S N N 236 
MET CE   C N N 237 
MET OXT  O N N 238 
MET H    H N N 239 
MET H2   H N N 240 
MET HA   H N N 241 
MET HB2  H N N 242 
MET HB3  H N N 243 
MET HG2  H N N 244 
MET HG3  H N N 245 
MET HE1  H N N 246 
MET HE2  H N N 247 
MET HE3  H N N 248 
MET HXT  H N N 249 
PHE N    N N N 250 
PHE CA   C N S 251 
PHE C    C N N 252 
PHE O    O N N 253 
PHE CB   C N N 254 
PHE CG   C Y N 255 
PHE CD1  C Y N 256 
PHE CD2  C Y N 257 
PHE CE1  C Y N 258 
PHE CE2  C Y N 259 
PHE CZ   C Y N 260 
PHE OXT  O N N 261 
PHE H    H N N 262 
PHE H2   H N N 263 
PHE HA   H N N 264 
PHE HB2  H N N 265 
PHE HB3  H N N 266 
PHE HD1  H N N 267 
PHE HD2  H N N 268 
PHE HE1  H N N 269 
PHE HE2  H N N 270 
PHE HZ   H N N 271 
PHE HXT  H N N 272 
PRO N    N N N 273 
PRO CA   C N S 274 
PRO C    C N N 275 
PRO O    O N N 276 
PRO CB   C N N 277 
PRO CG   C N N 278 
PRO CD   C N N 279 
PRO OXT  O N N 280 
PRO H    H N N 281 
PRO HA   H N N 282 
PRO HB2  H N N 283 
PRO HB3  H N N 284 
PRO HG2  H N N 285 
PRO HG3  H N N 286 
PRO HD2  H N N 287 
PRO HD3  H N N 288 
PRO HXT  H N N 289 
SER N    N N N 290 
SER CA   C N S 291 
SER C    C N N 292 
SER O    O N N 293 
SER CB   C N N 294 
SER OG   O N N 295 
SER OXT  O N N 296 
SER H    H N N 297 
SER H2   H N N 298 
SER HA   H N N 299 
SER HB2  H N N 300 
SER HB3  H N N 301 
SER HG   H N N 302 
SER HXT  H N N 303 
THR N    N N N 304 
THR CA   C N S 305 
THR C    C N N 306 
THR O    O N N 307 
THR CB   C N R 308 
THR OG1  O N N 309 
THR CG2  C N N 310 
THR OXT  O N N 311 
THR H    H N N 312 
THR H2   H N N 313 
THR HA   H N N 314 
THR HB   H N N 315 
THR HG1  H N N 316 
THR HG21 H N N 317 
THR HG22 H N N 318 
THR HG23 H N N 319 
THR HXT  H N N 320 
TRP N    N N N 321 
TRP CA   C N S 322 
TRP C    C N N 323 
TRP O    O N N 324 
TRP CB   C N N 325 
TRP CG   C Y N 326 
TRP CD1  C Y N 327 
TRP CD2  C Y N 328 
TRP NE1  N Y N 329 
TRP CE2  C Y N 330 
TRP CE3  C Y N 331 
TRP CZ2  C Y N 332 
TRP CZ3  C Y N 333 
TRP CH2  C Y N 334 
TRP OXT  O N N 335 
TRP H    H N N 336 
TRP H2   H N N 337 
TRP HA   H N N 338 
TRP HB2  H N N 339 
TRP HB3  H N N 340 
TRP HD1  H N N 341 
TRP HE1  H N N 342 
TRP HE3  H N N 343 
TRP HZ2  H N N 344 
TRP HZ3  H N N 345 
TRP HH2  H N N 346 
TRP HXT  H N N 347 
TYR N    N N N 348 
TYR CA   C N S 349 
TYR C    C N N 350 
TYR O    O N N 351 
TYR CB   C N N 352 
TYR CG   C Y N 353 
TYR CD1  C Y N 354 
TYR CD2  C Y N 355 
TYR CE1  C Y N 356 
TYR CE2  C Y N 357 
TYR CZ   C Y N 358 
TYR OH   O N N 359 
TYR OXT  O N N 360 
TYR H    H N N 361 
TYR H2   H N N 362 
TYR HA   H N N 363 
TYR HB2  H N N 364 
TYR HB3  H N N 365 
TYR HD1  H N N 366 
TYR HD2  H N N 367 
TYR HE1  H N N 368 
TYR HE2  H N N 369 
TYR HH   H N N 370 
TYR HXT  H N N 371 
VAL N    N N N 372 
VAL CA   C N S 373 
VAL C    C N N 374 
VAL O    O N N 375 
VAL CB   C N N 376 
VAL CG1  C N N 377 
VAL CG2  C N N 378 
VAL OXT  O N N 379 
VAL H    H N N 380 
VAL H2   H N N 381 
VAL HA   H N N 382 
VAL HB   H N N 383 
VAL HG11 H N N 384 
VAL HG12 H N N 385 
VAL HG13 H N N 386 
VAL HG21 H N N 387 
VAL HG22 H N N 388 
VAL HG23 H N N 389 
VAL HXT  H N N 390 
# 
loop_
_chem_comp_bond.comp_id 
_chem_comp_bond.atom_id_1 
_chem_comp_bond.atom_id_2 
_chem_comp_bond.value_order 
_chem_comp_bond.pdbx_aromatic_flag 
_chem_comp_bond.pdbx_stereo_config 
_chem_comp_bond.pdbx_ordinal 
ALA N   CA   sing N N 1   
ALA N   H    sing N N 2   
ALA N   H2   sing N N 3   
ALA CA  C    sing N N 4   
ALA CA  CB   sing N N 5   
ALA CA  HA   sing N N 6   
ALA C   O    doub N N 7   
ALA C   OXT  sing N N 8   
ALA CB  HB1  sing N N 9   
ALA CB  HB2  sing N N 10  
ALA CB  HB3  sing N N 11  
ALA OXT HXT  sing N N 12  
ARG N   CA   sing N N 13  
ARG N   H    sing N N 14  
ARG N   H2   sing N N 15  
ARG CA  C    sing N N 16  
ARG CA  CB   sing N N 17  
ARG CA  HA   sing N N 18  
ARG C   O    doub N N 19  
ARG C   OXT  sing N N 20  
ARG CB  CG   sing N N 21  
ARG CB  HB2  sing N N 22  
ARG CB  HB3  sing N N 23  
ARG CG  CD   sing N N 24  
ARG CG  HG2  sing N N 25  
ARG CG  HG3  sing N N 26  
ARG CD  NE   sing N N 27  
ARG CD  HD2  sing N N 28  
ARG CD  HD3  sing N N 29  
ARG NE  CZ   sing N N 30  
ARG NE  HE   sing N N 31  
ARG CZ  NH1  sing N N 32  
ARG CZ  NH2  doub N N 33  
ARG NH1 HH11 sing N N 34  
ARG NH1 HH12 sing N N 35  
ARG NH2 HH21 sing N N 36  
ARG NH2 HH22 sing N N 37  
ARG OXT HXT  sing N N 38  
ASN N   CA   sing N N 39  
ASN N   H    sing N N 40  
ASN N   H2   sing N N 41  
ASN CA  C    sing N N 42  
ASN CA  CB   sing N N 43  
ASN CA  HA   sing N N 44  
ASN C   O    doub N N 45  
ASN C   OXT  sing N N 46  
ASN CB  CG   sing N N 47  
ASN CB  HB2  sing N N 48  
ASN CB  HB3  sing N N 49  
ASN CG  OD1  doub N N 50  
ASN CG  ND2  sing N N 51  
ASN ND2 HD21 sing N N 52  
ASN ND2 HD22 sing N N 53  
ASN OXT HXT  sing N N 54  
ASP N   CA   sing N N 55  
ASP N   H    sing N N 56  
ASP N   H2   sing N N 57  
ASP CA  C    sing N N 58  
ASP CA  CB   sing N N 59  
ASP CA  HA   sing N N 60  
ASP C   O    doub N N 61  
ASP C   OXT  sing N N 62  
ASP CB  CG   sing N N 63  
ASP CB  HB2  sing N N 64  
ASP CB  HB3  sing N N 65  
ASP CG  OD1  doub N N 66  
ASP CG  OD2  sing N N 67  
ASP OD2 HD2  sing N N 68  
ASP OXT HXT  sing N N 69  
CYS N   CA   sing N N 70  
CYS N   H    sing N N 71  
CYS N   H2   sing N N 72  
CYS CA  C    sing N N 73  
CYS CA  CB   sing N N 74  
CYS CA  HA   sing N N 75  
CYS C   O    doub N N 76  
CYS C   OXT  sing N N 77  
CYS CB  SG   sing N N 78  
CYS CB  HB2  sing N N 79  
CYS CB  HB3  sing N N 80  
CYS SG  HG   sing N N 81  
CYS OXT HXT  sing N N 82  
GLN N   CA   sing N N 83  
GLN N   H    sing N N 84  
GLN N   H2   sing N N 85  
GLN CA  C    sing N N 86  
GLN CA  CB   sing N N 87  
GLN CA  HA   sing N N 88  
GLN C   O    doub N N 89  
GLN C   OXT  sing N N 90  
GLN CB  CG   sing N N 91  
GLN CB  HB2  sing N N 92  
GLN CB  HB3  sing N N 93  
GLN CG  CD   sing N N 94  
GLN CG  HG2  sing N N 95  
GLN CG  HG3  sing N N 96  
GLN CD  OE1  doub N N 97  
GLN CD  NE2  sing N N 98  
GLN NE2 HE21 sing N N 99  
GLN NE2 HE22 sing N N 100 
GLN OXT HXT  sing N N 101 
GLU N   CA   sing N N 102 
GLU N   H    sing N N 103 
GLU N   H2   sing N N 104 
GLU CA  C    sing N N 105 
GLU CA  CB   sing N N 106 
GLU CA  HA   sing N N 107 
GLU C   O    doub N N 108 
GLU C   OXT  sing N N 109 
GLU CB  CG   sing N N 110 
GLU CB  HB2  sing N N 111 
GLU CB  HB3  sing N N 112 
GLU CG  CD   sing N N 113 
GLU CG  HG2  sing N N 114 
GLU CG  HG3  sing N N 115 
GLU CD  OE1  doub N N 116 
GLU CD  OE2  sing N N 117 
GLU OE2 HE2  sing N N 118 
GLU OXT HXT  sing N N 119 
GLY N   CA   sing N N 120 
GLY N   H    sing N N 121 
GLY N   H2   sing N N 122 
GLY CA  C    sing N N 123 
GLY CA  HA2  sing N N 124 
GLY CA  HA3  sing N N 125 
GLY C   O    doub N N 126 
GLY C   OXT  sing N N 127 
GLY OXT HXT  sing N N 128 
HIS N   CA   sing N N 129 
HIS N   H    sing N N 130 
HIS N   H2   sing N N 131 
HIS CA  C    sing N N 132 
HIS CA  CB   sing N N 133 
HIS CA  HA   sing N N 134 
HIS C   O    doub N N 135 
HIS C   OXT  sing N N 136 
HIS CB  CG   sing N N 137 
HIS CB  HB2  sing N N 138 
HIS CB  HB3  sing N N 139 
HIS CG  ND1  sing Y N 140 
HIS CG  CD2  doub Y N 141 
HIS ND1 CE1  doub Y N 142 
HIS ND1 HD1  sing N N 143 
HIS CD2 NE2  sing Y N 144 
HIS CD2 HD2  sing N N 145 
HIS CE1 NE2  sing Y N 146 
HIS CE1 HE1  sing N N 147 
HIS NE2 HE2  sing N N 148 
HIS OXT HXT  sing N N 149 
HOH O   H1   sing N N 150 
HOH O   H2   sing N N 151 
ILE N   CA   sing N N 152 
ILE N   H    sing N N 153 
ILE N   H2   sing N N 154 
ILE CA  C    sing N N 155 
ILE CA  CB   sing N N 156 
ILE CA  HA   sing N N 157 
ILE C   O    doub N N 158 
ILE C   OXT  sing N N 159 
ILE CB  CG1  sing N N 160 
ILE CB  CG2  sing N N 161 
ILE CB  HB   sing N N 162 
ILE CG1 CD1  sing N N 163 
ILE CG1 HG12 sing N N 164 
ILE CG1 HG13 sing N N 165 
ILE CG2 HG21 sing N N 166 
ILE CG2 HG22 sing N N 167 
ILE CG2 HG23 sing N N 168 
ILE CD1 HD11 sing N N 169 
ILE CD1 HD12 sing N N 170 
ILE CD1 HD13 sing N N 171 
ILE OXT HXT  sing N N 172 
LEU N   CA   sing N N 173 
LEU N   H    sing N N 174 
LEU N   H2   sing N N 175 
LEU CA  C    sing N N 176 
LEU CA  CB   sing N N 177 
LEU CA  HA   sing N N 178 
LEU C   O    doub N N 179 
LEU C   OXT  sing N N 180 
LEU CB  CG   sing N N 181 
LEU CB  HB2  sing N N 182 
LEU CB  HB3  sing N N 183 
LEU CG  CD1  sing N N 184 
LEU CG  CD2  sing N N 185 
LEU CG  HG   sing N N 186 
LEU CD1 HD11 sing N N 187 
LEU CD1 HD12 sing N N 188 
LEU CD1 HD13 sing N N 189 
LEU CD2 HD21 sing N N 190 
LEU CD2 HD22 sing N N 191 
LEU CD2 HD23 sing N N 192 
LEU OXT HXT  sing N N 193 
LYS N   CA   sing N N 194 
LYS N   H    sing N N 195 
LYS N   H2   sing N N 196 
LYS CA  C    sing N N 197 
LYS CA  CB   sing N N 198 
LYS CA  HA   sing N N 199 
LYS C   O    doub N N 200 
LYS C   OXT  sing N N 201 
LYS CB  CG   sing N N 202 
LYS CB  HB2  sing N N 203 
LYS CB  HB3  sing N N 204 
LYS CG  CD   sing N N 205 
LYS CG  HG2  sing N N 206 
LYS CG  HG3  sing N N 207 
LYS CD  CE   sing N N 208 
LYS CD  HD2  sing N N 209 
LYS CD  HD3  sing N N 210 
LYS CE  NZ   sing N N 211 
LYS CE  HE2  sing N N 212 
LYS CE  HE3  sing N N 213 
LYS NZ  HZ1  sing N N 214 
LYS NZ  HZ2  sing N N 215 
LYS NZ  HZ3  sing N N 216 
LYS OXT HXT  sing N N 217 
MET N   CA   sing N N 218 
MET N   H    sing N N 219 
MET N   H2   sing N N 220 
MET CA  C    sing N N 221 
MET CA  CB   sing N N 222 
MET CA  HA   sing N N 223 
MET C   O    doub N N 224 
MET C   OXT  sing N N 225 
MET CB  CG   sing N N 226 
MET CB  HB2  sing N N 227 
MET CB  HB3  sing N N 228 
MET CG  SD   sing N N 229 
MET CG  HG2  sing N N 230 
MET CG  HG3  sing N N 231 
MET SD  CE   sing N N 232 
MET CE  HE1  sing N N 233 
MET CE  HE2  sing N N 234 
MET CE  HE3  sing N N 235 
MET OXT HXT  sing N N 236 
PHE N   CA   sing N N 237 
PHE N   H    sing N N 238 
PHE N   H2   sing N N 239 
PHE CA  C    sing N N 240 
PHE CA  CB   sing N N 241 
PHE CA  HA   sing N N 242 
PHE C   O    doub N N 243 
PHE C   OXT  sing N N 244 
PHE CB  CG   sing N N 245 
PHE CB  HB2  sing N N 246 
PHE CB  HB3  sing N N 247 
PHE CG  CD1  doub Y N 248 
PHE CG  CD2  sing Y N 249 
PHE CD1 CE1  sing Y N 250 
PHE CD1 HD1  sing N N 251 
PHE CD2 CE2  doub Y N 252 
PHE CD2 HD2  sing N N 253 
PHE CE1 CZ   doub Y N 254 
PHE CE1 HE1  sing N N 255 
PHE CE2 CZ   sing Y N 256 
PHE CE2 HE2  sing N N 257 
PHE CZ  HZ   sing N N 258 
PHE OXT HXT  sing N N 259 
PRO N   CA   sing N N 260 
PRO N   CD   sing N N 261 
PRO N   H    sing N N 262 
PRO CA  C    sing N N 263 
PRO CA  CB   sing N N 264 
PRO CA  HA   sing N N 265 
PRO C   O    doub N N 266 
PRO C   OXT  sing N N 267 
PRO CB  CG   sing N N 268 
PRO CB  HB2  sing N N 269 
PRO CB  HB3  sing N N 270 
PRO CG  CD   sing N N 271 
PRO CG  HG2  sing N N 272 
PRO CG  HG3  sing N N 273 
PRO CD  HD2  sing N N 274 
PRO CD  HD3  sing N N 275 
PRO OXT HXT  sing N N 276 
SER N   CA   sing N N 277 
SER N   H    sing N N 278 
SER N   H2   sing N N 279 
SER CA  C    sing N N 280 
SER CA  CB   sing N N 281 
SER CA  HA   sing N N 282 
SER C   O    doub N N 283 
SER C   OXT  sing N N 284 
SER CB  OG   sing N N 285 
SER CB  HB2  sing N N 286 
SER CB  HB3  sing N N 287 
SER OG  HG   sing N N 288 
SER OXT HXT  sing N N 289 
THR N   CA   sing N N 290 
THR N   H    sing N N 291 
THR N   H2   sing N N 292 
THR CA  C    sing N N 293 
THR CA  CB   sing N N 294 
THR CA  HA   sing N N 295 
THR C   O    doub N N 296 
THR C   OXT  sing N N 297 
THR CB  OG1  sing N N 298 
THR CB  CG2  sing N N 299 
THR CB  HB   sing N N 300 
THR OG1 HG1  sing N N 301 
THR CG2 HG21 sing N N 302 
THR CG2 HG22 sing N N 303 
THR CG2 HG23 sing N N 304 
THR OXT HXT  sing N N 305 
TRP N   CA   sing N N 306 
TRP N   H    sing N N 307 
TRP N   H2   sing N N 308 
TRP CA  C    sing N N 309 
TRP CA  CB   sing N N 310 
TRP CA  HA   sing N N 311 
TRP C   O    doub N N 312 
TRP C   OXT  sing N N 313 
TRP CB  CG   sing N N 314 
TRP CB  HB2  sing N N 315 
TRP CB  HB3  sing N N 316 
TRP CG  CD1  doub Y N 317 
TRP CG  CD2  sing Y N 318 
TRP CD1 NE1  sing Y N 319 
TRP CD1 HD1  sing N N 320 
TRP CD2 CE2  doub Y N 321 
TRP CD2 CE3  sing Y N 322 
TRP NE1 CE2  sing Y N 323 
TRP NE1 HE1  sing N N 324 
TRP CE2 CZ2  sing Y N 325 
TRP CE3 CZ3  doub Y N 326 
TRP CE3 HE3  sing N N 327 
TRP CZ2 CH2  doub Y N 328 
TRP CZ2 HZ2  sing N N 329 
TRP CZ3 CH2  sing Y N 330 
TRP CZ3 HZ3  sing N N 331 
TRP CH2 HH2  sing N N 332 
TRP OXT HXT  sing N N 333 
TYR N   CA   sing N N 334 
TYR N   H    sing N N 335 
TYR N   H2   sing N N 336 
TYR CA  C    sing N N 337 
TYR CA  CB   sing N N 338 
TYR CA  HA   sing N N 339 
TYR C   O    doub N N 340 
TYR C   OXT  sing N N 341 
TYR CB  CG   sing N N 342 
TYR CB  HB2  sing N N 343 
TYR CB  HB3  sing N N 344 
TYR CG  CD1  doub Y N 345 
TYR CG  CD2  sing Y N 346 
TYR CD1 CE1  sing Y N 347 
TYR CD1 HD1  sing N N 348 
TYR CD2 CE2  doub Y N 349 
TYR CD2 HD2  sing N N 350 
TYR CE1 CZ   doub Y N 351 
TYR CE1 HE1  sing N N 352 
TYR CE2 CZ   sing Y N 353 
TYR CE2 HE2  sing N N 354 
TYR CZ  OH   sing N N 355 
TYR OH  HH   sing N N 356 
TYR OXT HXT  sing N N 357 
VAL N   CA   sing N N 358 
VAL N   H    sing N N 359 
VAL N   H2   sing N N 360 
VAL CA  C    sing N N 361 
VAL CA  CB   sing N N 362 
VAL CA  HA   sing N N 363 
VAL C   O    doub N N 364 
VAL C   OXT  sing N N 365 
VAL CB  CG1  sing N N 366 
VAL CB  CG2  sing N N 367 
VAL CB  HB   sing N N 368 
VAL CG1 HG11 sing N N 369 
VAL CG1 HG12 sing N N 370 
VAL CG1 HG13 sing N N 371 
VAL CG2 HG21 sing N N 372 
VAL CG2 HG22 sing N N 373 
VAL CG2 HG23 sing N N 374 
VAL OXT HXT  sing N N 375 
# 
loop_
_pdbx_audit_support.funding_organization 
_pdbx_audit_support.country 
_pdbx_audit_support.grant_number 
_pdbx_audit_support.ordinal 
'National Natural Science Foundation of China (NSFC)' China 32071204 1 
'National Natural Science Foundation of China (NSFC)' China 32125008 2 
# 
_pdbx_initial_refinement_model.id               1 
_pdbx_initial_refinement_model.entity_id_list   ? 
_pdbx_initial_refinement_model.type             'experimental model' 
_pdbx_initial_refinement_model.source_name      PDB 
_pdbx_initial_refinement_model.accession_code   6LUJ 
_pdbx_initial_refinement_model.details          ? 
# 
_space_group.name_H-M_alt     'C 2 2 21' 
_space_group.name_Hall        'C 2c 2' 
_space_group.IT_number        20 
_space_group.crystal_system   orthorhombic 
_space_group.id               1 
# 
_atom_sites.entry_id                    8Y77 
_atom_sites.Cartn_transf_matrix[1][1]   ? 
_atom_sites.Cartn_transf_matrix[1][2]   ? 
_atom_sites.Cartn_transf_matrix[1][3]   ? 
_atom_sites.Cartn_transf_matrix[2][1]   ? 
_atom_sites.Cartn_transf_matrix[2][2]   ? 
_atom_sites.Cartn_transf_matrix[2][3]   ? 
_atom_sites.Cartn_transf_matrix[3][1]   ? 
_atom_sites.Cartn_transf_matrix[3][2]   ? 
_atom_sites.Cartn_transf_matrix[3][3]   ? 
_atom_sites.Cartn_transf_vector[1]      ? 
_atom_sites.Cartn_transf_vector[2]      ? 
_atom_sites.Cartn_transf_vector[3]      ? 
_atom_sites.Cartn_transform_axes        ? 
_atom_sites.fract_transf_matrix[1][1]   -0.01651253 
_atom_sites.fract_transf_matrix[1][2]   0.01104878 
_atom_sites.fract_transf_matrix[1][3]   -0.01105586 
_atom_sites.fract_transf_matrix[2][1]   -0.00711637 
_atom_sites.fract_transf_matrix[2][2]   -0.00642315 
_atom_sites.fract_transf_matrix[2][3]   0.00420966 
_atom_sites.fract_transf_matrix[3][1]   -0.00156127 
_atom_sites.fract_transf_matrix[3][2]   0.00944268 
_atom_sites.fract_transf_matrix[3][3]   0.01176847 
_atom_sites.fract_transf_vector[1]      0.445674 
_atom_sites.fract_transf_vector[2]      0.288510 
_atom_sites.fract_transf_vector[3]      0.069511 
_atom_sites.solution_primary            ? 
_atom_sites.solution_secondary          ? 
_atom_sites.solution_hydrogens          ? 
_atom_sites.special_details             ? 
# 
loop_
_atom_type.symbol 
_atom_type.scat_dispersion_real 
_atom_type.scat_dispersion_imag 
_atom_type.scat_Cromer_Mann_a1 
_atom_type.scat_Cromer_Mann_a2 
_atom_type.scat_Cromer_Mann_b1 
_atom_type.scat_Cromer_Mann_b2 
_atom_type.scat_Cromer_Mann_c 
_atom_type.scat_source 
_atom_type.scat_dispersion_source 
C ? ? 3.54356 2.42580 25.62398 1.50364  0.0 
;2-Gaussian fit: Grosse-Kunstleve RW, Sauter NK, Adams PD: Newsletter of the IUCr Commission on Crystallographic Computing 2004, 3, 22-31.
;
? 
N ? ? 4.01032 2.96436 19.97189 1.75589  0.0 
;2-Gaussian fit: Grosse-Kunstleve RW, Sauter NK, Adams PD: Newsletter of the IUCr Commission on Crystallographic Computing 2004, 3, 22-31.
;
? 
O ? ? 4.49882 3.47563 15.80542 1.70748  0.0 
;2-Gaussian fit: Grosse-Kunstleve RW, Sauter NK, Adams PD: Newsletter of the IUCr Commission on Crystallographic Computing 2004, 3, 22-31.
;
? 
S ? ? 9.55732 6.39887 1.23737  29.19336 0.0 
;2-Gaussian fit: Grosse-Kunstleve RW, Sauter NK, Adams PD: Newsletter of the IUCr Commission on Crystallographic Computing 2004, 3, 22-31.
;
? 
# 
loop_
_atom_site.group_PDB 
_atom_site.id 
_atom_site.type_symbol 
_atom_site.label_atom_id 
_atom_site.label_alt_id 
_atom_site.label_comp_id 
_atom_site.label_asym_id 
_atom_site.label_entity_id 
_atom_site.label_seq_id 
_atom_site.pdbx_PDB_ins_code 
_atom_site.Cartn_x 
_atom_site.Cartn_y 
_atom_site.Cartn_z 
_atom_site.occupancy 
_atom_site.B_iso_or_equiv 
_atom_site.pdbx_formal_charge 
_atom_site.auth_seq_id 
_atom_site.auth_comp_id 
_atom_site.auth_asym_id 
_atom_site.auth_atom_id 
_atom_site.pdbx_PDB_model_num 
ATOM   1    N N   . SER A 1 1  ? 21.09033  6.00295   -14.32171 1.000 20.83234 ? 458 SER A N   1 
ATOM   2    C CA  . SER A 1 1  ? 20.36882  5.16031   -13.37620 1.000 19.96224 ? 458 SER A CA  1 
ATOM   3    C C   . SER A 1 1  ? 19.48810  6.03526   -12.47519 1.000 18.98863 ? 458 SER A C   1 
ATOM   4    O O   . SER A 1 1  ? 19.71039  7.24854   -12.37308 1.000 17.30307 ? 458 SER A O   1 
ATOM   5    C CB  . SER A 1 1  ? 21.35420  4.30994   -12.56666 1.000 19.56074 ? 458 SER A CB  1 
ATOM   6    O OG  . SER A 1 1  ? 22.08578  5.09170   -11.64497 1.000 24.31113 ? 458 SER A OG  1 
ATOM   7    N N   . PRO A 1 2  ? 18.47106  5.43410   -11.85120 1.000 17.18194 ? 459 PRO A N   1 
ATOM   8    C CA  . PRO A 1 2  ? 17.53367  6.23476   -11.04264 1.000 14.81292 ? 459 PRO A CA  1 
ATOM   9    C C   . PRO A 1 2  ? 18.18016  6.99647   -9.90360  1.000 13.73564 ? 459 PRO A C   1 
ATOM   10   O O   . PRO A 1 2  ? 17.60667  7.98826   -9.44424  1.000 12.82467 ? 459 PRO A O   1 
ATOM   11   C CB  . PRO A 1 2  ? 16.52051  5.19552   -10.53703 1.000 15.32491 ? 459 PRO A CB  1 
ATOM   12   C CG  . PRO A 1 2  ? 16.55311  4.12903   -11.57891 1.000 17.52575 ? 459 PRO A CG  1 
ATOM   13   C CD  . PRO A 1 2  ? 18.00244  4.04481   -12.00505 1.000 18.60512 ? 459 PRO A CD  1 
ATOM   14   N N   . VAL A 1 3  ? 19.36252  6.58933   -9.43110  1.000 13.40199 ? 460 VAL A N   1 
ATOM   15   C CA  . VAL A 1 3  ? 20.02625  7.36515   -8.38944  1.000 12.01278 ? 460 VAL A CA  1 
ATOM   16   C C   . VAL A 1 3  ? 20.37711  8.76354   -8.87465  1.000 12.65010 ? 460 VAL A C   1 
ATOM   17   O O   . VAL A 1 3  ? 20.63134  9.65614   -8.05811  1.000 15.06614 ? 460 VAL A O   1 
ATOM   18   C CB  . VAL A 1 3  ? 21.26762  6.61603   -7.85230  1.000 16.32941 ? 460 VAL A CB  1 
ATOM   19   C CG1 . VAL A 1 3  ? 22.44078  6.77219   -8.81851  1.000 18.41015 ? 460 VAL A CG1 1 
ATOM   20   C CG2 . VAL A 1 3  ? 21.63561  7.11441   -6.45891  1.000 18.25692 ? 460 VAL A CG2 1 
ATOM   21   N N   . GLU A 1 4  ? 20.37939  8.98200   -10.19023 1.000 14.06033 ? 461 GLU A N   1 
ATOM   22   C CA  . GLU A 1 4  ? 20.69883  10.28131  -10.76202 1.000 15.07198 ? 461 GLU A CA  1 
ATOM   23   C C   . GLU A 1 4  ? 19.46242  11.12879  -11.03429 1.000 14.46511 ? 461 GLU A C   1 
ATOM   24   O O   . GLU A 1 4  ? 19.60114  12.28356  -11.44787 1.000 14.85493 ? 461 GLU A O   1 
ATOM   25   C CB  . GLU A 1 4  ? 21.52212  10.10588  -12.05002 1.000 15.65467 ? 461 GLU A CB  1 
ATOM   26   C CG  . GLU A 1 4  ? 22.76287  9.23883   -11.84918 1.000 19.94122 ? 461 GLU A CG  1 
ATOM   27   C CD  . GLU A 1 4  ? 23.68245  9.20543   -13.05593 1.000 27.26678 ? 461 GLU A CD  1 
ATOM   28   O OE1 . GLU A 1 4  ? 24.91768  9.25885   -12.86083 1.000 26.29143 ? 461 GLU A OE1 1 
ATOM   29   O OE2 . GLU A 1 4  ? 23.17885  9.11224   -14.19395 1.000 31.21087 ? 461 GLU A OE2 1 
ATOM   30   N N   . TRP A 1 5  ? 18.26817  10.59527  -10.79239 1.000 13.28441 ? 462 TRP A N   1 
ATOM   31   C CA  . TRP A 1 5  ? 17.04116  11.30599  -11.13709 1.000 11.55532 ? 462 TRP A CA  1 
ATOM   32   C C   . TRP A 1 5  ? 16.87709  12.57439  -10.31626 1.000 12.40485 ? 462 TRP A C   1 
ATOM   33   O O   . TRP A 1 5  ? 17.17093  12.61285  -9.11778  1.000 13.57615 ? 462 TRP A O   1 
ATOM   34   C CB  . TRP A 1 5  ? 15.81817  10.42154  -10.88782 1.000 11.95631 ? 462 TRP A CB  1 
ATOM   35   C CG  . TRP A 1 5  ? 15.63611  9.35639   -11.89894 1.000 13.58624 ? 462 TRP A CG  1 
ATOM   36   C CD1 . TRP A 1 5  ? 16.37730  9.15725   -13.03439 1.000 17.84537 ? 462 TRP A CD1 1 
ATOM   37   C CD2 . TRP A 1 5  ? 14.65616  8.31785   -11.86934 1.000 14.50755 ? 462 TRP A CD2 1 
ATOM   38   N NE1 . TRP A 1 5  ? 15.90450  8.05823   -13.71522 1.000 21.31663 ? 462 TRP A NE1 1 
ATOM   39   C CE2 . TRP A 1 5  ? 14.84480  7.52984   -13.02129 1.000 17.35388 ? 462 TRP A CE2 1 
ATOM   40   C CE3 . TRP A 1 5  ? 13.62375  7.98923   -10.98601 1.000 14.76851 ? 462 TRP A CE3 1 
ATOM   41   C CZ2 . TRP A 1 5  ? 14.04784  6.41980   -13.30395 1.000 21.22147 ? 462 TRP A CZ2 1 
ATOM   42   C CZ3 . TRP A 1 5  ? 12.82815  6.88584   -11.26912 1.000 16.02940 ? 462 TRP A CZ3 1 
ATOM   43   C CH2 . TRP A 1 5  ? 13.05003  6.11583   -12.41813 1.000 18.90973 ? 462 TRP A CH2 1 
ATOM   44   N N   . THR A 1 6  ? 16.37258  13.61187  -10.97547 1.000 11.63110 ? 463 THR A N   1 
ATOM   45   C CA  . THR A 1 6  ? 15.95278  14.83369  -10.32350 1.000 12.38456 ? 463 THR A CA  1 
ATOM   46   C C   . THR A 1 6  ? 14.58797  14.61965  -9.67344  1.000 10.74249 ? 463 THR A C   1 
ATOM   47   O O   . THR A 1 6  ? 13.92993  13.59148  -9.86390  1.000 12.22400 ? 463 THR A O   1 
ATOM   48   C CB  . THR A 1 6  ? 15.82095  15.95460  -11.36087 1.000 11.29199 ? 463 THR A CB  1 
ATOM   49   O OG1 . THR A 1 6  ? 14.78937  15.62795  -12.30409 1.000 16.13148 ? 463 THR A OG1 1 
ATOM   50   C CG2 . THR A 1 6  ? 17.13517  16.15762  -12.11145 1.000 14.60391 ? 463 THR A CG2 1 
ATOM   51   N N   . VAL A 1 7  ? 14.16272  15.60562  -8.88443  1.000 12.41173 ? 464 VAL A N   1 
ATOM   52   C CA  . VAL A 1 7  ? 12.79876  15.56557  -8.35813  1.000 11.15046 ? 464 VAL A CA  1 
ATOM   53   C C   . VAL A 1 7  ? 11.79020  15.46126  -9.49826  1.000 13.71635 ? 464 VAL A C   1 
ATOM   54   O O   . VAL A 1 7  ? 10.84179  14.66733  -9.43923  1.000 12.79220 ? 464 VAL A O   1 
ATOM   55   C CB  . VAL A 1 7  ? 12.51856  16.78000  -7.45183  1.000 14.75319 ? 464 VAL A CB  1 
ATOM   56   C CG1 . VAL A 1 7  ? 11.05602  16.77151  -7.00093  1.000 15.35056 ? 464 VAL A CG1 1 
ATOM   57   C CG2 . VAL A 1 7  ? 13.42310  16.77594  -6.24647  1.000 14.24035 ? 464 VAL A CG2 1 
ATOM   58   N N   . MET A 1 8  ? 11.97815  16.25319  -10.55826 1.000 13.75596 ? 465 MET A N   1 
ATOM   59   C CA  . MET A 1 8  ? 11.05770  16.17994  -11.68947 1.000 13.93800 ? 465 MET A CA  1 
ATOM   60   C C   . MET A 1 8  ? 11.06986  14.80407  -12.34659 1.000 12.16233 ? 465 MET A C   1 
ATOM   61   O O   . MET A 1 8  ? 10.02525  14.31828  -12.79841 1.000 13.64001 ? 465 MET A O   1 
ATOM   62   C CB  . MET A 1 8  ? 11.36793  17.28070  -12.69754 1.000 19.12473 ? 465 MET A CB  1 
ATOM   63   C CG  . MET A 1 8  ? 10.80707  18.62068  -12.27527 1.000 26.58521 ? 465 MET A CG  1 
ATOM   64   S SD  . MET A 1 8  ? 11.15132  19.89519  -13.49687 1.000 34.88725 ? 465 MET A SD  1 
ATOM   65   C CE  . MET A 1 8  ? 11.44648  18.89886  -14.96402 1.000 26.11302 ? 465 MET A CE  1 
ATOM   66   N N   . ASP A 1 9  ? 12.23745  14.15238  -12.39991 1.000 11.72312 ? 466 ASP A N   1 
ATOM   67   C CA  . ASP A 1 9  ? 12.28918  12.79194  -12.92136 1.000 11.15821 ? 466 ASP A CA  1 
ATOM   68   C C   . ASP A 1 9  ? 11.46550  11.83811  -12.05961 1.000 12.86108 ? 466 ASP A C   1 
ATOM   69   O O   . ASP A 1 9  ? 10.78854  10.94232  -12.58246 1.000 12.98304 ? 466 ASP A O   1 
ATOM   70   C CB  . ASP A 1 9  ? 13.73242  12.29834  -12.94325 1.000 13.73605 ? 466 ASP A CB  1 
ATOM   71   C CG  . ASP A 1 9  ? 14.56439  12.94321  -14.02442 1.000 16.95518 ? 466 ASP A CG  1 
ATOM   72   O OD1 . ASP A 1 9  ? 13.99262  13.34949  -15.05983 1.000 19.65990 ? 466 ASP A OD1 1 
ATOM   73   O OD2 . ASP A 1 9  ? 15.80047  13.01783  -13.83971 1.000 15.85774 ? 466 ASP A OD2 1 
ATOM   74   N N   . VAL A 1 10 ? 11.54715  11.98467  -10.73281 1.000 11.81102 ? 467 VAL A N   1 
ATOM   75   C CA  . VAL A 1 10 ? 10.75503  11.13218  -9.84386  1.000 10.27001 ? 467 VAL A CA  1 
ATOM   76   C C   . VAL A 1 10 ? 9.26651   11.34825  -10.08977 1.000 11.75890 ? 467 VAL A C   1 
ATOM   77   O O   . VAL A 1 10 ? 8.48823   10.39205  -10.16512 1.000 10.88934 ? 467 VAL A O   1 
ATOM   78   C CB  . VAL A 1 10 ? 11.13865  11.38745  -8.37396  1.000 9.96253  ? 467 VAL A CB  1 
ATOM   79   C CG1 . VAL A 1 10 ? 10.14025  10.70521  -7.43206  1.000 9.44028  ? 467 VAL A CG1 1 
ATOM   80   C CG2 . VAL A 1 10 ? 12.55064  10.87699  -8.08776  1.000 10.66667 ? 467 VAL A CG2 1 
ATOM   81   N N   . VAL A 1 11 ? 8.84958   12.61400  -10.20309 1.000 10.98243 ? 468 VAL A N   1 
ATOM   82   C CA  . VAL A 1 11 ? 7.44325   12.92463  -10.44639 1.000 11.97566 ? 468 VAL A CA  1 
ATOM   83   C C   . VAL A 1 11 ? 6.99032   12.32555  -11.76802 1.000 11.55713 ? 468 VAL A C   1 
ATOM   84   O O   . VAL A 1 11 ? 5.91399   11.71704  -11.85169 1.000 12.39669 ? 468 VAL A O   1 
ATOM   85   C CB  . VAL A 1 11 ? 7.21581   14.44610  -10.39205 1.000 11.24915 ? 468 VAL A CB  1 
ATOM   86   C CG1 . VAL A 1 11 ? 5.83249   14.81249  -10.94146 1.000 14.07842 ? 468 VAL A CG1 1 
ATOM   87   C CG2 . VAL A 1 11 ? 7.38276   14.96252  -8.97138  1.000 11.25827 ? 468 VAL A CG2 1 
ATOM   88   N N   . GLU A 1 12 ? 7.81901   12.45689  -12.81257 1.000 12.33270 ? 469 GLU A N   1 
ATOM   89   C CA  . GLU A 1 12 ? 7.46612   11.87283  -14.10199 1.000 12.04055 ? 469 GLU A CA  1 
ATOM   90   C C   . GLU A 1 12 ? 7.31866   10.36029  -13.99899 1.000 13.26159 ? 469 GLU A C   1 
ATOM   91   O O   . GLU A 1 12 ? 6.34674   9.78608   -14.50324 1.000 15.12239 ? 469 GLU A O   1 
ATOM   92   C CB  . GLU A 1 12 ? 8.49728   12.22471  -15.17174 1.000 14.98234 ? 469 GLU A CB  1 
ATOM   93   C CG  . GLU A 1 12 ? 8.33710   11.30507  -16.37117 1.000 17.02464 ? 469 GLU A CG  1 
ATOM   94   C CD  . GLU A 1 12 ? 9.07011   11.76124  -17.60766 1.000 23.75993 ? 469 GLU A CD  1 
ATOM   95   O OE1 . GLU A 1 12 ? 9.93022   12.65397  -17.50628 1.000 23.25648 ? 469 GLU A OE1 1 
ATOM   96   O OE2 . GLU A 1 12 ? 8.77665   11.20360  -18.68758 1.000 26.34476 ? 469 GLU A OE2 1 
ATOM   97   N N   . TYR A 1 13 ? 8.28199   9.69192   -13.34679 1.000 13.10035 ? 470 TYR A N   1 
ATOM   98   C CA  . TYR A 1 13 ? 8.21603   8.23900   -13.24459 1.000 14.87418 ? 470 TYR A CA  1 
ATOM   99   C C   . TYR A 1 13 ? 6.90074   7.79224   -12.62511 1.000 12.12017 ? 470 TYR A C   1 
ATOM   100  O O   . TYR A 1 13 ? 6.24148   6.86983   -13.12428 1.000 12.02335 ? 470 TYR A O   1 
ATOM   101  C CB  . TYR A 1 13 ? 9.38753   7.69873   -12.41920 1.000 12.62288 ? 470 TYR A CB  1 
ATOM   102  C CG  . TYR A 1 13 ? 9.28130   6.19952   -12.20630 1.000 12.77337 ? 470 TYR A CG  1 
ATOM   103  C CD1 . TYR A 1 13 ? 9.74676   5.31626   -13.16966 1.000 16.59454 ? 470 TYR A CD1 1 
ATOM   104  C CD2 . TYR A 1 13 ? 8.68040   5.67206   -11.06671 1.000 12.89713 ? 470 TYR A CD2 1 
ATOM   105  C CE1 . TYR A 1 13 ? 9.63462   3.95430   -13.00379 1.000 17.14357 ? 470 TYR A CE1 1 
ATOM   106  C CE2 . TYR A 1 13 ? 8.55801   4.31264   -10.89475 1.000 16.16458 ? 470 TYR A CE2 1 
ATOM   107  C CZ  . TYR A 1 13 ? 9.05040   3.45503   -11.86495 1.000 16.43456 ? 470 TYR A CZ  1 
ATOM   108  O OH  . TYR A 1 13 ? 8.93547   2.08954   -11.71502 1.000 18.78675 ? 470 TYR A OH  1 
ATOM   109  N N   . PHE A 1 14 ? 6.51384   8.41131   -11.51117 1.000 11.66914 ? 471 PHE A N   1 
ATOM   110  C CA  . PHE A 1 14 ? 5.30714   7.94806   -10.84174 1.000 12.01373 ? 471 PHE A CA  1 
ATOM   111  C C   . PHE A 1 14 ? 4.03400   8.37322   -11.56088 1.000 12.76164 ? 471 PHE A C   1 
ATOM   112  O O   . PHE A 1 14 ? 3.02069   7.66954   -11.47051 1.000 14.35280 ? 471 PHE A O   1 
ATOM   113  C CB  . PHE A 1 14 ? 5.32602   8.33446   -9.36304  1.000 12.25139 ? 471 PHE A CB  1 
ATOM   114  C CG  . PHE A 1 14 ? 6.24762   7.48067   -8.56381  1.000 10.32727 ? 471 PHE A CG  1 
ATOM   115  C CD1 . PHE A 1 14 ? 5.95281   6.14287   -8.36803  1.000 12.54864 ? 471 PHE A CD1 1 
ATOM   116  C CD2 . PHE A 1 14 ? 7.43952   7.98662   -8.07362  1.000 12.73045 ? 471 PHE A CD2 1 
ATOM   117  C CE1 . PHE A 1 14 ? 6.80277   5.32885   -7.66685  1.000 12.19060 ? 471 PHE A CE1 1 
ATOM   118  C CE2 . PHE A 1 14 ? 8.29074   7.17306   -7.35973  1.000 13.40576 ? 471 PHE A CE2 1 
ATOM   119  C CZ  . PHE A 1 14 ? 7.97422   5.84253   -7.16643  1.000 14.57770 ? 471 PHE A CZ  1 
ATOM   120  N N   . THR A 1 15 ? 4.06907   9.49185   -12.28822 1.000 12.47714 ? 472 THR A N   1 
ATOM   121  C CA  . THR A 1 15 ? 2.93684   9.84760   -13.13668 1.000 12.29521 ? 472 THR A CA  1 
ATOM   122  C C   . THR A 1 15 ? 2.74952   8.81765   -14.24121 1.000 14.63242 ? 472 THR A C   1 
ATOM   123  O O   . THR A 1 15 ? 1.64211   8.30631   -14.44599 1.000 14.50918 ? 472 THR A O   1 
ATOM   124  C CB  . THR A 1 15 ? 3.15300   11.24063  -13.71961 1.000 12.08213 ? 472 THR A CB  1 
ATOM   125  O OG1 . THR A 1 15 ? 3.31586   12.17762  -12.64590 1.000 15.31196 ? 472 THR A OG1 1 
ATOM   126  C CG2 . THR A 1 15 ? 1.95547   11.65174  -14.56848 1.000 13.47489 ? 472 THR A CG2 1 
ATOM   127  N N   . GLU A 1 16 ? 3.83637   8.48405   -14.94465 1.000 13.60525 ? 473 GLU A N   1 
ATOM   128  C CA  . GLU A 1 16 ? 3.77381   7.50022   -16.02179 1.000 13.29136 ? 473 GLU A CA  1 
ATOM   129  C C   . GLU A 1 16 ? 3.34044   6.13586   -15.50924 1.000 16.78687 ? 473 GLU A C   1 
ATOM   130  O O   . GLU A 1 16 ? 2.64313   5.39110   -16.21816 1.000 18.98618 ? 473 GLU A O   1 
ATOM   131  C CB  . GLU A 1 16 ? 5.14627   7.40704   -16.68581 1.000 15.96721 ? 473 GLU A CB  1 
ATOM   132  C CG  . GLU A 1 16 ? 5.20995   6.52118   -17.91573 1.000 16.92812 ? 473 GLU A CG  1 
ATOM   133  C CD  . GLU A 1 16 ? 4.31389   7.01710   -19.03492 1.000 18.66531 ? 473 GLU A CD  1 
ATOM   134  O OE1 . GLU A 1 16 ? 3.68515   6.17524   -19.70261 1.000 18.53463 ? 473 GLU A OE1 1 
ATOM   135  O OE2 . GLU A 1 16 ? 4.24257   8.24655   -19.23660 1.000 17.87428 ? 473 GLU A OE2 1 
ATOM   136  N N   . ALA A 1 17 ? 3.72196   5.80155   -14.27587 1.000 15.39274 ? 474 ALA A N   1 
ATOM   137  C CA  . ALA A 1 17 ? 3.40818   4.52346   -13.65340 1.000 18.69536 ? 474 ALA A CA  1 
ATOM   138  C C   . ALA A 1 17 ? 1.98173   4.44304   -13.13022 1.000 16.77790 ? 474 ALA A C   1 
ATOM   139  O O   . ALA A 1 17 ? 1.60596   3.40659   -12.56796 1.000 21.19306 ? 474 ALA A O   1 
ATOM   140  C CB  . ALA A 1 17 ? 4.39700   4.24066   -12.51377 1.000 17.59240 ? 474 ALA A CB  1 
ATOM   141  N N   . GLY A 1 18 ? 1.18480   5.49900   -13.29224 1.000 15.42840 ? 475 GLY A N   1 
ATOM   142  C CA  . GLY A 1 18 ? -0.19397  5.47384   -12.84764 1.000 16.65595 ? 475 GLY A CA  1 
ATOM   143  C C   . GLY A 1 18 ? -0.41852  5.91362   -11.41975 1.000 16.61097 ? 475 GLY A C   1 
ATOM   144  O O   . GLY A 1 18 ? -1.43878  5.54745   -10.82592 1.000 19.67174 ? 475 GLY A O   1 
ATOM   145  N N   . PHE A 1 19 ? 0.48785   6.70498   -10.85019 1.000 14.44860 ? 476 PHE A N   1 
ATOM   146  C CA  . PHE A 1 19 ? 0.32634   7.25892   -9.50649  1.000 12.90598 ? 476 PHE A CA  1 
ATOM   147  C C   . PHE A 1 19 ? 0.42142   8.78197   -9.55664  1.000 15.33886 ? 476 PHE A C   1 
ATOM   148  O O   . PHE A 1 19 ? 1.22250   9.38374   -8.83081  1.000 16.57026 ? 476 PHE A O   1 
ATOM   149  C CB  . PHE A 1 19 ? 1.37780   6.68627   -8.55662  1.000 11.96777 ? 476 PHE A CB  1 
ATOM   150  C CG  . PHE A 1 19 ? 1.33949   5.18640   -8.43545  1.000 13.44852 ? 476 PHE A CG  1 
ATOM   151  C CD1 . PHE A 1 19 ? 0.47659   4.56889   -7.54866  1.000 16.31357 ? 476 PHE A CD1 1 
ATOM   152  C CD2 . PHE A 1 19 ? 2.19535   4.40238   -9.18966  1.000 14.14057 ? 476 PHE A CD2 1 
ATOM   153  C CE1 . PHE A 1 19 ? 0.45307   3.18439   -7.43348  1.000 17.44577 ? 476 PHE A CE1 1 
ATOM   154  C CE2 . PHE A 1 19 ? 2.17627   3.01633   -9.07974  1.000 13.47594 ? 476 PHE A CE2 1 
ATOM   155  C CZ  . PHE A 1 19 ? 1.30563   2.40971   -8.19666  1.000 14.29729 ? 476 PHE A CZ  1 
ATOM   156  N N   . PRO A 1 20 ? -0.38555  9.44289   -10.40001 1.000 16.06771 ? 477 PRO A N   1 
ATOM   157  C CA  . PRO A 1 20 ? -0.24920  10.90432  -10.50834 1.000 18.55403 ? 477 PRO A CA  1 
ATOM   158  C C   . PRO A 1 20 ? -0.56959  11.64521  -9.22428  1.000 16.37980 ? 477 PRO A C   1 
ATOM   159  O O   . PRO A 1 20 ? 0.11120   12.62550  -8.90544  1.000 17.64083 ? 477 PRO A O   1 
ATOM   160  C CB  . PRO A 1 20 ? -1.21713  11.26898  -11.64132 1.000 19.05293 ? 477 PRO A CB  1 
ATOM   161  C CG  . PRO A 1 20 ? -2.22939  10.20778  -11.63923 1.000 19.76293 ? 477 PRO A CG  1 
ATOM   162  C CD  . PRO A 1 20 ? -1.49998  8.94579   -11.23459 1.000 19.28474 ? 477 PRO A CD  1 
ATOM   163  N N   . GLU A 1 21 ? -1.58124  11.20678  -8.47322  1.000 16.55222 ? 478 GLU A N   1 
ATOM   164  C CA  . GLU A 1 21 ? -1.91042  11.91459  -7.23900  1.000 17.78338 ? 478 GLU A CA  1 
ATOM   165  C C   . GLU A 1 21 ? -0.80716  11.75186  -6.20633  1.000 19.49918 ? 478 GLU A C   1 
ATOM   166  O O   . GLU A 1 21 ? -0.50139  12.68807  -5.45923  1.000 19.60102 ? 478 GLU A O   1 
ATOM   167  C CB  . GLU A 1 21 ? -3.23215  11.41230  -6.66653  1.000 21.48485 ? 478 GLU A CB  1 
ATOM   168  C CG  . GLU A 1 21 ? -4.39239  11.39753  -7.63700  1.000 22.21524 ? 478 GLU A CG  1 
ATOM   169  C CD  . GLU A 1 21 ? -5.44947  10.39621  -7.21189  1.000 34.64079 ? 478 GLU A CD  1 
ATOM   170  O OE1 . GLU A 1 21 ? -5.35918  9.22144   -7.63189  1.000 36.70655 ? 478 GLU A OE1 1 
ATOM   171  O OE2 . GLU A 1 21 ? -6.35577  10.77676  -6.44143  1.000 39.14162 ? 478 GLU A OE2 1 
ATOM   172  N N   . GLN A 1 22 ? -0.19206  10.57152  -6.15569  1.000 14.44264 ? 479 GLN A N   1 
ATOM   173  C CA  . GLN A 1 22 ? 0.86474   10.33529  -5.18180  1.000 14.01683 ? 479 GLN A CA  1 
ATOM   174  C C   . GLN A 1 22 ? 2.16290   11.01646  -5.59464  1.000 13.79641 ? 479 GLN A C   1 
ATOM   175  O O   . GLN A 1 22 ? 2.98487   11.35828  -4.73792  1.000 14.94079 ? 479 GLN A O   1 
ATOM   176  C CB  . GLN A 1 22 ? 1.07580   8.83005   -5.00520  1.000 13.38374 ? 479 GLN A CB  1 
ATOM   177  C CG  . GLN A 1 22 ? -0.08983  8.11279   -4.33512  1.000 13.42840 ? 479 GLN A CG  1 
ATOM   178  C CD  . GLN A 1 22 ? -1.23469  7.83977   -5.28998  1.000 14.78760 ? 479 GLN A CD  1 
ATOM   179  O OE1 . GLN A 1 22 ? -1.02198  7.60525   -6.47356  1.000 17.34667 ? 479 GLN A OE1 1 
ATOM   180  N NE2 . GLN A 1 22 ? -2.45555  7.87184   -4.77715  1.000 14.92329 ? 479 GLN A NE2 1 
ATOM   181  N N   . ALA A 1 23 ? 2.35370   11.24799  -6.89501  1.000 13.52052 ? 480 ALA A N   1 
ATOM   182  C CA  . ALA A 1 23 ? 3.58185   11.88707  -7.36340  1.000 14.73069 ? 480 ALA A CA  1 
ATOM   183  C C   . ALA A 1 23 ? 3.78232   13.25923  -6.73789  1.000 15.69255 ? 480 ALA A C   1 
ATOM   184  O O   . ALA A 1 23 ? 4.93015   13.68834  -6.54140  1.000 14.71216 ? 480 ALA A O   1 
ATOM   185  C CB  . ALA A 1 23 ? 3.57729   11.98775  -8.89007  1.000 14.68959 ? 480 ALA A CB  1 
ATOM   186  N N   . THR A 1 24 ? 2.68683   13.94915  -6.39360  1.000 13.61935 ? 481 THR A N   1 
ATOM   187  C CA  . THR A 1 24 ? 2.80764   15.27238  -5.79033  1.000 16.72124 ? 481 THR A CA  1 
ATOM   188  C C   . THR A 1 24 ? 3.51116   15.22398  -4.44224  1.000 15.28677 ? 481 THR A C   1 
ATOM   189  O O   . THR A 1 24 ? 4.11817   16.21829  -4.03229  1.000 17.34845 ? 481 THR A O   1 
ATOM   190  C CB  . THR A 1 24 ? 1.44083   15.96224  -5.68221  1.000 15.74928 ? 481 THR A CB  1 
ATOM   191  O OG1 . THR A 1 24 ? 0.62723   15.30364  -4.70127  1.000 19.29906 ? 481 THR A OG1 1 
ATOM   192  C CG2 . THR A 1 24 ? 0.72689   15.94238  -7.02083  1.000 20.48675 ? 481 THR A CG2 1 
ATOM   193  N N   . ALA A 1 25 ? 3.46590   14.07881  -3.74970  1.000 14.46304 ? 482 ALA A N   1 
ATOM   194  C CA  . ALA A 1 25 ? 4.15512   13.97038  -2.46926  1.000 14.16894 ? 482 ALA A CA  1 
ATOM   195  C C   . ALA A 1 25 ? 5.65696   14.10589  -2.65339  1.000 14.27098 ? 482 ALA A C   1 
ATOM   196  O O   . ALA A 1 25 ? 6.33494   14.74760  -1.84498  1.000 13.68481 ? 482 ALA A O   1 
ATOM   197  C CB  . ALA A 1 25 ? 3.81377   12.64078  -1.80150  1.000 13.90627 ? 482 ALA A CB  1 
ATOM   198  N N   . PHE A 1 26 ? 6.19027   13.52712  -3.73095  1.000 13.87373 ? 483 PHE A N   1 
ATOM   199  C CA  . PHE A 1 26 ? 7.62045   13.63707  -3.99242  1.000 14.20498 ? 483 PHE A CA  1 
ATOM   200  C C   . PHE A 1 26 ? 7.99542   15.05809  -4.39418  1.000 15.39194 ? 483 PHE A C   1 
ATOM   201  O O   . PHE A 1 26 ? 9.07466   15.54633  -4.04224  1.000 15.30408 ? 483 PHE A O   1 
ATOM   202  C CB  . PHE A 1 26 ? 8.01673   12.62363  -5.06509  1.000 14.00534 ? 483 PHE A CB  1 
ATOM   203  C CG  . PHE A 1 26 ? 7.71438   11.20133  -4.68268  1.000 13.79524 ? 483 PHE A CG  1 
ATOM   204  C CD1 . PHE A 1 26 ? 6.75009   10.47186  -5.36535  1.000 16.34692 ? 483 PHE A CD1 1 
ATOM   205  C CD2 . PHE A 1 26 ? 8.37873   10.60222  -3.63024  1.000 12.34708 ? 483 PHE A CD2 1 
ATOM   206  C CE1 . PHE A 1 26 ? 6.47060   9.15831   -5.00182  1.000 18.24731 ? 483 PHE A CE1 1 
ATOM   207  C CE2 . PHE A 1 26 ? 8.10298   9.29245   -3.26341  1.000 12.81656 ? 483 PHE A CE2 1 
ATOM   208  C CZ  . PHE A 1 26 ? 7.14760   8.57501   -3.95057  1.000 14.95241 ? 483 PHE A CZ  1 
ATOM   209  N N   . GLN A 1 27 ? 7.11182   15.74236  -5.12149  1.000 15.88909 ? 484 GLN A N   1 
ATOM   210  C CA  . GLN A 1 27 ? 7.34686   17.15086  -5.42210  1.000 15.99636 ? 484 GLN A CA  1 
ATOM   211  C C   . GLN A 1 27 ? 7.33829   17.99240  -4.14952  1.000 13.99294 ? 484 GLN A C   1 
ATOM   212  O O   . GLN A 1 27 ? 8.23074   18.82628  -3.94022  1.000 15.56816 ? 484 GLN A O   1 
ATOM   213  C CB  . GLN A 1 27 ? 6.28226   17.64893  -6.39649  1.000 18.44418 ? 484 GLN A CB  1 
ATOM   214  C CG  . GLN A 1 27 ? 6.55306   19.03984  -6.94666  1.000 22.87687 ? 484 GLN A CG  1 
ATOM   215  C CD  . GLN A 1 27 ? 7.55876   19.03307  -8.08655  1.000 31.71758 ? 484 GLN A CD  1 
ATOM   216  O OE1 . GLN A 1 27 ? 7.22090   18.70425  -9.23012  1.000 38.25445 ? 484 GLN A OE1 1 
ATOM   217  N NE2 . GLN A 1 27 ? 8.79985   19.40491  -7.78537  1.000 29.26652 ? 484 GLN A NE2 1 
ATOM   218  N N   . GLU A 1 28 ? 6.36459   17.74402  -3.26343  1.000 14.83490 ? 485 GLU A N   1 
ATOM   219  C CA  . GLU A 1 28 ? 6.17750   18.57243  -2.07286  1.000 16.95509 ? 485 GLU A CA  1 
ATOM   220  C C   . GLU A 1 28 ? 7.35310   18.46248  -1.11823  1.000 15.77837 ? 485 GLU A C   1 
ATOM   221  O O   . GLU A 1 28 ? 7.69025   19.43142  -0.42831  1.000 15.16678 ? 485 GLU A O   1 
ATOM   222  C CB  . GLU A 1 28 ? 4.92250   18.13310  -1.31405  1.000 22.22558 ? 485 GLU A CB  1 
ATOM   223  C CG  . GLU A 1 28 ? 3.59088   18.41661  -1.97147  1.000 26.08784 ? 485 GLU A CG  1 
ATOM   224  C CD  . GLU A 1 28 ? 2.43642   17.85929  -1.15040  1.000 21.18696 ? 485 GLU A CD  1 
ATOM   225  O OE1 . GLU A 1 28 ? 2.64835   16.86649  -0.40085  1.000 26.32984 ? 485 GLU A OE1 1 
ATOM   226  O OE2 . GLU A 1 28 ? 1.31877   18.40069  -1.25578  1.000 35.34634 ? 485 GLU A OE2 1 
ATOM   227  N N   . GLN A 1 29 ? 7.95470   17.28055  -1.01788  1.000 13.49908 ? 486 GLN A N   1 
ATOM   228  C CA  . GLN A 1 29 ? 9.08560   17.06677  -0.13372  1.000 14.27307 ? 486 GLN A CA  1 
ATOM   229  C C   . GLN A 1 29 ? 10.41115  17.12515  -0.87077  1.000 13.45572 ? 486 GLN A C   1 
ATOM   230  O O   . GLN A 1 29 ? 11.45494  16.87165  -0.26093  1.000 14.86235 ? 486 GLN A O   1 
ATOM   231  C CB  . GLN A 1 29 ? 8.93061   15.74530  0.61836   1.000 15.32994 ? 486 GLN A CB  1 
ATOM   232  C CG  . GLN A 1 29 ? 7.71083   15.73755  1.53906   1.000 14.36232 ? 486 GLN A CG  1 
ATOM   233  C CD  . GLN A 1 29 ? 7.66306   14.50540  2.42384   1.000 16.23264 ? 486 GLN A CD  1 
ATOM   234  O OE1 . GLN A 1 29 ? 8.70028   14.01498  2.87626   1.000 19.02497 ? 486 GLN A OE1 1 
ATOM   235  N NE2 . GLN A 1 29 ? 6.46039   13.99268  2.66139   1.000 17.01615 ? 486 GLN A NE2 1 
ATOM   236  N N   . GLU A 1 30 ? 10.38388  17.47891  -2.15834  1.000 14.89278 ? 487 GLU A N   1 
ATOM   237  C CA  . GLU A 1 30 ? 11.57794  17.61014  -2.99732  1.000 15.84871 ? 487 GLU A CA  1 
ATOM   238  C C   . GLU A 1 30 ? 12.46494  16.37116  -2.91099  1.000 14.43023 ? 487 GLU A C   1 
ATOM   239  O O   . GLU A 1 30 ? 13.65702  16.45085  -2.60860  1.000 16.77781 ? 487 GLU A O   1 
ATOM   240  C CB  . GLU A 1 30 ? 12.36110  18.88618  -2.68142  1.000 17.66171 ? 487 GLU A CB  1 
ATOM   241  C CG  . GLU A 1 30 ? 11.60785  20.16770  -3.02740  1.000 22.58109 ? 487 GLU A CG  1 
ATOM   242  C CD  . GLU A 1 30 ? 11.39264  20.34096  -4.52356  1.000 31.65085 ? 487 GLU A CD  1 
ATOM   243  O OE1 . GLU A 1 30 ? 12.36745  20.16401  -5.28873  1.000 36.57957 ? 487 GLU A OE1 1 
ATOM   244  O OE2 . GLU A 1 30 ? 10.25086  20.66079  -4.93438  1.000 37.13097 ? 487 GLU A OE2 1 
ATOM   245  N N   . ILE A 1 31 ? 11.86384  15.21480  -3.18218  1.000 11.92696 ? 488 ILE A N   1 
ATOM   246  C CA  . ILE A 1 31 ? 12.54102  13.92603  -3.05846  1.000 12.76026 ? 488 ILE A CA  1 
ATOM   247  C C   . ILE A 1 31 ? 13.10470  13.56077  -4.42554  1.000 11.14842 ? 488 ILE A C   1 
ATOM   248  O O   . ILE A 1 31 ? 12.35003  13.31271  -5.37280  1.000 13.46736 ? 488 ILE A O   1 
ATOM   249  C CB  . ILE A 1 31 ? 11.58546  12.84534  -2.54029  1.000 13.32043 ? 488 ILE A CB  1 
ATOM   250  C CG1 . ILE A 1 31 ? 11.18977  13.15555  -1.09541  1.000 13.36201 ? 488 ILE A CG1 1 
ATOM   251  C CG2 . ILE A 1 31 ? 12.23803  11.45951  -2.63777  1.000 12.65646 ? 488 ILE A CG2 1 
ATOM   252  C CD1 . ILE A 1 31 ? 10.05634  12.27989  -0.56585  1.000 14.48712 ? 488 ILE A CD1 1 
ATOM   253  N N   . ASP A 1 32 ? 14.43858  13.56158  -4.53624  1.000 11.44558 ? 489 ASP A N   1 
ATOM   254  C CA  . ASP A 1 32 ? 15.10500  13.19277  -5.77505  1.000 10.70462 ? 489 ASP A CA  1 
ATOM   255  C C   . ASP A 1 32 ? 15.31859  11.68175  -5.82638  1.000 13.90035 ? 489 ASP A C   1 
ATOM   256  O O   . ASP A 1 32 ? 14.87867  10.93860  -4.94321  1.000 11.14301 ? 489 ASP A O   1 
ATOM   257  C CB  . ASP A 1 32 ? 16.37811  14.02277  -5.99968  1.000 13.40611 ? 489 ASP A CB  1 
ATOM   258  C CG  . ASP A 1 32 ? 17.50755  13.72398  -5.00123  1.000 17.43821 ? 489 ASP A CG  1 
ATOM   259  O OD1 . ASP A 1 32 ? 17.46290  12.75210  -4.20936  1.000 14.58104 ? 489 ASP A OD1 1 
ATOM   260  O OD2 . ASP A 1 32 ? 18.49442  14.49521  -5.03053  1.000 20.16793 ? 489 ASP A OD2 1 
ATOM   261  N N   . GLY A 1 33 ? 15.97379  11.21712  -6.89077  1.000 11.94968 ? 490 GLY A N   1 
ATOM   262  C CA  . GLY A 1 33 ? 16.09760  9.78278   -7.09605  1.000 12.90274 ? 490 GLY A CA  1 
ATOM   263  C C   . GLY A 1 33 ? 16.90039  9.09082   -6.01211  1.000 11.63517 ? 490 GLY A C   1 
ATOM   264  O O   . GLY A 1 33 ? 16.53174  8.01200   -5.54594  1.000 11.87366 ? 490 GLY A O   1 
ATOM   265  N N   . LYS A 1 34 ? 18.01146  9.69923   -5.59803  1.000 9.89650  ? 491 LYS A N   1 
ATOM   266  C CA  . LYS A 1 34 ? 18.82290  9.09183   -4.54788  1.000 11.66931 ? 491 LYS A CA  1 
ATOM   267  C C   . LYS A 1 34 ? 18.02571  8.93532   -3.25595  1.000 11.35824 ? 491 LYS A C   1 
ATOM   268  O O   . LYS A 1 34 ? 18.04229  7.86728   -2.62412  1.000 12.87535 ? 491 LYS A O   1 
ATOM   269  C CB  . LYS A 1 34 ? 20.07648  9.93871   -4.32251  1.000 12.19736 ? 491 LYS A CB  1 
ATOM   270  C CG  . LYS A 1 34 ? 20.94743  9.43745   -3.18470  1.000 14.59418 ? 491 LYS A CG  1 
ATOM   271  C CD  . LYS A 1 34 ? 22.27773  10.19629  -3.16079  1.000 20.61979 ? 491 LYS A CD  1 
ATOM   272  C CE  . LYS A 1 34 ? 23.07630  9.84604   -1.91011  1.000 25.32893 ? 491 LYS A CE  1 
ATOM   273  N NZ  . LYS A 1 34 ? 24.20939  10.79396  -1.67773  1.000 30.02826 ? 491 LYS A NZ  1 
ATOM   274  N N   . SER A 1 35 ? 17.31076  9.98954   -2.85079  1.000 10.90782 ? 492 SER A N   1 
ATOM   275  C CA  . SER A 1 35 ? 16.49186  9.90879   -1.64575  1.000 12.80349 ? 492 SER A CA  1 
ATOM   276  C C   . SER A 1 35 ? 15.34354  8.92463   -1.82013  1.000 12.10937 ? 492 SER A C   1 
ATOM   277  O O   . SER A 1 35 ? 15.02940  8.15855   -0.90005  1.000 12.98939 ? 492 SER A O   1 
ATOM   278  C CB  . SER A 1 35 ? 15.94659  11.28574  -1.28269  1.000 13.61583 ? 492 SER A CB  1 
ATOM   279  O OG  . SER A 1 35 ? 16.99042  12.19182  -0.97762  1.000 21.50512 ? 492 SER A OG  1 
ATOM   280  N N   . LEU A 1 36 ? 14.70955  8.92324   -2.99563  1.000 11.29327 ? 493 LEU A N   1 
ATOM   281  C CA  . LEU A 1 36 ? 13.60906  7.99679   -3.24328  1.000 10.86616 ? 493 LEU A CA  1 
ATOM   282  C C   . LEU A 1 36 ? 14.03147  6.55652   -2.99331  1.000 10.27772 ? 493 LEU A C   1 
ATOM   283  O O   . LEU A 1 36 ? 13.35195  5.80231   -2.28403  1.000 10.87345 ? 493 LEU A O   1 
ATOM   284  C CB  . LEU A 1 36 ? 13.14517  8.14800   -4.68629  1.000 12.24373 ? 493 LEU A CB  1 
ATOM   285  C CG  . LEU A 1 36 ? 12.12822  7.08733   -5.12639  1.000 11.37313 ? 493 LEU A CG  1 
ATOM   286  C CD1 . LEU A 1 36 ? 10.74799  7.35375   -4.53564  1.000 12.87373 ? 493 LEU A CD1 1 
ATOM   287  C CD2 . LEU A 1 36 ? 12.06957  7.03654   -6.63144  1.000 12.25300 ? 493 LEU A CD2 1 
ATOM   288  N N   . LEU A 1 37 ? 15.15746  6.16135   -3.58313  1.000 11.41645 ? 494 LEU A N   1 
ATOM   289  C CA  . LEU A 1 37 ? 15.58795  4.77349   -3.52710  1.000 10.11908 ? 494 LEU A CA  1 
ATOM   290  C C   . LEU A 1 37 ? 16.03390  4.35583   -2.13568  1.000 11.19476 ? 494 LEU A C   1 
ATOM   291  O O   . LEU A 1 37 ? 16.01355  3.16008   -1.83552  1.000 11.86139 ? 494 LEU A O   1 
ATOM   292  C CB  . LEU A 1 37 ? 16.70671  4.52225   -4.53348  1.000 11.32357 ? 494 LEU A CB  1 
ATOM   293  C CG  . LEU A 1 37 ? 16.37220  4.79431   -5.99935  1.000 15.34854 ? 494 LEU A CG  1 
ATOM   294  C CD1 . LEU A 1 37 ? 17.61949  4.66904   -6.86998  1.000 16.44943 ? 494 LEU A CD1 1 
ATOM   295  C CD2 . LEU A 1 37 ? 15.25696  3.88553   -6.48657  1.000 18.71133 ? 494 LEU A CD2 1 
ATOM   296  N N   . ARG A 1 38 ? 16.41222  5.30456   -1.28047  1.000 10.32405 ? 495 ARG A N   1 
ATOM   297  C CA  . ARG A 1 38 ? 16.75375  4.97911   0.09974   1.000 12.95948 ? 495 ARG A CA  1 
ATOM   298  C C   . ARG A 1 38 ? 15.53971  4.88716   1.01411   1.000 10.39773 ? 495 ARG A C   1 
ATOM   299  O O   . ARG A 1 38 ? 15.69121  4.48541   2.17217   1.000 15.09261 ? 495 ARG A O   1 
ATOM   300  C CB  . ARG A 1 38 ? 17.69491  6.03914   0.68000   1.000 13.51293 ? 495 ARG A CB  1 
ATOM   301  C CG  . ARG A 1 38 ? 19.11511  6.00598   0.14857   1.000 13.67554 ? 495 ARG A CG  1 
ATOM   302  C CD  . ARG A 1 38 ? 19.94255  7.04712   0.86550   1.000 16.97642 ? 495 ARG A CD  1 
ATOM   303  N NE  . ARG A 1 38 ? 21.34950  6.97456   0.48329   1.000 14.86055 ? 495 ARG A NE  1 
ATOM   304  C CZ  . ARG A 1 38 ? 22.29328  7.77325   0.96781   1.000 19.17736 ? 495 ARG A CZ  1 
ATOM   305  N NH1 . ARG A 1 38 ? 21.98368  8.70531   1.86571   1.000 19.18811 ? 495 ARG A NH1 1 
ATOM   306  N NH2 . ARG A 1 38 ? 23.54777  7.63528   0.55842   1.000 16.16665 ? 495 ARG A NH2 1 
ATOM   307  N N   . MET A 1 39 ? 14.35056  5.26109   0.54579   1.000 11.44882 ? 496 MET A N   1 
ATOM   308  C CA  . MET A 1 39 ? 13.20153  5.31004   1.43825   1.000 13.09253 ? 496 MET A CA  1 
ATOM   309  C C   . MET A 1 39 ? 12.86357  3.92638   1.95891   1.000 12.62051 ? 496 MET A C   1 
ATOM   310  O O   . MET A 1 39 ? 12.75446  2.96678   1.19090   1.000 13.73854 ? 496 MET A O   1 
ATOM   311  C CB  . MET A 1 39 ? 11.99192  5.89607   0.71181   1.000 14.41413 ? 496 MET A CB  1 
ATOM   312  C CG  . MET A 1 39 ? 12.10924  7.37594   0.51351   1.000 13.16331 ? 496 MET A CG  1 
ATOM   313  S SD  . MET A 1 39 ? 10.57403  8.09038   -0.09114  1.000 21.01735 ? 496 MET A SD  1 
ATOM   314  C CE  . MET A 1 39 ? 9.58914   8.07284   1.41021   1.000 17.90204 ? 496 MET A CE  1 
ATOM   315  N N   . GLN A 1 40 ? 12.70651  3.83576   3.27360   1.000 15.62948 ? 497 GLN A N   1 
ATOM   316  C CA  . GLN A 1 40 ? 12.31092  2.59597   3.90943   1.000 19.18625 ? 497 GLN A CA  1 
ATOM   317  C C   . GLN A 1 40 ? 10.80571  2.42270   3.78228   1.000 17.26509 ? 497 GLN A C   1 
ATOM   318  O O   . GLN A 1 40 ? 10.06070  3.38532   3.60542   1.000 17.36931 ? 497 GLN A O   1 
ATOM   319  C CB  . GLN A 1 40 ? 12.71553  2.60717   5.38424   1.000 22.19585 ? 497 GLN A CB  1 
ATOM   320  C CG  . GLN A 1 40 ? 14.15989  3.02115   5.60670   1.000 28.99256 ? 497 GLN A CG  1 
ATOM   321  C CD  . GLN A 1 40 ? 14.76000  2.41242   6.85508   1.000 37.16294 ? 497 GLN A CD  1 
ATOM   322  O OE1 . GLN A 1 40 ? 15.51321  1.43698   6.78617   1.000 40.97003 ? 497 GLN A OE1 1 
ATOM   323  N NE2 . GLN A 1 40 ? 14.42830  2.98505   8.01017   1.000 38.66196 ? 497 GLN A NE2 1 
ATOM   324  N N   . ARG A 1 41 ? 10.36777  1.16738   3.87842   1.000 17.90118 ? 498 ARG A N   1 
ATOM   325  C CA  . ARG A 1 41 ? 8.95385   0.85147   3.70953   1.000 16.94750 ? 498 ARG A CA  1 
ATOM   326  C C   . ARG A 1 41 ? 8.07857   1.70734   4.61718   1.000 16.28330 ? 498 ARG A C   1 
ATOM   327  O O   . ARG A 1 41 ? 7.09448   2.30102   4.16505   1.000 16.43011 ? 498 ARG A O   1 
ATOM   328  C CB  . ARG A 1 41 ? 8.72687   -0.64027  3.96029   1.000 17.60595 ? 498 ARG A CB  1 
ATOM   329  C CG  . ARG A 1 41 ? 7.34366   -1.16240  3.56742   1.000 16.31225 ? 498 ARG A CG  1 
ATOM   330  C CD  . ARG A 1 41 ? 7.35342   -2.68803  3.58710   1.000 18.34740 ? 498 ARG A CD  1 
ATOM   331  N NE  . ARG A 1 41 ? 6.05305   -3.29326  3.31060   1.000 16.38963 ? 498 ARG A NE  1 
ATOM   332  C CZ  . ARG A 1 41 ? 5.07127   -3.40156  4.20237   1.000 16.38450 ? 498 ARG A CZ  1 
ATOM   333  N NH1 . ARG A 1 41 ? 5.22896   -2.91723  5.42895   1.000 15.07819 ? 498 ARG A NH1 1 
ATOM   334  N NH2 . ARG A 1 41 ? 3.92405   -3.98534  3.86047   1.000 16.58422 ? 498 ARG A NH2 1 
ATOM   335  N N   . THR A 1 42 ? 8.43342   1.80679   5.90183   1.000 17.72061 ? 499 THR A N   1 
ATOM   336  C CA  . THR A 1 42 ? 7.60802   2.59244   6.81075   1.000 20.43757 ? 499 THR A CA  1 
ATOM   337  C C   . THR A 1 42 ? 7.58097   4.06690   6.41851   1.000 20.04234 ? 499 THR A C   1 
ATOM   338  O O   . THR A 1 42 ? 6.54368   4.72454   6.56329   1.000 21.48176 ? 499 THR A O   1 
ATOM   339  C CB  . THR A 1 42 ? 8.04369   2.35911   8.26301   1.000 22.96587 ? 499 THR A CB  1 
ATOM   340  O OG1 . THR A 1 42 ? 7.83963   0.97531   8.59372   1.000 26.68143 ? 499 THR A OG1 1 
ATOM   341  C CG2 . THR A 1 42 ? 7.23349   3.22121   9.22192   1.000 24.19019 ? 499 THR A CG2 1 
ATOM   342  N N   . ASP A 1 43 ? 8.68885   4.58437   5.87120   1.000 18.99254 ? 500 ASP A N   1 
ATOM   343  C CA  . ASP A 1 43 ? 8.72556   5.96196   5.38051   1.000 20.84534 ? 500 ASP A CA  1 
ATOM   344  C C   . ASP A 1 43 ? 7.71265   6.17411   4.26142   1.000 15.84249 ? 500 ASP A C   1 
ATOM   345  O O   . ASP A 1 43 ? 7.02500   7.20163   4.21671   1.000 19.08324 ? 500 ASP A O   1 
ATOM   346  C CB  . ASP A 1 43 ? 10.11498  6.29490   4.82356   1.000 25.77008 ? 500 ASP A CB  1 
ATOM   347  C CG  . ASP A 1 43 ? 11.21582  6.28850   5.87285   1.000 31.46756 ? 500 ASP A CG  1 
ATOM   348  O OD1 . ASP A 1 43 ? 10.91976  6.21644   7.08496   1.000 32.85097 ? 500 ASP A OD1 1 
ATOM   349  O OD2 . ASP A 1 43 ? 12.40109  6.36586   5.45996   1.000 36.36746 ? 500 ASP A OD2 1 
ATOM   350  N N   . VAL A 1 44 ? 7.62634   5.22251   3.33125   1.000 14.11537 ? 501 VAL A N   1 
ATOM   351  C CA  . VAL A 1 44 ? 6.68744   5.36002   2.22296   1.000 14.55094 ? 501 VAL A CA  1 
ATOM   352  C C   . VAL A 1 44 ? 5.25302   5.26470   2.72325   1.000 13.70851 ? 501 VAL A C   1 
ATOM   353  O O   . VAL A 1 44 ? 4.37703   6.02042   2.28540   1.000 13.55115 ? 501 VAL A O   1 
ATOM   354  C CB  . VAL A 1 44 ? 6.97812   4.30320   1.14331   1.000 12.21664 ? 501 VAL A CB  1 
ATOM   355  C CG1 . VAL A 1 44 ? 5.98743   4.42444   0.00600   1.000 13.86200 ? 501 VAL A CG1 1 
ATOM   356  C CG2 . VAL A 1 44 ? 8.40580   4.43225   0.63774   1.000 15.05297 ? 501 VAL A CG2 1 
ATOM   357  N N   . LEU A 1 45 ? 4.98773   4.32709   3.63719   1.000 14.18251 ? 502 LEU A N   1 
ATOM   358  C CA  . LEU A 1 45 ? 3.61740   4.08057   4.07259   1.000 12.59899 ? 502 LEU A CA  1 
ATOM   359  C C   . LEU A 1 45 ? 3.08319   5.17869   4.98851   1.000 14.77631 ? 502 LEU A C   1 
ATOM   360  O O   . LEU A 1 45 ? 1.86781   5.40797   5.02030   1.000 16.54230 ? 502 LEU A O   1 
ATOM   361  C CB  . LEU A 1 45 ? 3.51818   2.71704   4.76831   1.000 12.91067 ? 502 LEU A CB  1 
ATOM   362  C CG  . LEU A 1 45 ? 4.01963   1.48370   4.00746   1.000 14.68211 ? 502 LEU A CG  1 
ATOM   363  C CD1 . LEU A 1 45 ? 3.68368   0.18685   4.77098   1.000 14.88468 ? 502 LEU A CD1 1 
ATOM   364  C CD2 . LEU A 1 45 ? 3.49150   1.42804   2.59279   1.000 16.52080 ? 502 LEU A CD2 1 
ATOM   365  N N   . THR A 1 46 ? 3.94446   5.84428   5.76419   1.000 14.77590 ? 503 THR A N   1 
ATOM   366  C CA  . THR A 1 46 ? 3.46601   6.78933   6.77258   1.000 16.95285 ? 503 THR A CA  1 
ATOM   367  C C   . THR A 1 46 ? 4.02093   8.20900   6.66179   1.000 17.61191 ? 503 THR A C   1 
ATOM   368  O O   . THR A 1 46 ? 3.61618   9.07335   7.44858   1.000 19.00217 ? 503 THR A O   1 
ATOM   369  C CB  . THR A 1 46 ? 3.74448   6.26090   8.18749   1.000 18.83708 ? 503 THR A CB  1 
ATOM   370  O OG1 . THR A 1 46 ? 5.14615   6.34376   8.46483   1.000 19.82248 ? 503 THR A OG1 1 
ATOM   371  C CG2 . THR A 1 46 ? 3.28173   4.81616   8.33177   1.000 19.54133 ? 503 THR A CG2 1 
ATOM   372  N N   . GLY A 1 47 ? 4.92500   8.48376   5.72965   1.000 14.22837 ? 504 GLY A N   1 
ATOM   373  C CA  . GLY A 1 47 ? 5.58744   9.77634   5.73554   1.000 15.16003 ? 504 GLY A CA  1 
ATOM   374  C C   . GLY A 1 47 ? 5.36150   10.62239  4.50208   1.000 15.04052 ? 504 GLY A C   1 
ATOM   375  O O   . GLY A 1 47 ? 6.00759   11.66241  4.33840   1.000 16.05057 ? 504 GLY A O   1 
ATOM   376  N N   . LEU A 1 48 ? 4.46133   10.19263  3.62304   1.000 12.95281 ? 505 LEU A N   1 
ATOM   377  C CA  . LEU A 1 48 ? 4.19567   10.90803  2.38089   1.000 12.17566 ? 505 LEU A CA  1 
ATOM   378  C C   . LEU A 1 48 ? 2.78858   11.48119  2.27343   1.000 15.48384 ? 505 LEU A C   1 
ATOM   379  O O   . LEU A 1 48 ? 2.48130   12.12905  1.26847   1.000 17.87289 ? 505 LEU A O   1 
ATOM   380  C CB  . LEU A 1 48 ? 4.44908   9.99337   1.17732   1.000 13.68517 ? 505 LEU A CB  1 
ATOM   381  C CG  . LEU A 1 48 ? 5.88562   9.53596   0.96514   1.000 12.77309 ? 505 LEU A CG  1 
ATOM   382  C CD1 . LEU A 1 48 ? 5.92178   8.52021   -0.15717  1.000 15.80797 ? 505 LEU A CD1 1 
ATOM   383  C CD2 . LEU A 1 48 ? 6.74201   10.75682  0.63160   1.000 14.23198 ? 505 LEU A CD2 1 
ATOM   384  N N   . SER A 1 49 ? 1.92729   11.25222  3.25944   1.000 15.94593 ? 506 SER A N   1 
ATOM   385  C CA  . SER A 1 49 ? 0.53472   11.70469  3.20869   1.000 15.29911 ? 506 SER A CA  1 
ATOM   386  C C   . SER A 1 49 ? -0.19259  11.17400  1.97562   1.000 18.48893 ? 506 SER A C   1 
ATOM   387  O O   . SER A 1 49 ? -0.93803  11.89913  1.31057   1.000 19.78523 ? 506 SER A O   1 
ATOM   388  C CB  . SER A 1 49 ? 0.41253   13.22700  3.31467   1.000 19.61891 ? 506 SER A CB  1 
ATOM   389  O OG  . SER A 1 49 ? 0.58320   13.64871  4.65534   1.000 25.24191 ? 506 SER A OG  1 
ATOM   390  N N   . ILE A 1 50 ? 0.03072   9.89791   1.65990   1.000 12.94929 ? 507 ILE A N   1 
ATOM   391  C CA  . ILE A 1 50 ? -0.66392  9.23609   0.56585   1.000 13.40682 ? 507 ILE A CA  1 
ATOM   392  C C   . ILE A 1 50 ? -1.44484  8.05473   1.12857   1.000 14.25797 ? 507 ILE A C   1 
ATOM   393  O O   . ILE A 1 50 ? -1.21182  7.60648   2.25066   1.000 13.54480 ? 507 ILE A O   1 
ATOM   394  C CB  . ILE A 1 50 ? 0.28259   8.79608   -0.56975  1.000 13.16072 ? 507 ILE A CB  1 
ATOM   395  C CG1 . ILE A 1 50 ? 1.29954   7.76915   -0.06138  1.000 13.30370 ? 507 ILE A CG1 1 
ATOM   396  C CG2 . ILE A 1 50 ? 0.98535   10.02204  -1.17879  1.000 12.57122 ? 507 ILE A CG2 1 
ATOM   397  C CD1 . ILE A 1 50 ? 2.18344   7.21698   -1.16373  1.000 14.76188 ? 507 ILE A CD1 1 
ATOM   398  N N   . ARG A 1 51 ? -2.40005  7.57049   0.34113   1.000 13.26151 ? 508 ARG A N   1 
ATOM   399  C CA  . ARG A 1 51 ? -3.20908  6.43761   0.77774   1.000 12.86698 ? 508 ARG A CA  1 
ATOM   400  C C   . ARG A 1 51 ? -2.37331  5.15888   0.81932   1.000 12.94671 ? 508 ARG A C   1 
ATOM   401  O O   . ARG A 1 51 ? -1.43967  4.96796   0.03773   1.000 14.18439 ? 508 ARG A O   1 
ATOM   402  C CB  . ARG A 1 51 ? -4.39947  6.24276   -0.16149  1.000 13.79743 ? 508 ARG A CB  1 
ATOM   403  C CG  . ARG A 1 51 ? -5.41951  7.37966   -0.15111  1.000 18.51416 ? 508 ARG A CG  1 
ATOM   404  C CD  . ARG A 1 51 ? -5.91523  7.68703   1.24806   1.000 23.05916 ? 508 ARG A CD  1 
ATOM   405  N NE  . ARG A 1 51 ? -7.02195  8.64137   1.22072   1.000 26.92523 ? 508 ARG A NE  1 
ATOM   406  C CZ  . ARG A 1 51 ? -7.95868  8.72809   2.16048   1.000 26.51813 ? 508 ARG A CZ  1 
ATOM   407  N NH1 . ARG A 1 51 ? -7.92864  7.91669   3.21008   1.000 23.94415 ? 508 ARG A NH1 1 
ATOM   408  N NH2 . ARG A 1 51 ? -8.92667  9.63016   2.05031   1.000 33.81486 ? 508 ARG A NH2 1 
ATOM   409  N N   . LEU A 1 52 ? -2.75658  4.25175   1.72051   1.000 11.98946 ? 509 LEU A N   1 
ATOM   410  C CA  . LEU A 1 52 ? -1.91147  3.09586   2.01972   1.000 10.63893 ? 509 LEU A CA  1 
ATOM   411  C C   . LEU A 1 52 ? -1.83145  2.13059   0.84156   1.000 11.63641 ? 509 LEU A C   1 
ATOM   412  O O   . LEU A 1 52 ? -0.77449  1.54481   0.59063   1.000 11.08075 ? 509 LEU A O   1 
ATOM   413  C CB  . LEU A 1 52 ? -2.45218  2.37992   3.25225   1.000 13.01105 ? 509 LEU A CB  1 
ATOM   414  C CG  . LEU A 1 52 ? -1.58105  1.28507   3.83849   1.000 14.70102 ? 509 LEU A CG  1 
ATOM   415  C CD1 . LEU A 1 52 ? -0.17098  1.80745   4.08373   1.000 18.63755 ? 509 LEU A CD1 1 
ATOM   416  C CD2 . LEU A 1 52 ? -2.21868  0.78537   5.12767   1.000 15.63462 ? 509 LEU A CD2 1 
ATOM   417  N N   . GLY A 1 53 ? -2.93080  1.93724   0.11315   1.000 10.15925 ? 510 GLY A N   1 
ATOM   418  C CA  . GLY A 1 53 ? -2.93608  1.03127   -1.01213  1.000 10.75409 ? 510 GLY A CA  1 
ATOM   419  C C   . GLY A 1 53 ? -1.90904  1.39006   -2.06905  1.000 10.63890 ? 510 GLY A C   1 
ATOM   420  O O   . GLY A 1 53 ? -1.01837  0.59626   -2.40598  1.000 11.03185 ? 510 GLY A O   1 
ATOM   421  N N   . PRO A 1 54 ? -2.00464  2.60980   -2.59565  1.000 11.15067 ? 511 PRO A N   1 
ATOM   422  C CA  . PRO A 1 54 ? -0.95549  3.09840   -3.50134  1.000 10.89292 ? 511 PRO A CA  1 
ATOM   423  C C   . PRO A 1 54 ? 0.42650   3.04832   -2.88069  1.000 11.10737 ? 511 PRO A C   1 
ATOM   424  O O   . PRO A 1 54 ? 1.39359   2.69600   -3.56508  1.000 11.49938 ? 511 PRO A O   1 
ATOM   425  C CB  . PRO A 1 54 ? -1.39047  4.54224   -3.78811  1.000 13.25904 ? 511 PRO A CB  1 
ATOM   426  C CG  . PRO A 1 54 ? -2.87421  4.54015   -3.55954  1.000 15.39742 ? 511 PRO A CG  1 
ATOM   427  C CD  . PRO A 1 54 ? -3.13195  3.54999   -2.46960  1.000 11.62738 ? 511 PRO A CD  1 
ATOM   428  N N   . ALA A 1 55 ? 0.54198   3.39961   -1.59940  1.000 10.45010 ? 512 ALA A N   1 
ATOM   429  C CA  . ALA A 1 55 ? 1.85870   3.43568   -0.96459  1.000 10.82607 ? 512 ALA A CA  1 
ATOM   430  C C   . ALA A 1 55 ? 2.51534   2.06446   -0.95916  1.000 10.92498 ? 512 ALA A C   1 
ATOM   431  O O   . ALA A 1 55 ? 3.71884   1.94435   -1.22300  1.000 11.01835 ? 512 ALA A O   1 
ATOM   432  C CB  . ALA A 1 55 ? 1.74685   3.99671   0.45130   1.000 11.98924 ? 512 ALA A CB  1 
ATOM   433  N N   . LEU A 1 56 ? 1.74091   1.01875   -0.65208  1.000 10.53384 ? 513 LEU A N   1 
ATOM   434  C CA  . LEU A 1 56 ? 2.26552   -0.34343  -0.66742  1.000 8.92495  ? 513 LEU A CA  1 
ATOM   435  C C   . LEU A 1 56 ? 2.79259   -0.70982  -2.04647  1.000 11.33686 ? 513 LEU A C   1 
ATOM   436  O O   . LEU A 1 56 ? 3.85429   -1.33108  -2.16938  1.000 11.89718 ? 513 LEU A O   1 
ATOM   437  C CB  . LEU A 1 56 ? 1.15722   -1.32402  -0.26457  1.000 10.15725 ? 513 LEU A CB  1 
ATOM   438  C CG  . LEU A 1 56 ? 0.75986   -1.32577  1.20601   1.000 9.33700  ? 513 LEU A CG  1 
ATOM   439  C CD1 . LEU A 1 56 ? -0.65708  -1.88343  1.35793   1.000 12.01212 ? 513 LEU A CD1 1 
ATOM   440  C CD2 . LEU A 1 56 ? 1.77136   -2.14173  2.02366   1.000 11.66230 ? 513 LEU A CD2 1 
ATOM   441  N N   . LYS A 1 57 ? 2.04201   -0.37383  -3.09763  1.000 10.98265 ? 514 LYS A N   1 
ATOM   442  C CA  . LYS A 1 57 ? 2.49519   -0.69235  -4.44765  1.000 11.81484 ? 514 LYS A CA  1 
ATOM   443  C C   . LYS A 1 57 ? 3.71606   0.13606   -4.82157  1.000 11.50510 ? 514 LYS A C   1 
ATOM   444  O O   . LYS A 1 57 ? 4.64723   -0.37121  -5.46788  1.000 12.97256 ? 514 LYS A O   1 
ATOM   445  C CB  . LYS A 1 57 ? 1.37089   -0.44643  -5.45732  1.000 13.80018 ? 514 LYS A CB  1 
ATOM   446  C CG  . LYS A 1 57 ? 0.08893   -1.22925  -5.19368  1.000 11.76051 ? 514 LYS A CG  1 
ATOM   447  C CD  . LYS A 1 57 ? -1.03246  -0.69063  -6.07655  1.000 15.02197 ? 514 LYS A CD  1 
ATOM   448  C CE  . LYS A 1 57 ? -2.21083  -1.65076  -6.17327  1.000 20.46222 ? 514 LYS A CE  1 
ATOM   449  N NZ  . LYS A 1 57 ? -3.43189  -0.91978  -6.63492  1.000 20.14355 ? 514 LYS A NZ  1 
ATOM   450  N N   . ILE A 1 58 ? 3.71256   1.42025   -4.45175  1.000 10.83837 ? 515 ILE A N   1 
ATOM   451  C CA  . ILE A 1 58 ? 4.86211   2.28231   -4.71756  1.000 9.99663  ? 515 ILE A CA  1 
ATOM   452  C C   . ILE A 1 58 ? 6.13101   1.69951   -4.11285  1.000 11.97803 ? 515 ILE A C   1 
ATOM   453  O O   . ILE A 1 58 ? 7.18300   1.68410   -4.76293  1.000 12.77440 ? 515 ILE A O   1 
ATOM   454  C CB  . ILE A 1 58 ? 4.58193   3.71915   -4.24235  1.000 9.79892  ? 515 ILE A CB  1 
ATOM   455  C CG1 . ILE A 1 58 ? 3.63925   4.39827   -5.23684  1.000 12.03298 ? 515 ILE A CG1 1 
ATOM   456  C CG2 . ILE A 1 58 ? 5.87855   4.52217   -4.13086  1.000 12.75516 ? 515 ILE A CG2 1 
ATOM   457  C CD1 . ILE A 1 58 ? 3.02879   5.68620   -4.70744  1.000 14.44775 ? 515 ILE A CD1 1 
ATOM   458  N N   . TYR A 1 59 ? 6.06055   1.20134   -2.87336  1.000 11.73211 ? 516 TYR A N   1 
ATOM   459  C CA  . TYR A 1 59 ? 7.26049   0.63998   -2.26017  1.000 11.78456 ? 516 TYR A CA  1 
ATOM   460  C C   . TYR A 1 59 ? 7.63252   -0.70048  -2.88036  1.000 14.46570 ? 516 TYR A C   1 
ATOM   461  O O   . TYR A 1 59 ? 8.76544   -0.89669  -3.33546  1.000 13.62372 ? 516 TYR A O   1 
ATOM   462  C CB  . TYR A 1 59 ? 7.11966   0.48569   -0.73934  1.000 11.32221 ? 516 TYR A CB  1 
ATOM   463  C CG  . TYR A 1 59 ? 8.37717   -0.13609  -0.17510  1.000 14.60478 ? 516 TYR A CG  1 
ATOM   464  C CD1 . TYR A 1 59 ? 9.53543   0.61625   -0.04932  1.000 16.42706 ? 516 TYR A CD1 1 
ATOM   465  C CD2 . TYR A 1 59 ? 8.42960   -1.48499  0.14790   1.000 17.82212 ? 516 TYR A CD2 1 
ATOM   466  C CE1 . TYR A 1 59 ? 10.70543  0.05187   0.43096   1.000 17.74670 ? 516 TYR A CE1 1 
ATOM   467  C CE2 . TYR A 1 59 ? 9.59652   -2.05894  0.62130   1.000 20.62440 ? 516 TYR A CE2 1 
ATOM   468  C CZ  . TYR A 1 59 ? 10.72889  -1.28086  0.76035   1.000 23.60817 ? 516 TYR A CZ  1 
ATOM   469  O OH  . TYR A 1 59 ? 11.89685  -1.83819  1.23270   1.000 25.05757 ? 516 TYR A OH  1 
ATOM   470  N N   . GLU A 1 60 ? 6.69739   -1.65172  -2.88044  1.000 12.91815 ? 517 GLU A N   1 
ATOM   471  C CA  . GLU A 1 60 ? 7.05958   -3.02754  -3.20235  1.000 14.52397 ? 517 GLU A CA  1 
ATOM   472  C C   . GLU A 1 60 ? 7.33903   -3.21004  -4.68674  1.000 13.72519 ? 517 GLU A C   1 
ATOM   473  O O   . GLU A 1 60 ? 8.22471   -3.99093  -5.06361  1.000 17.98499 ? 517 GLU A O   1 
ATOM   474  C CB  . GLU A 1 60 ? 5.95550   -3.98003  -2.74400  1.000 15.12645 ? 517 GLU A CB  1 
ATOM   475  C CG  . GLU A 1 60 ? 5.71319   -3.93958  -1.24480  1.000 20.30826 ? 517 GLU A CG  1 
ATOM   476  C CD  . GLU A 1 60 ? 6.72284   -4.76304  -0.47467  1.000 26.25094 ? 517 GLU A CD  1 
ATOM   477  O OE1 . GLU A 1 60 ? 6.77187   -4.63653  0.76770   1.000 33.09039 ? 517 GLU A OE1 1 
ATOM   478  O OE2 . GLU A 1 60 ? 7.46872   -5.53248  -1.11481  1.000 32.75996 ? 517 GLU A OE2 1 
ATOM   479  N N   . HIS A 1 61 ? 6.59671   -2.51607  -5.54384  1.000 13.85292 ? 518 HIS A N   1 
ATOM   480  C CA  . HIS A 1 61 ? 6.69943   -2.72286  -6.97784  1.000 14.94453 ? 518 HIS A CA  1 
ATOM   481  C C   . HIS A 1 61 ? 7.51027   -1.64975  -7.68501  1.000 15.13357 ? 518 HIS A C   1 
ATOM   482  O O   . HIS A 1 61 ? 7.67272   -1.71906  -8.90787  1.000 14.67234 ? 518 HIS A O   1 
ATOM   483  C CB  . HIS A 1 61 ? 5.30473   -2.83625  -7.59662  1.000 17.89732 ? 518 HIS A CB  1 
ATOM   484  C CG  . HIS A 1 61 ? 4.53856   -4.02300  -7.11297  1.000 19.38812 ? 518 HIS A CG  1 
ATOM   485  N ND1 . HIS A 1 61 ? 3.16779   -4.11494  -7.21740  1.000 24.27260 ? 518 HIS A ND1 1 
ATOM   486  C CD2 . HIS A 1 61 ? 4.94923   -5.15925  -6.50590  1.000 21.83434 ? 518 HIS A CD2 1 
ATOM   487  C CE1 . HIS A 1 61 ? 2.76888   -5.26607  -6.71035  1.000 20.66849 ? 518 HIS A CE1 1 
ATOM   488  N NE2 . HIS A 1 61 ? 3.82828   -5.91873  -6.26908  1.000 27.54251 ? 518 HIS A NE2 1 
ATOM   489  N N   . HIS A 1 62 ? 8.02098   -0.65660  -6.95673  1.000 12.46929 ? 519 HIS A N   1 
ATOM   490  C CA  . HIS A 1 62 ? 8.77299   0.40089   -7.61938  1.000 12.63185 ? 519 HIS A CA  1 
ATOM   491  C C   . HIS A 1 62 ? 10.06133  0.71410   -6.87435  1.000 13.25263 ? 519 HIS A C   1 
ATOM   492  O O   . HIS A 1 62 ? 11.14764  0.39984   -7.37135  1.000 14.11395 ? 519 HIS A O   1 
ATOM   493  C CB  . HIS A 1 62 ? 7.88596   1.62632   -7.87826  1.000 13.20310 ? 519 HIS A CB  1 
ATOM   494  C CG  . HIS A 1 62 ? 6.73728   1.31283   -8.77960  1.000 14.17778 ? 519 HIS A CG  1 
ATOM   495  N ND1 . HIS A 1 62 ? 6.85691   1.30735   -10.15202 1.000 15.29963 ? 519 HIS A ND1 1 
ATOM   496  C CD2 . HIS A 1 62 ? 5.48340   0.88273   -8.50524  1.000 15.76804 ? 519 HIS A CD2 1 
ATOM   497  C CE1 . HIS A 1 62 ? 5.70870   0.92222   -10.68487 1.000 13.69888 ? 519 HIS A CE1 1 
ATOM   498  N NE2 . HIS A 1 62 ? 4.85943   0.66132   -9.70934  1.000 15.32034 ? 519 HIS A NE2 1 
ATOM   499  N N   . ILE A 1 63 ? 9.95954   1.27686   -5.66894  1.000 12.10062 ? 520 ILE A N   1 
ATOM   500  C CA  . ILE A 1 63 ? 11.16896  1.67379   -4.94971  1.000 13.21316 ? 520 ILE A CA  1 
ATOM   501  C C   . ILE A 1 63 ? 12.10132  0.48495   -4.73765  1.000 12.67389 ? 520 ILE A C   1 
ATOM   502  O O   . ILE A 1 63 ? 13.31608  0.57802   -4.96388  1.000 13.21120 ? 520 ILE A O   1 
ATOM   503  C CB  . ILE A 1 63 ? 10.79964  2.37830   -3.63302  1.000 12.29670 ? 520 ILE A CB  1 
ATOM   504  C CG1 . ILE A 1 63 ? 10.17773  3.73372   -3.94325  1.000 12.48280 ? 520 ILE A CG1 1 
ATOM   505  C CG2 . ILE A 1 63 ? 12.02881  2.52360   -2.72401  1.000 14.04421 ? 520 ILE A CG2 1 
ATOM   506  C CD1 . ILE A 1 63 ? 9.51917   4.38549   -2.76690  1.000 13.41954 ? 520 ILE A CD1 1 
ATOM   507  N N   . LYS A 1 64 ? 11.54928  -0.65622  -4.32756  1.000 11.32906 ? 521 LYS A N   1 
ATOM   508  C CA  . LYS A 1 64 ? 12.37643  -1.80763  -3.99042  1.000 13.55954 ? 521 LYS A CA  1 
ATOM   509  C C   . LYS A 1 64 ? 13.13018  -2.34065  -5.20268  1.000 17.15378 ? 521 LYS A C   1 
ATOM   510  O O   . LYS A 1 64 ? 14.22293  -2.89801  -5.04966  1.000 17.80459 ? 521 LYS A O   1 
ATOM   511  C CB  . LYS A 1 64 ? 11.50929  -2.90120  -3.36471  1.000 16.60986 ? 521 LYS A CB  1 
ATOM   512  C CG  . LYS A 1 64 ? 12.29463  -4.09925  -2.83843  1.000 19.85999 ? 521 LYS A CG  1 
ATOM   513  C CD  . LYS A 1 64 ? 11.36913  -5.16453  -2.26084  1.000 25.03933 ? 521 LYS A CD  1 
ATOM   514  C CE  . LYS A 1 64 ? 10.78340  -6.02215  -3.37096  1.000 28.77537 ? 521 LYS A CE  1 
ATOM   515  N NZ  . LYS A 1 64 ? 10.53128  -7.41724  -2.92892  1.000 31.15971 ? 521 LYS A NZ  1 
ATOM   516  N N   . VAL A 1 65 ? 12.58742  -2.15473  -6.40741  1.000 15.10267 ? 522 VAL A N   1 
ATOM   517  C CA  . VAL A 1 65 ? 13.09883  -2.79844  -7.61293  1.000 18.48256 ? 522 VAL A CA  1 
ATOM   518  C C   . VAL A 1 65 ? 13.72283  -1.82634  -8.59935  1.000 18.76633 ? 522 VAL A C   1 
ATOM   519  O O   . VAL A 1 65 ? 14.17208  -2.25961  -9.67155  1.000 20.07359 ? 522 VAL A O   1 
ATOM   520  C CB  . VAL A 1 65 ? 12.02938  -3.66432  -8.30035  1.000 21.18636 ? 522 VAL A CB  1 
ATOM   521  C CG1 . VAL A 1 65 ? 11.54049  -4.74364  -7.35092  1.000 20.22406 ? 522 VAL A CG1 1 
ATOM   522  C CG2 . VAL A 1 65 ? 10.87771  -2.79589  -8.77105  1.000 18.75839 ? 522 VAL A CG2 1 
ATOM   523  N N   . LEU A 1 66 ? 13.76606  -0.53652  -8.28778  1.000 16.15796 ? 523 LEU A N   1 
ATOM   524  C CA  . LEU A 1 66 ? 14.34301  0.44086   -9.20754  1.000 19.16089 ? 523 LEU A CA  1 
ATOM   525  C C   . LEU A 1 66 ? 15.85836  0.45198   -9.10493  1.000 18.82361 ? 523 LEU A C   1 
ATOM   526  O O   . LEU A 1 66 ? 16.56223  0.93381   -10.00571 1.000 20.12382 ? 523 LEU A O   1 
ATOM   527  C CB  . LEU A 1 66 ? 13.79371  1.84263   -8.92973  1.000 16.60340 ? 523 LEU A CB  1 
ATOM   528  C CG  . LEU A 1 66 ? 12.49438  2.22973   -9.62039  1.000 18.61184 ? 523 LEU A CG  1 
ATOM   529  C CD1 . LEU A 1 66 ? 11.98213  3.52977   -9.03313  1.000 17.92702 ? 523 LEU A CD1 1 
ATOM   530  C CD2 . LEU A 1 66 ? 12.70597  2.34795   -11.12424 1.000 21.47214 ? 523 LEU A CD2 1 
ATOM   531  O OXT . LEU A 1 66 ? 16.41763  -0.02244  -8.11139  1.000 20.82916 ? 523 LEU A OXT 1 
ATOM   532  N N   . GLY B 2 1  ? -10.76025 -17.49994 -9.00940  1.000 32.69324 ? 703 GLY B N   1 
ATOM   533  C CA  . GLY B 2 1  ? -10.82146 -16.06342 -9.23651  1.000 32.07747 ? 703 GLY B CA  1 
ATOM   534  C C   . GLY B 2 1  ? -9.89899  -15.31960 -8.28849  1.000 31.40968 ? 703 GLY B C   1 
ATOM   535  O O   . GLY B 2 1  ? -10.31195 -14.95216 -7.18398  1.000 31.84500 ? 703 GLY B O   1 
ATOM   536  N N   . SER B 2 2  ? -8.66863  -15.07322 -8.74611  1.000 29.16457 ? 704 SER B N   1 
ATOM   537  C CA  . SER B 2 2  ? -7.57916  -14.68915 -7.85686  1.000 27.70973 ? 704 SER B CA  1 
ATOM   538  C C   . SER B 2 2  ? -7.82598  -13.34144 -7.19662  1.000 23.11173 ? 704 SER B C   1 
ATOM   539  O O   . SER B 2 2  ? -8.35437  -12.41283 -7.81187  1.000 21.31163 ? 704 SER B O   1 
ATOM   540  C CB  . SER B 2 2  ? -6.25813  -14.66968 -8.62002  1.000 26.49250 ? 704 SER B CB  1 
ATOM   541  O OG  . SER B 2 2  ? -5.87447  -15.99096 -8.96389  1.000 37.98126 ? 704 SER B OG  1 
ATOM   542  N N   . VAL B 2 3  ? -7.42083  -13.25298 -5.92542  1.000 19.00496 ? 705 VAL B N   1 
ATOM   543  C CA  . VAL B 2 3  ? -7.56262  -12.03413 -5.13969  1.000 16.72048 ? 705 VAL B CA  1 
ATOM   544  C C   . VAL B 2 3  ? -6.77892  -10.88804 -5.76045  1.000 16.56792 ? 705 VAL B C   1 
ATOM   545  O O   . VAL B 2 3  ? -7.12390  -9.71805  -5.56473  1.000 13.31997 ? 705 VAL B O   1 
ATOM   546  C CB  . VAL B 2 3  ? -7.17502  -12.33444 -3.67152  1.000 15.50813 ? 705 VAL B CB  1 
ATOM   547  C CG1 . VAL B 2 3  ? -7.06098  -11.05359 -2.84870  1.000 18.52619 ? 705 VAL B CG1 1 
ATOM   548  C CG2 . VAL B 2 3  ? -8.19701  -13.28725 -3.04518  1.000 18.56268 ? 705 VAL B CG2 1 
ATOM   549  N N   . SER B 2 4  ? -5.74421  -11.19436 -6.54583  1.000 18.66872 ? 706 SER B N   1 
ATOM   550  C CA  . SER B 2 4  ? -4.98869  -10.13394 -7.19928  1.000 17.58411 ? 706 SER B CA  1 
ATOM   551  C C   . SER B 2 4  ? -5.85917  -9.27092  -8.10201  1.000 18.35420 ? 706 SER B C   1 
ATOM   552  O O   . SER B 2 4  ? -5.47498  -8.13775  -8.40837  1.000 18.31506 ? 706 SER B O   1 
ATOM   553  C CB  . SER B 2 4  ? -3.83087  -10.71986 -8.00568  1.000 23.47675 ? 706 SER B CB  1 
ATOM   554  O OG  . SER B 2 4  ? -4.25964  -11.82731 -8.77185  1.000 26.03470 ? 706 SER B OG  1 
ATOM   555  N N   . LYS B 2 5  ? -7.01608  -9.76624  -8.53724  1.000 17.49604 ? 707 LYS B N   1 
ATOM   556  C CA  . LYS B 2 5  ? -7.88193  -8.94909  -9.37564  1.000 15.93362 ? 707 LYS B CA  1 
ATOM   557  C C   . LYS B 2 5  ? -9.05512  -8.32833  -8.62531  1.000 14.59251 ? 707 LYS B C   1 
ATOM   558  O O   . LYS B 2 5  ? -9.83298  -7.58796  -9.22897  1.000 14.49713 ? 707 LYS B O   1 
ATOM   559  C CB  . LYS B 2 5  ? -8.31377  -9.69521  -10.64378 1.000 24.05674 ? 707 LYS B CB  1 
ATOM   560  C CG  . LYS B 2 5  ? -9.30562  -10.79857 -10.46214 1.000 29.30678 ? 707 LYS B CG  1 
ATOM   561  C CD  . LYS B 2 5  ? -9.50129  -11.54708 -11.77872 1.000 33.27477 ? 707 LYS B CD  1 
ATOM   562  C CE  . LYS B 2 5  ? -10.81666 -12.30210 -11.81357 1.000 26.27821 ? 707 LYS B CE  1 
ATOM   563  N NZ  . LYS B 2 5  ? -11.45542 -12.20173 -13.16350 1.000 37.53530 ? 707 LYS B NZ  1 
ATOM   564  N N   . TRP B 2 6  ? -9.15825  -8.54501  -7.31829  1.000 13.36036 ? 708 TRP B N   1 
ATOM   565  C CA  . TRP B 2 6  ? -10.27743 -8.00685  -6.55124  1.000 12.89971 ? 708 TRP B CA  1 
ATOM   566  C C   . TRP B 2 6  ? -10.22116 -6.48592  -6.48911  1.000 11.46956 ? 708 TRP B C   1 
ATOM   567  O O   . TRP B 2 6  ? -9.14706  -5.88813  -6.38696  1.000 10.88036 ? 708 TRP B O   1 
ATOM   568  C CB  . TRP B 2 6  ? -10.22679 -8.52809  -5.11889  1.000 11.97593 ? 708 TRP B CB  1 
ATOM   569  C CG  . TRP B 2 6  ? -10.76562 -9.90862  -4.90670  1.000 13.00537 ? 708 TRP B CG  1 
ATOM   570  C CD1 . TRP B 2 6  ? -11.06524 -10.83767 -5.85976  1.000 14.43190 ? 708 TRP B CD1 1 
ATOM   571  C CD2 . TRP B 2 6  ? -11.06378 -10.51292 -3.64351  1.000 12.78840 ? 708 TRP B CD2 1 
ATOM   572  N NE1 . TRP B 2 6  ? -11.53005 -11.98858 -5.26323  1.000 15.31781 ? 708 TRP B NE1 1 
ATOM   573  C CE2 . TRP B 2 6  ? -11.54545 -11.80808 -3.90404  1.000 11.10114 ? 708 TRP B CE2 1 
ATOM   574  C CE3 . TRP B 2 6  ? -10.97680 -10.07466 -2.32006  1.000 13.09195 ? 708 TRP B CE3 1 
ATOM   575  C CZ2 . TRP B 2 6  ? -11.92305 -12.68317 -2.88446  1.000 14.58967 ? 708 TRP B CZ2 1 
ATOM   576  C CZ3 . TRP B 2 6  ? -11.35477 -10.94090 -1.30414  1.000 13.24893 ? 708 TRP B CZ3 1 
ATOM   577  C CH2 . TRP B 2 6  ? -11.82421 -12.22949 -1.59508  1.000 14.51249 ? 708 TRP B CH2 1 
ATOM   578  N N   . SER B 2 7  ? -11.39501 -5.85972  -6.51504  1.000 10.95086 ? 709 SER B N   1 
ATOM   579  C CA  . SER B 2 7  ? -11.48081 -4.42439  -6.32276  1.000 10.59367 ? 709 SER B CA  1 
ATOM   580  C C   . SER B 2 7  ? -11.31541 -4.06835  -4.84564  1.000 10.50717 ? 709 SER B C   1 
ATOM   581  O O   . SER B 2 7  ? -11.39173 -4.91694  -3.94761  1.000 10.43215 ? 709 SER B O   1 
ATOM   582  C CB  . SER B 2 7  ? -12.83771 -3.90188  -6.79331  1.000 10.74535 ? 709 SER B CB  1 
ATOM   583  O OG  . SER B 2 7  ? -13.88178 -4.47385  -6.00490  1.000 11.45148 ? 709 SER B OG  1 
ATOM   584  N N   . THR B 2 8  ? -11.12002 -2.76981  -4.60786  1.000 11.62882 ? 710 THR B N   1 
ATOM   585  C CA  . THR B 2 8  ? -11.11801 -2.24514  -3.24757  1.000 9.70998  ? 710 THR B CA  1 
ATOM   586  C C   . THR B 2 8  ? -12.40178 -2.61029  -2.50796  1.000 10.97787 ? 710 THR B C   1 
ATOM   587  O O   . THR B 2 8  ? -12.36446 -3.00206  -1.33433  1.000 11.48055 ? 710 THR B O   1 
ATOM   588  C CB  . THR B 2 8  ? -10.90693 -0.72952  -3.29588  1.000 11.50396 ? 710 THR B CB  1 
ATOM   589  O OG1 . THR B 2 8  ? -9.60836  -0.43653  -3.83378  1.000 12.79615 ? 710 THR B OG1 1 
ATOM   590  C CG2 . THR B 2 8  ? -11.00471 -0.12348  -1.92012  1.000 12.14943 ? 710 THR B CG2 1 
ATOM   591  N N   . ASP B 2 9  ? -13.55475 -2.50073  -3.17789  1.000 9.90609  ? 711 ASP B N   1 
ATOM   592  C CA  . ASP B 2 9  ? -14.80692 -2.83166  -2.50287  1.000 13.05207 ? 711 ASP B CA  1 
ATOM   593  C C   . ASP B 2 9  ? -14.85576 -4.30192  -2.11660  1.000 10.63957 ? 711 ASP B C   1 
ATOM   594  O O   . ASP B 2 9  ? -15.36077 -4.64763  -1.04431  1.000 13.70155 ? 711 ASP B O   1 
ATOM   595  C CB  . ASP B 2 9  ? -16.00363 -2.47206  -3.37921  1.000 12.83179 ? 711 ASP B CB  1 
ATOM   596  C CG  . ASP B 2 9  ? -17.28589 -2.29109  -2.56972  1.000 20.17184 ? 711 ASP B CG  1 
ATOM   597  O OD1 . ASP B 2 9  ? -18.33050 -2.85808  -2.95482  1.000 22.47151 ? 711 ASP B OD1 1 
ATOM   598  O OD2 . ASP B 2 9  ? -17.25329 -1.57725  -1.54184  1.000 20.93892 ? 711 ASP B OD2 1 
ATOM   599  N N   . GLU B 2 10 ? -14.34570 -5.18534  -2.97952  1.000 10.88592 ? 712 GLU B N   1 
ATOM   600  C CA  . GLU B 2 10 ? -14.33854 -6.60821  -2.65429  1.000 11.45346 ? 712 GLU B CA  1 
ATOM   601  C C   . GLU B 2 10 ? -13.48785 -6.89753  -1.42798  1.000 11.91259 ? 712 GLU B C   1 
ATOM   602  O O   . GLU B 2 10 ? -13.85115 -7.73789  -0.59934  1.000 12.12624 ? 712 GLU B O   1 
ATOM   603  C CB  . GLU B 2 10 ? -13.80853 -7.41060  -3.83634  1.000 13.67347 ? 712 GLU B CB  1 
ATOM   604  C CG  . GLU B 2 10 ? -14.84747 -7.74910  -4.86112  1.000 12.54691 ? 712 GLU B CG  1 
ATOM   605  C CD  . GLU B 2 10 ? -14.25194 -8.57389  -5.97910  1.000 16.97537 ? 712 GLU B CD  1 
ATOM   606  O OE1 . GLU B 2 10 ? -13.67233 -7.98184  -6.91678  1.000 13.33957 ? 712 GLU B OE1 1 
ATOM   607  O OE2 . GLU B 2 10 ? -14.33268 -9.81479  -5.90579  1.000 14.59861 ? 712 GLU B OE2 1 
ATOM   608  N N   . VAL B 2 11 ? -12.32991 -6.24365  -1.31376  1.000 10.36402 ? 713 VAL B N   1 
ATOM   609  C CA  . VAL B 2 11 ? -11.48050 -6.45460  -0.14413  1.000 10.87113 ? 713 VAL B CA  1 
ATOM   610  C C   . VAL B 2 11 ? -12.21216 -6.00318  1.11284   1.000 13.09750 ? 713 VAL B C   1 
ATOM   611  O O   . VAL B 2 11 ? -12.24867 -6.71445  2.12839   1.000 10.83133 ? 713 VAL B O   1 
ATOM   612  C CB  . VAL B 2 11 ? -10.14337 -5.71376  -0.32187  1.000 9.97324  ? 713 VAL B CB  1 
ATOM   613  C CG1 . VAL B 2 11 ? -9.33336  -5.73918  0.97957   1.000 10.31640 ? 713 VAL B CG1 1 
ATOM   614  C CG2 . VAL B 2 11 ? -9.33597  -6.34366  -1.46111  1.000 11.16662 ? 713 VAL B CG2 1 
ATOM   615  N N   . SER B 2 12 ? -12.82480 -4.81907  1.04896   1.000 11.24859 ? 714 SER B N   1 
ATOM   616  C CA  . SER B 2 12 ? -13.53099 -4.27511  2.20237   1.000 10.74575 ? 714 SER B CA  1 
ATOM   617  C C   . SER B 2 12 ? -14.68180 -5.18422  2.61223   1.000 11.10287 ? 714 SER B C   1 
ATOM   618  O O   . SER B 2 12 ? -14.88109 -5.46132  3.80101   1.000 10.79241 ? 714 SER B O   1 
ATOM   619  C CB  . SER B 2 12 ? -14.06772 -2.88619  1.86083   1.000 12.64298 ? 714 SER B CB  1 
ATOM   620  O OG  . SER B 2 12 ? -14.99051 -2.47204  2.85933   1.000 17.89028 ? 714 SER B OG  1 
ATOM   621  N N   . GLU B 2 13 ? -15.45490 -5.65467  1.63327   1.000 11.69667 ? 715 GLU B N   1 
ATOM   622  C CA  . GLU B 2 13 ? -16.58799 -6.51796  1.94257   1.000 13.24241 ? 715 GLU B CA  1 
ATOM   623  C C   . GLU B 2 13 ? -16.12453 -7.85215  2.51244   1.000 10.16501 ? 715 GLU B C   1 
ATOM   624  O O   . GLU B 2 13 ? -16.76263 -8.40002  3.42517   1.000 12.77204 ? 715 GLU B O   1 
ATOM   625  C CB  . GLU B 2 13 ? -17.42855 -6.73257  0.68872   1.000 15.26189 ? 715 GLU B CB  1 
ATOM   626  C CG  . GLU B 2 13 ? -18.16632 -5.47598  0.21785   1.000 16.10304 ? 715 GLU B CG  1 
ATOM   627  C CD  . GLU B 2 13 ? -19.33979 -5.11413  1.10431   1.000 22.16802 ? 715 GLU B CD  1 
ATOM   628  O OE1 . GLU B 2 13 ? -19.33304 -4.00767  1.69468   1.000 23.26867 ? 715 GLU B OE1 1 
ATOM   629  O OE2 . GLU B 2 13 ? -20.27270 -5.93657  1.19907   1.000 24.95912 ? 715 GLU B OE2 1 
ATOM   630  N N   . PHE B 2 14 ? -15.01090 -8.39274  2.00445   1.000 9.92984  ? 716 PHE B N   1 
ATOM   631  C CA  . PHE B 2 14 ? -14.47340 -9.61606  2.59130   1.000 10.98607 ? 716 PHE B CA  1 
ATOM   632  C C   . PHE B 2 14 ? -14.09402 -9.40815  4.05310   1.000 11.87741 ? 716 PHE B C   1 
ATOM   633  O O   . PHE B 2 14 ? -14.43688 -10.22386 4.91828   1.000 11.41863 ? 716 PHE B O   1 
ATOM   634  C CB  . PHE B 2 14 ? -13.26215 -10.14549 1.81531   1.000 13.03154 ? 716 PHE B CB  1 
ATOM   635  C CG  . PHE B 2 14 ? -12.73128 -11.41975 2.40412   1.000 11.29575 ? 716 PHE B CG  1 
ATOM   636  C CD1 . PHE B 2 14 ? -13.33611 -12.62174 2.09745   1.000 12.99055 ? 716 PHE B CD1 1 
ATOM   637  C CD2 . PHE B 2 14 ? -11.69122 -11.40483 3.32696   1.000 13.45226 ? 716 PHE B CD2 1 
ATOM   638  C CE1 . PHE B 2 14 ? -12.90163 -13.80546 2.66667   1.000 14.65332 ? 716 PHE B CE1 1 
ATOM   639  C CE2 . PHE B 2 14 ? -11.24891 -12.58632 3.90148   1.000 15.00361 ? 716 PHE B CE2 1 
ATOM   640  C CZ  . PHE B 2 14 ? -11.85783 -13.78794 3.56701   1.000 15.76704 ? 716 PHE B CZ  1 
ATOM   641  N N   . ILE B 2 15 ? -13.36770 -8.32604  4.34491   1.000 10.28250 ? 717 ILE B N   1 
ATOM   642  C CA  . ILE B 2 15 ? -12.95326 -8.07042  5.71950   1.000 10.35683 ? 717 ILE B CA  1 
ATOM   643  C C   . ILE B 2 15 ? -14.16697 -7.96173  6.63591   1.000 12.73919 ? 717 ILE B C   1 
ATOM   644  O O   . ILE B 2 15 ? -14.18196 -8.52745  7.73763   1.000 11.77598 ? 717 ILE B O   1 
ATOM   645  C CB  . ILE B 2 15 ? -12.03384 -6.83518  5.77293   1.000 12.24416 ? 717 ILE B CB  1 
ATOM   646  C CG1 . ILE B 2 15 ? -10.68369 -7.16697  5.13048   1.000 13.33857 ? 717 ILE B CG1 1 
ATOM   647  C CG2 . ILE B 2 15 ? -11.86345 -6.34263  7.21623   1.000 15.24874 ? 717 ILE B CG2 1 
ATOM   648  C CD1 . ILE B 2 15 ? -9.86874  -5.93972  4.78389   1.000 16.57137 ? 717 ILE B CD1 1 
ATOM   649  N N   . GLN B 2 16 ? -15.22345 -7.28548  6.17392   1.000 13.35030 ? 718 GLN B N   1 
ATOM   650  C CA  . GLN B 2 16 ? -16.42086 -7.12071  6.99051   1.000 13.50829 ? 718 GLN B CA  1 
ATOM   651  C C   . GLN B 2 16 ? -17.11227 -8.43753  7.28464   1.000 16.65711 ? 718 GLN B C   1 
ATOM   652  O O   . GLN B 2 16 ? -17.86921 -8.51602  8.25843   1.000 16.35217 ? 718 GLN B O   1 
ATOM   653  C CB  . GLN B 2 16 ? -17.41706 -6.20500  6.28661   1.000 13.25507 ? 718 GLN B CB  1 
ATOM   654  C CG  . GLN B 2 16 ? -16.96544 -4.75933  6.20304   1.000 14.28336 ? 718 GLN B CG  1 
ATOM   655  C CD  . GLN B 2 16 ? -17.92932 -3.92432  5.38725   1.000 19.63826 ? 718 GLN B CD  1 
ATOM   656  O OE1 . GLN B 2 16 ? -19.08142 -3.75554  5.77125   1.000 20.86803 ? 718 GLN B OE1 1 
ATOM   657  N NE2 . GLN B 2 16 ? -17.46785 -3.40490  4.25389   1.000 18.22433 ? 718 GLN B NE2 1 
ATOM   658  N N   . SER B 2 17 ? -16.88039 -9.46619  6.46746   1.000 13.32955 ? 719 SER B N   1 
ATOM   659  C CA  . SER B 2 17 ? -17.49225 -10.76520 6.72401   1.000 16.18255 ? 719 SER B CA  1 
ATOM   660  C C   . SER B 2 17 ? -16.74716 -11.58716 7.76971   1.000 15.53353 ? 719 SER B C   1 
ATOM   661  O O   . SER B 2 17 ? -17.26915 -12.62228 8.20931   1.000 19.22521 ? 719 SER B O   1 
ATOM   662  C CB  . SER B 2 17 ? -17.65181 -11.55820 5.42170   1.000 13.97840 ? 719 SER B CB  1 
ATOM   663  O OG  . SER B 2 17 ? -16.40874 -12.09209 4.98769   1.000 15.81654 ? 719 SER B OG  1 
ATOM   664  N N   . LEU B 2 18 ? -15.55115 -11.16421 8.18282   1.000 13.01043 ? 720 LEU B N   1 
ATOM   665  C CA  . LEU B 2 18 ? -14.81153 -11.86474 9.22238   1.000 15.13778 ? 720 LEU B CA  1 
ATOM   666  C C   . LEU B 2 18 ? -15.36040 -11.46854 10.59031  1.000 20.03915 ? 720 LEU B C   1 
ATOM   667  O O   . LEU B 2 18 ? -15.72781 -10.30815 10.79941  1.000 17.30343 ? 720 LEU B O   1 
ATOM   668  C CB  . LEU B 2 18 ? -13.31670 -11.52679 9.15450   1.000 16.71181 ? 720 LEU B CB  1 
ATOM   669  C CG  . LEU B 2 18 ? -12.60424 -11.86871 7.84067   1.000 14.22836 ? 720 LEU B CG  1 
ATOM   670  C CD1 . LEU B 2 18 ? -11.16128 -11.37182 7.87766   1.000 13.84550 ? 720 LEU B CD1 1 
ATOM   671  C CD2 . LEU B 2 18 ? -12.65694 -13.36465 7.53791   1.000 17.83272 ? 720 LEU B CD2 1 
ATOM   672  N N   . PRO B 2 19 ? -15.41791 -12.40386 11.53873  1.000 26.57735 ? 721 PRO B N   1 
ATOM   673  C CA  . PRO B 2 19 ? -16.04708 -12.09764 12.82924  1.000 27.99299 ? 721 PRO B CA  1 
ATOM   674  C C   . PRO B 2 19 ? -15.22935 -11.06142 13.58342  1.000 24.66419 ? 721 PRO B C   1 
ATOM   675  O O   . PRO B 2 19 ? -14.01429 -11.19721 13.72811  1.000 25.03137 ? 721 PRO B O   1 
ATOM   676  C CB  . PRO B 2 19 ? -16.04135 -13.45079 13.54870  1.000 30.32738 ? 721 PRO B CB  1 
ATOM   677  C CG  . PRO B 2 19 ? -14.87344 -14.17811 12.96776  1.000 28.07688 ? 721 PRO B CG  1 
ATOM   678  C CD  . PRO B 2 19 ? -14.77378 -13.73370 11.53145  1.000 25.41119 ? 721 PRO B CD  1 
ATOM   679  N N   . GLY B 2 20 ? -15.89827 -10.00313 14.03894  1.000 21.44230 ? 722 GLY B N   1 
ATOM   680  C CA  . GLY B 2 20 ? -15.19595 -8.95144  14.74542  1.000 21.50122 ? 722 GLY B CA  1 
ATOM   681  C C   . GLY B 2 20 ? -14.49511 -7.94719  13.85957  1.000 21.73059 ? 722 GLY B C   1 
ATOM   682  O O   . GLY B 2 20 ? -13.78622 -7.07295  14.37202  1.000 19.88178 ? 722 GLY B O   1 
ATOM   683  N N   . CYS B 2 21 ? -14.66924 -8.03987  12.54602  1.000 16.31130 ? 723 CYS B N   1 
ATOM   684  C CA  . CYS B 2 21 ? -14.04326 -7.10568  11.61939  1.000 14.21632 ? 723 CYS B CA  1 
ATOM   685  C C   . CYS B 2 21 ? -15.05464 -6.24448  10.87885  1.000 15.57512 ? 723 CYS B C   1 
ATOM   686  O O   . CYS B 2 21 ? -14.67672 -5.54688  9.93321   1.000 13.16263 ? 723 CYS B O   1 
ATOM   687  C CB  . CYS B 2 21 ? -13.16218 -7.85597  10.62116  1.000 14.56301 ? 723 CYS B CB  1 
ATOM   688  S SG  . CYS B 2 21 ? -11.75183 -8.70427  11.34528  1.000 18.85677 ? 723 CYS B SG  1 
ATOM   689  N N   . GLU B 2 22 ? -16.32863 -6.28010  11.28594  1.000 16.52622 ? 724 GLU B N   1 
ATOM   690  C CA  . GLU B 2 22 ? -17.36287 -5.50721  10.60558  1.000 17.23034 ? 724 GLU B CA  1 
ATOM   691  C C   . GLU B 2 22 ? -17.03342 -4.02168  10.57867  1.000 16.26761 ? 724 GLU B C   1 
ATOM   692  O O   . GLU B 2 22 ? -17.37631 -3.32431  9.61824   1.000 17.69466 ? 724 GLU B O   1 
ATOM   693  C CB  . GLU B 2 22 ? -18.70829 -5.73023  11.30438  1.000 20.27178 ? 724 GLU B CB  1 
ATOM   694  C CG  . GLU B 2 22 ? -19.21848 -7.16341  11.25037  1.000 26.49528 ? 724 GLU B CG  1 
ATOM   695  C CD  . GLU B 2 22 ? -18.75927 -8.01482  12.43130  1.000 26.77881 ? 724 GLU B CD  1 
ATOM   696  O OE1 . GLU B 2 22 ? -17.79718 -7.63251  13.12636  1.000 22.31548 ? 724 GLU B OE1 1 
ATOM   697  O OE2 . GLU B 2 22 ? -19.37614 -9.07563  12.67255  1.000 34.94440 ? 724 GLU B OE2 1 
ATOM   698  N N   . GLU B 2 23 ? -16.36246 -3.52147  11.61142  1.000 15.84152 ? 725 GLU B N   1 
ATOM   699  C CA  . GLU B 2 23 ? -16.06160 -2.09952  11.69325  1.000 15.70010 ? 725 GLU B CA  1 
ATOM   700  C C   . GLU B 2 23 ? -14.84743 -1.69184  10.87138  1.000 17.60559 ? 725 GLU B C   1 
ATOM   701  O O   . GLU B 2 23 ? -14.57112 -0.49253  10.77258  1.000 18.28134 ? 725 GLU B O   1 
ATOM   702  C CB  . GLU B 2 23 ? -15.81540 -1.70336  13.15079  1.000 16.50206 ? 725 GLU B CB  1 
ATOM   703  C CG  . GLU B 2 23 ? -17.01206 -1.88525  14.04708  1.000 20.34839 ? 725 GLU B CG  1 
ATOM   704  C CD  . GLU B 2 23 ? -18.10995 -0.90848  13.71441  1.000 23.43249 ? 725 GLU B CD  1 
ATOM   705  O OE1 . GLU B 2 23 ? -17.79221 0.28538   13.50414  1.000 22.32384 ? 725 GLU B OE1 1 
ATOM   706  O OE2 . GLU B 2 23 ? -19.28396 -1.33093  13.66032  1.000 25.33462 ? 725 GLU B OE2 1 
ATOM   707  N N   . HIS B 2 24 ? -14.12729 -2.63956  10.27264  1.000 14.38423 ? 726 HIS B N   1 
ATOM   708  C CA  . HIS B 2 24 ? -12.80629 -2.36322  9.72401   1.000 14.35055 ? 726 HIS B CA  1 
ATOM   709  C C   . HIS B 2 24 ? -12.73906 -2.35229  8.20381   1.000 16.42442 ? 726 HIS B C   1 
ATOM   710  O O   . HIS B 2 24 ? -11.67577 -2.03835  7.64816   1.000 16.30143 ? 726 HIS B O   1 
ATOM   711  C CB  . HIS B 2 24 ? -11.78776 -3.35095  10.29380  1.000 15.32509 ? 726 HIS B CB  1 
ATOM   712  C CG  . HIS B 2 24 ? -11.59647 -3.21691  11.76881  1.000 15.99430 ? 726 HIS B CG  1 
ATOM   713  N ND1 . HIS B 2 24 ? -11.35772 -2.00318  12.37370  1.000 18.00296 ? 726 HIS B ND1 1 
ATOM   714  C CD2 . HIS B 2 24 ? -11.61838 -4.13742  12.76251  1.000 19.26674 ? 726 HIS B CD2 1 
ATOM   715  C CE1 . HIS B 2 24 ? -11.22490 -2.18274  13.67639  1.000 16.32664 ? 726 HIS B CE1 1 
ATOM   716  N NE2 . HIS B 2 24 ? -11.38702 -3.46705  13.93937  1.000 17.88148 ? 726 HIS B NE2 1 
ATOM   717  N N   . GLY B 2 25 ? -13.82247 -2.69001  7.50974   1.000 14.05438 ? 727 GLY B N   1 
ATOM   718  C CA  . GLY B 2 25 ? -13.79905 -2.59690  6.05927   1.000 15.25638 ? 727 GLY B CA  1 
ATOM   719  C C   . GLY B 2 25 ? -13.60344 -1.17067  5.57460   1.000 14.81706 ? 727 GLY B C   1 
ATOM   720  O O   . GLY B 2 25 ? -12.93459 -0.93310  4.56431   1.000 14.30638 ? 727 GLY B O   1 
ATOM   721  N N   . LYS B 2 26 ? -14.17696 -0.19991  6.29644   1.000 12.89439 ? 728 LYS B N   1 
ATOM   722  C CA  . LYS B 2 26 ? -14.19549 1.17754   5.81206   1.000 12.78432 ? 728 LYS B CA  1 
ATOM   723  C C   . LYS B 2 26 ? -12.78939 1.74206   5.65112   1.000 12.57309 ? 728 LYS B C   1 
ATOM   724  O O   . LYS B 2 26 ? -12.50405 2.43950   4.67059   1.000 12.83742 ? 728 LYS B O   1 
ATOM   725  C CB  . LYS B 2 26 ? -15.00751 2.05622   6.75802   1.000 15.11990 ? 728 LYS B CB  1 
ATOM   726  C CG  . LYS B 2 26 ? -15.26879 3.44441   6.21149   1.000 15.27614 ? 728 LYS B CG  1 
ATOM   727  C CD  . LYS B 2 26 ? -16.26634 4.19311   7.09099   1.000 17.97668 ? 728 LYS B CD  1 
ATOM   728  C CE  . LYS B 2 26 ? -16.47042 5.62693   6.62766   1.000 18.39697 ? 728 LYS B CE  1 
ATOM   729  N NZ  . LYS B 2 26 ? -17.11027 5.71626   5.28878   1.000 23.35061 ? 728 LYS B NZ  1 
ATOM   730  N N   . VAL B 2 27 ? -11.89440 1.46380   6.60116   1.000 11.93639 ? 729 VAL B N   1 
ATOM   731  C CA  . VAL B 2 27 ? -10.53867 1.99337   6.46754   1.000 12.08161 ? 729 VAL B CA  1 
ATOM   732  C C   . VAL B 2 27 ? -9.82780  1.37584   5.27169   1.000 14.05744 ? 729 VAL B C   1 
ATOM   733  O O   . VAL B 2 27 ? -9.06631  2.05642   4.57532   1.000 12.90905 ? 729 VAL B O   1 
ATOM   734  C CB  . VAL B 2 27 ? -9.73302  1.85464   7.77604   1.000 12.22032 ? 729 VAL B CB  1 
ATOM   735  C CG1 . VAL B 2 27 ? -9.47502  0.38642   8.13004   1.000 14.56699 ? 729 VAL B CG1 1 
ATOM   736  C CG2 . VAL B 2 27 ? -8.42562  2.62933   7.67069   1.000 14.81168 ? 729 VAL B CG2 1 
ATOM   737  N N   . PHE B 2 28 ? -10.07938 0.09216   4.99699   1.000 11.80257 ? 730 PHE B N   1 
ATOM   738  C CA  . PHE B 2 28 ? -9.45536  -0.51974  3.82754   1.000 12.82286 ? 730 PHE B CA  1 
ATOM   739  C C   . PHE B 2 28 ? -9.96160  0.12303   2.54495   1.000 12.06433 ? 730 PHE B C   1 
ATOM   740  O O   . PHE B 2 28 ? -9.18039  0.37671   1.61797   1.000 13.03120 ? 730 PHE B O   1 
ATOM   741  C CB  . PHE B 2 28 ? -9.68095  -2.03256  3.82108   1.000 13.00730 ? 730 PHE B CB  1 
ATOM   742  C CG  . PHE B 2 28 ? -8.74407  -2.77968  4.73158   1.000 13.10854 ? 730 PHE B CG  1 
ATOM   743  C CD1 . PHE B 2 28 ? -8.98143  -2.83111  6.09949   1.000 11.97879 ? 730 PHE B CD1 1 
ATOM   744  C CD2 . PHE B 2 28 ? -7.63369  -3.42090  4.22254   1.000 15.75393 ? 730 PHE B CD2 1 
ATOM   745  C CE1 . PHE B 2 28 ? -8.10449  -3.51095  6.95003   1.000 15.67609 ? 730 PHE B CE1 1 
ATOM   746  C CE2 . PHE B 2 28 ? -6.76004  -4.10333  5.05860   1.000 14.50462 ? 730 PHE B CE2 1 
ATOM   747  C CZ  . PHE B 2 28 ? -6.98974  -4.14533  6.42330   1.000 14.75366 ? 730 PHE B CZ  1 
ATOM   748  N N   . LYS B 2 29 ? -11.25659 0.43199   2.49015   1.000 12.62119 ? 731 LYS B N   1 
ATOM   749  C CA  . LYS B 2 29 ? -11.81570 1.09683   1.31855   1.000 11.75566 ? 731 LYS B CA  1 
ATOM   750  C C   . LYS B 2 29 ? -11.23242 2.49371   1.15126   1.000 11.27185 ? 731 LYS B C   1 
ATOM   751  O O   . LYS B 2 29 ? -10.83137 2.88527   0.04693   1.000 13.21075 ? 731 LYS B O   1 
ATOM   752  C CB  . LYS B 2 29 ? -13.34010 1.15528   1.42498   1.000 16.12927 ? 731 LYS B CB  1 
ATOM   753  C CG  . LYS B 2 29 ? -13.98300 2.17691   0.52281   1.000 18.23735 ? 731 LYS B CG  1 
ATOM   754  C CD  . LYS B 2 29 ? -14.02904 1.67572   -0.89684  1.000 24.25367 ? 731 LYS B CD  1 
ATOM   755  C CE  . LYS B 2 29 ? -14.97283 0.50225   -1.00227  1.000 27.29241 ? 731 LYS B CE  1 
ATOM   756  N NZ  . LYS B 2 29 ? -15.59097 0.43492   -2.34735  1.000 29.39925 ? 731 LYS B NZ  1 
ATOM   757  N N   . ASP B 2 30 ? -11.15541 3.25431   2.24807   1.000 12.12538 ? 732 ASP B N   1 
ATOM   758  C CA  . ASP B 2 30 ? -10.68112 4.62926   2.15271   1.000 13.58355 ? 732 ASP B CA  1 
ATOM   759  C C   . ASP B 2 30 ? -9.20641  4.68762   1.79128   1.000 14.30145 ? 732 ASP B C   1 
ATOM   760  O O   . ASP B 2 30 ? -8.75505  5.66537   1.18157   1.000 15.39174 ? 732 ASP B O   1 
ATOM   761  C CB  . ASP B 2 30 ? -10.92798 5.34930   3.47157   1.000 14.25848 ? 732 ASP B CB  1 
ATOM   762  C CG  . ASP B 2 30 ? -12.39875 5.62446   3.71271   1.000 15.89122 ? 732 ASP B CG  1 
ATOM   763  O OD1 . ASP B 2 30 ? -13.19642 5.44721   2.77465   1.000 18.35196 ? 732 ASP B OD1 1 
ATOM   764  O OD2 . ASP B 2 30 ? -12.74809 6.01703   4.84140   1.000 18.34715 ? 732 ASP B OD2 1 
ATOM   765  N N   . GLU B 2 31 ? -8.44902  3.65570   2.13674   1.000 11.65812 ? 733 GLU B N   1 
ATOM   766  C CA  . GLU B 2 31 ? -7.03720  3.59760   1.78671   1.000 13.10633 ? 733 GLU B CA  1 
ATOM   767  C C   . GLU B 2 31 ? -6.80379  3.00186   0.40556   1.000 13.84200 ? 733 GLU B C   1 
ATOM   768  O O   . GLU B 2 31 ? -5.64912  2.81514   0.01175   1.000 12.79537 ? 733 GLU B O   1 
ATOM   769  C CB  . GLU B 2 31 ? -6.25803  2.82595   2.85235   1.000 12.66233 ? 733 GLU B CB  1 
ATOM   770  C CG  . GLU B 2 31 ? -6.25181  3.51205   4.20876   1.000 14.78835 ? 733 GLU B CG  1 
ATOM   771  C CD  . GLU B 2 31 ? -5.75498  4.95074   4.12443   1.000 21.71528 ? 733 GLU B CD  1 
ATOM   772  O OE1 . GLU B 2 31 ? -4.70642  5.19261   3.48859   1.000 18.09892 ? 733 GLU B OE1 1 
ATOM   773  O OE2 . GLU B 2 31 ? -6.42079  5.85180   4.68171   1.000 27.48365 ? 733 GLU B OE2 1 
ATOM   774  N N   . GLN B 2 32 ? -7.87239  2.70838   -0.33195  1.000 11.83102 ? 734 GLN B N   1 
ATOM   775  C CA  . GLN B 2 32 ? -7.78672  2.12089   -1.66789  1.000 11.88059 ? 734 GLN B CA  1 
ATOM   776  C C   . GLN B 2 32 ? -6.95672  0.84036   -1.66612  1.000 11.79259 ? 734 GLN B C   1 
ATOM   777  O O   . GLN B 2 32 ? -6.09596  0.62024   -2.52099  1.000 13.77355 ? 734 GLN B O   1 
ATOM   778  C CB  . GLN B 2 32 ? -7.27623  3.12981   -2.70214  1.000 14.79209 ? 734 GLN B CB  1 
ATOM   779  C CG  . GLN B 2 32 ? -8.25033  4.26398   -2.96005  1.000 18.41256 ? 734 GLN B CG  1 
ATOM   780  C CD  . GLN B 2 32 ? -7.70666  5.30375   -3.92754  1.000 22.82323 ? 734 GLN B CD  1 
ATOM   781  O OE1 . GLN B 2 32 ? -6.65606  5.11324   -4.54243  1.000 28.96416 ? 734 GLN B OE1 1 
ATOM   782  N NE2 . GLN B 2 32 ? -8.41706  6.41727   -4.05168  1.000 26.90361 ? 734 GLN B NE2 1 
ATOM   783  N N   . ILE B 2 33 ? -7.22770  -0.02959  -0.69628  1.000 12.34731 ? 735 ILE B N   1 
ATOM   784  C CA  . ILE B 2 33 ? -6.55797  -1.32746  -0.64933  1.000 11.08548 ? 735 ILE B CA  1 
ATOM   785  C C   . ILE B 2 33 ? -7.37722  -2.28086  -1.51913  1.000 12.05171 ? 735 ILE B C   1 
ATOM   786  O O   . ILE B 2 33 ? -8.37065  -2.87510  -1.08414  1.000 11.94437 ? 735 ILE B O   1 
ATOM   787  C CB  . ILE B 2 33 ? -6.33375  -1.81203  0.78029   1.000 14.55079 ? 735 ILE B CB  1 
ATOM   788  C CG1 . ILE B 2 33 ? -5.35279  -0.85602  1.47774   1.000 17.98841 ? 735 ILE B CG1 1 
ATOM   789  C CG2 . ILE B 2 33 ? -5.78771  -3.22725  0.77944   1.000 12.96196 ? 735 ILE B CG2 1 
ATOM   790  C CD1 . ILE B 2 33 ? -5.24789  -1.05903  2.97726   1.000 23.84033 ? 735 ILE B CD1 1 
ATOM   791  N N   . ASP B 2 34 ? -6.97293  -2.39830  -2.78718  1.000 10.79656 ? 736 ASP B N   1 
ATOM   792  C CA  . ASP B 2 34 ? -7.53472  -3.41413  -3.66845  1.000 13.01219 ? 736 ASP B CA  1 
ATOM   793  C C   . ASP B 2 34 ? -6.82770  -4.74357  -3.42457  1.000 11.43319 ? 736 ASP B C   1 
ATOM   794  O O   . ASP B 2 34 ? -5.97588  -4.86038  -2.54533  1.000 9.86081  ? 736 ASP B O   1 
ATOM   795  C CB  . ASP B 2 34 ? -7.47634  -2.97569  -5.13460  1.000 11.40685 ? 736 ASP B CB  1 
ATOM   796  C CG  . ASP B 2 34 ? -6.06207  -2.72831  -5.64149  1.000 14.27789 ? 736 ASP B CG  1 
ATOM   797  O OD1 . ASP B 2 34 ? -5.07462  -3.01000  -4.93035  1.000 13.33368 ? 736 ASP B OD1 1 
ATOM   798  O OD2 . ASP B 2 34 ? -5.93234  -2.22760  -6.78506  1.000 14.21751 ? 736 ASP B OD2 1 
ATOM   799  N N   . GLY B 2 35 ? -7.16630  -5.75814  -4.21873  1.000 10.58807 ? 737 GLY B N   1 
ATOM   800  C CA  . GLY B 2 35 ? -6.61239  -7.08077  -3.96751  1.000 10.66106 ? 737 GLY B CA  1 
ATOM   801  C C   . GLY B 2 35 ? -5.10272  -7.10191  -4.10830  1.000 11.52644 ? 737 GLY B C   1 
ATOM   802  O O   . GLY B 2 35 ? -4.40040  -7.73197  -3.31631  1.000 11.04302 ? 737 GLY B O   1 
ATOM   803  N N   . GLU B 2 36 ? -4.58907  -6.38684  -5.10709  1.000 11.95299 ? 738 GLU B N   1 
ATOM   804  C CA  . GLU B 2 36 ? -3.15221  -6.33061  -5.33828  1.000 11.95940 ? 738 GLU B CA  1 
ATOM   805  C C   . GLU B 2 36 ? -2.42187  -5.74632  -4.13188  1.000 10.81570 ? 738 GLU B C   1 
ATOM   806  O O   . GLU B 2 36 ? -1.39160  -6.27693  -3.69889  1.000 12.99393 ? 738 GLU B O   1 
ATOM   807  C CB  . GLU B 2 36 ? -2.89025  -5.49205  -6.59280  1.000 13.55732 ? 738 GLU B CB  1 
ATOM   808  C CG  . GLU B 2 36 ? -1.42950  -5.36268  -6.99036  1.000 16.72509 ? 738 GLU B CG  1 
ATOM   809  C CD  . GLU B 2 36 ? -1.23844  -4.47560  -8.21461  1.000 22.07694 ? 738 GLU B CD  1 
ATOM   810  O OE1 . GLU B 2 36 ? -2.23135  -3.89600  -8.70397  1.000 23.85060 ? 738 GLU B OE1 1 
ATOM   811  O OE2 . GLU B 2 36 ? -0.08772  -4.35342  -8.68591  1.000 28.51887 ? 738 GLU B OE2 1 
ATOM   812  N N   . ALA B 2 37 ? -2.94477  -4.65060  -3.57445  1.000 9.73098  ? 739 ALA B N   1 
ATOM   813  C CA  . ALA B 2 37 ? -2.33588  -4.04277  -2.39391  1.000 10.15111 ? 739 ALA B CA  1 
ATOM   814  C C   . ALA B 2 37 ? -2.53879  -4.90530  -1.14942  1.000 10.36783 ? 739 ALA B C   1 
ATOM   815  O O   . ALA B 2 37 ? -1.64073  -5.00006  -0.30401  1.000 10.71018 ? 739 ALA B O   1 
ATOM   816  C CB  . ALA B 2 37 ? -2.92160  -2.64857  -2.16979  1.000 12.84644 ? 739 ALA B CB  1 
ATOM   817  N N   . PHE B 2 38 ? -3.71247  -5.53422  -1.01834  1.000 9.92857  ? 740 PHE B N   1 
ATOM   818  C CA  . PHE B 2 38 ? -4.00798  -6.38964  0.13253   1.000 9.97109  ? 740 PHE B CA  1 
ATOM   819  C C   . PHE B 2 38 ? -2.94664  -7.46663  0.30626   1.000 9.20059  ? 740 PHE B C   1 
ATOM   820  O O   . PHE B 2 38 ? -2.50847  -7.74348  1.42775   1.000 11.21484 ? 740 PHE B O   1 
ATOM   821  C CB  . PHE B 2 38 ? -5.38409  -7.03370  -0.09477  1.000 10.17623 ? 740 PHE B CB  1 
ATOM   822  C CG  . PHE B 2 38 ? -6.01586  -7.66495  1.13088   1.000 9.47751  ? 740 PHE B CG  1 
ATOM   823  C CD1 . PHE B 2 38 ? -5.97065  -7.04984  2.37309   1.000 11.47748 ? 740 PHE B CD1 1 
ATOM   824  C CD2 . PHE B 2 38 ? -6.71539  -8.84890  0.99973   1.000 16.33414 ? 740 PHE B CD2 1 
ATOM   825  C CE1 . PHE B 2 38 ? -6.59715  -7.62782  3.46364   1.000 11.27981 ? 740 PHE B CE1 1 
ATOM   826  C CE2 . PHE B 2 38 ? -7.33873  -9.43841  2.08882   1.000 15.71552 ? 740 PHE B CE2 1 
ATOM   827  C CZ  . PHE B 2 38 ? -7.28331  -8.81999  3.31754   1.000 13.22680 ? 740 PHE B CZ  1 
ATOM   828  N N   . LEU B 2 39 ? -2.52482  -8.08819  -0.79594  1.000 10.29515 ? 741 LEU B N   1 
ATOM   829  C CA  . LEU B 2 39 ? -1.52978  -9.15256  -0.74578  1.000 10.30775 ? 741 LEU B CA  1 
ATOM   830  C C   . LEU B 2 39 ? -0.14810  -8.65994  -0.32536  1.000 10.39357 ? 741 LEU B C   1 
ATOM   831  O O   . LEU B 2 39 ? 0.72259   -9.49212  -0.04477  1.000 11.11623 ? 741 LEU B O   1 
ATOM   832  C CB  . LEU B 2 39 ? -1.45867  -9.87064  -2.09989  1.000 12.76321 ? 741 LEU B CB  1 
ATOM   833  C CG  . LEU B 2 39 ? -2.78846  -10.42450 -2.62709  1.000 14.77553 ? 741 LEU B CG  1 
ATOM   834  C CD1 . LEU B 2 39 ? -2.59637  -11.00507 -4.02075  1.000 21.22149 ? 741 LEU B CD1 1 
ATOM   835  C CD2 . LEU B 2 39 ? -3.33023  -11.47515 -1.67687  1.000 19.44740 ? 741 LEU B CD2 1 
ATOM   836  N N   . LEU B 2 40 ? 0.07916   -7.34517  -0.26562  1.000 10.78261 ? 742 LEU B N   1 
ATOM   837  C CA  . LEU B 2 40 ? 1.36087   -6.80054  0.16542   1.000 10.48751 ? 742 LEU B CA  1 
ATOM   838  C C   . LEU B 2 40 ? 1.39093   -6.45457  1.64997   1.000 11.67786 ? 742 LEU B C   1 
ATOM   839  O O   . LEU B 2 40 ? 2.42572   -5.98617  2.14297   1.000 13.23655 ? 742 LEU B O   1 
ATOM   840  C CB  . LEU B 2 40 ? 1.68768   -5.54114  -0.65396  1.000 10.98434 ? 742 LEU B CB  1 
ATOM   841  C CG  . LEU B 2 40 ? 1.74487   -5.74859  -2.16804  1.000 11.41957 ? 742 LEU B CG  1 
ATOM   842  C CD1 . LEU B 2 40 ? 1.92659   -4.42192  -2.90078  1.000 14.99640 ? 742 LEU B CD1 1 
ATOM   843  C CD2 . LEU B 2 40 ? 2.85385   -6.72183  -2.49412  1.000 15.27523 ? 742 LEU B CD2 1 
ATOM   844  N N   . MET B 2 41 ? 0.30176   -6.68676  2.38127   1.000 10.85269 ? 743 MET B N   1 
ATOM   845  C CA  . MET B 2 41 ? 0.20552   -6.21489  3.75619   1.000 11.15089 ? 743 MET B CA  1 
ATOM   846  C C   . MET B 2 41 ? 0.64728   -7.27265  4.75813   1.000 13.04398 ? 743 MET B C   1 
ATOM   847  O O   . MET B 2 41 ? 0.57776   -8.47168  4.49453   1.000 13.74398 ? 743 MET B O   1 
ATOM   848  C CB  . MET B 2 41 ? -1.23679  -5.81726  4.05911   1.000 11.90499 ? 743 MET B CB  1 
ATOM   849  C CG  . MET B 2 41 ? -1.69284  -4.69941  3.18974   1.000 12.40226 ? 743 MET B CG  1 
ATOM   850  S SD  . MET B 2 41 ? -3.28196  -4.04016  3.65539   1.000 16.70067 ? 743 MET B SD  1 
ATOM   851  C CE  . MET B 2 41 ? -2.90294  -3.27568  5.22820   1.000 17.65466 ? 743 MET B CE  1 
ATOM   852  N N   . THR B 2 42 ? 1.10770   -6.80479  5.91608   1.000 11.95357 ? 744 THR B N   1 
ATOM   853  C CA  . THR B 2 42 ? 1.50856   -7.65771  7.02780   1.000 11.86963 ? 744 THR B CA  1 
ATOM   854  C C   . THR B 2 42 ? 0.61586   -7.36129  8.22056   1.000 12.56148 ? 744 THR B C   1 
ATOM   855  O O   . THR B 2 42 ? -0.11057  -6.36142  8.25130   1.000 12.00866 ? 744 THR B O   1 
ATOM   856  C CB  . THR B 2 42 ? 2.96147   -7.38613  7.44317   1.000 13.83024 ? 744 THR B CB  1 
ATOM   857  O OG1 . THR B 2 42 ? 3.07400   -6.05770  7.97157   1.000 14.53476 ? 744 THR B OG1 1 
ATOM   858  C CG2 . THR B 2 42 ? 3.91378   -7.54958  6.26659   1.000 15.22601 ? 744 THR B CG2 1 
ATOM   859  N N   . GLN B 2 43 ? 0.67246   -8.24293  9.22361   1.000 12.11243 ? 745 GLN B N   1 
ATOM   860  C CA  . GLN B 2 43 ? -0.08466  -7.98540  10.44291  1.000 13.53990 ? 745 GLN B CA  1 
ATOM   861  C C   . GLN B 2 43 ? 0.39217   -6.70972  11.12536  1.000 14.09655 ? 745 GLN B C   1 
ATOM   862  O O   . GLN B 2 43 ? -0.41671  -5.95496  11.67661  1.000 12.64979 ? 745 GLN B O   1 
ATOM   863  C CB  . GLN B 2 43 ? 0.00561   -9.17796  11.39234  1.000 12.96231 ? 745 GLN B CB  1 
ATOM   864  C CG  . GLN B 2 43 ? -1.01493  -9.10808  12.51398  1.000 15.82593 ? 745 GLN B CG  1 
ATOM   865  C CD  . GLN B 2 43 ? -1.05710  -10.38767 13.32812  1.000 21.26921 ? 745 GLN B CD  1 
ATOM   866  O OE1 . GLN B 2 43 ? -1.19001  -11.48214 12.78085  1.000 23.66961 ? 745 GLN B OE1 1 
ATOM   867  N NE2 . GLN B 2 43 ? -0.91305  -10.25543 14.64224  1.000 27.71935 ? 745 GLN B NE2 1 
ATOM   868  N N   . THR B 2 44 ? 1.70395   -6.44984  11.09773  1.000 11.85741 ? 746 THR B N   1 
ATOM   869  C CA  . THR B 2 44 ? 2.21966   -5.20041  11.65169  1.000 13.53521 ? 746 THR B CA  1 
ATOM   870  C C   . THR B 2 44 ? 1.60872   -3.97484  10.97397  1.000 14.29687 ? 746 THR B C   1 
ATOM   871  O O   . THR B 2 44 ? 1.27746   -2.98766  11.64775  1.000 13.56190 ? 746 THR B O   1 
ATOM   872  C CB  . THR B 2 44 ? 3.74385   -5.18976  11.57399  1.000 15.30278 ? 746 THR B CB  1 
ATOM   873  O OG1 . THR B 2 44 ? 4.25596   -6.16420  12.49617  1.000 19.55540 ? 746 THR B OG1 1 
ATOM   874  C CG2 . THR B 2 44 ? 4.28524   -3.80719  11.91507  1.000 18.62143 ? 746 THR B CG2 1 
ATOM   875  N N   . ASP B 2 45 ? 1.44111   -4.01335  9.64505   1.000 12.28241 ? 747 ASP B N   1 
ATOM   876  C CA  . ASP B 2 45 ? 0.78423   -2.89811  8.96088   1.000 12.28085 ? 747 ASP B CA  1 
ATOM   877  C C   . ASP B 2 45 ? -0.60545  -2.66710  9.52314   1.000 14.32511 ? 747 ASP B C   1 
ATOM   878  O O   . ASP B 2 45 ? -1.02460  -1.52364  9.74326   1.000 13.25485 ? 747 ASP B O   1 
ATOM   879  C CB  . ASP B 2 45 ? 0.62212   -3.19480  7.46958   1.000 14.09001 ? 747 ASP B CB  1 
ATOM   880  C CG  . ASP B 2 45 ? 1.93216   -3.30273  6.72677   1.000 16.26135 ? 747 ASP B CG  1 
ATOM   881  O OD1 . ASP B 2 45 ? 2.94396   -2.68286  7.13154   1.000 16.52102 ? 747 ASP B OD1 1 
ATOM   882  O OD2 . ASP B 2 45 ? 1.92503   -4.00625  5.69301   1.000 15.94426 ? 747 ASP B OD2 1 
ATOM   883  N N   . ILE B 2 46 ? -1.35388  -3.74686  9.72497   1.000 11.94658 ? 748 ILE B N   1 
ATOM   884  C CA  . ILE B 2 46 ? -2.73269  -3.61165  10.16447  1.000 11.31677 ? 748 ILE B CA  1 
ATOM   885  C C   . ILE B 2 46 ? -2.80256  -3.07388  11.59185  1.000 11.78824 ? 748 ILE B C   1 
ATOM   886  O O   . ILE B 2 46 ? -3.66688  -2.25340  11.91469  1.000 13.44464 ? 748 ILE B O   1 
ATOM   887  C CB  . ILE B 2 46 ? -3.44739  -4.96295  9.99860   1.000 11.94688 ? 748 ILE B CB  1 
ATOM   888  C CG1 . ILE B 2 46 ? -3.43935  -5.38249  8.52449   1.000 12.87685 ? 748 ILE B CG1 1 
ATOM   889  C CG2 . ILE B 2 46 ? -4.87207  -4.88639  10.51883  1.000 13.37630 ? 748 ILE B CG2 1 
ATOM   890  C CD1 . ILE B 2 46 ? -3.80470  -6.84750  8.30665   1.000 16.26769 ? 748 ILE B CD1 1 
ATOM   891  N N   . VAL B 2 47 ? -1.90969  -3.53212  12.47271  1.000 12.03120 ? 749 VAL B N   1 
ATOM   892  C CA  . VAL B 2 47 ? -1.92891  -3.08624  13.86397  1.000 13.88382 ? 749 VAL B CA  1 
ATOM   893  C C   . VAL B 2 47 ? -1.35888  -1.68079  14.00027  1.000 13.85311 ? 749 VAL B C   1 
ATOM   894  O O   . VAL B 2 47 ? -1.96495  -0.80969  14.63249  1.000 16.27142 ? 749 VAL B O   1 
ATOM   895  C CB  . VAL B 2 47 ? -1.16378  -4.07931  14.76122  1.000 14.04539 ? 749 VAL B CB  1 
ATOM   896  C CG1 . VAL B 2 47 ? -1.05410  -3.53001  16.18821  1.000 14.47606 ? 749 VAL B CG1 1 
ATOM   897  C CG2 . VAL B 2 47 ? -1.84633  -5.43186  14.77256  1.000 15.57544 ? 749 VAL B CG2 1 
ATOM   898  N N   . LYS B 2 48 ? -0.17257  -1.45127  13.44443  1.000 16.21559 ? 750 LYS B N   1 
ATOM   899  C CA  . LYS B 2 48 ? 0.58334   -0.23697  13.72414  1.000 15.59096 ? 750 LYS B CA  1 
ATOM   900  C C   . LYS B 2 48 ? 0.17645   0.92531   12.82999  1.000 19.56776 ? 750 LYS B C   1 
ATOM   901  O O   . LYS B 2 48 ? 0.12680   2.07008   13.29682  1.000 22.74523 ? 750 LYS B O   1 
ATOM   902  C CB  . LYS B 2 48 ? 2.08911   -0.50969  13.59278  1.000 18.79077 ? 750 LYS B CB  1 
ATOM   903  C CG  . LYS B 2 48 ? 2.70958   -1.27037  14.76754  1.000 23.86769 ? 750 LYS B CG  1 
ATOM   904  C CD  . LYS B 2 48 ? 2.13366   -2.67460  14.92942  1.000 28.43080 ? 750 LYS B CD  1 
ATOM   905  C CE  . LYS B 2 48 ? 3.15378   -3.70809  15.37773  1.000 30.60954 ? 750 LYS B CE  1 
ATOM   906  N NZ  . LYS B 2 48 ? 2.46887   -4.94982  15.83678  1.000 31.42529 ? 750 LYS B NZ  1 
ATOM   907  N N   . ILE B 2 49 ? -0.12021  0.66194   11.56029  1.000 15.11774 ? 751 ILE B N   1 
ATOM   908  C CA  . ILE B 2 49 ? -0.47371  1.73129   10.62823  1.000 16.52745 ? 751 ILE B CA  1 
ATOM   909  C C   . ILE B 2 49 ? -1.97032  1.98604   10.61029  1.000 20.91988 ? 751 ILE B C   1 
ATOM   910  O O   . ILE B 2 49 ? -2.40805  3.13821   10.61906  1.000 22.32399 ? 751 ILE B O   1 
ATOM   911  C CB  . ILE B 2 49 ? 0.07514   1.45170   9.21229   1.000 18.37621 ? 751 ILE B CB  1 
ATOM   912  C CG1 . ILE B 2 49 ? 1.59691   1.33648   9.24604   1.000 21.16818 ? 751 ILE B CG1 1 
ATOM   913  C CG2 . ILE B 2 49 ? -0.36626  2.54523   8.24042   1.000 21.12870 ? 751 ILE B CG2 1 
ATOM   914  C CD1 . ILE B 2 49 ? 2.21115   1.10538   7.87492   1.000 21.59757 ? 751 ILE B CD1 1 
ATOM   915  N N   . MET B 2 50 ? -2.77537  0.92619   10.58390  1.000 14.64630 ? 752 MET B N   1 
ATOM   916  C CA  . MET B 2 50 ? -4.22080  1.07532   10.53418  1.000 17.00736 ? 752 MET B CA  1 
ATOM   917  C C   . MET B 2 50 ? -4.87467  1.11121   11.90600  1.000 14.82429 ? 752 MET B C   1 
ATOM   918  O O   . MET B 2 50 ? -6.08216  1.35733   11.98814  1.000 18.86567 ? 752 MET B O   1 
ATOM   919  C CB  . MET B 2 50 ? -4.82629  -0.03195  9.68544   1.000 17.77078 ? 752 MET B CB  1 
ATOM   920  C CG  . MET B 2 50 ? -4.26550  0.01176   8.28227   1.000 21.74157 ? 752 MET B CG  1 
ATOM   921  S SD  . MET B 2 50 ? -4.94568  -1.31374  7.30212   1.000 26.65735 ? 752 MET B SD  1 
ATOM   922  C CE  . MET B 2 50 ? -6.21341  -0.43924  6.37505   1.000 19.07476 ? 752 MET B CE  1 
ATOM   923  N N   . SER B 2 51 ? -4.11387  0.87707   12.97057  1.000 14.56694 ? 753 SER B N   1 
ATOM   924  C CA  . SER B 2 51 ? -4.62125  0.99264   14.33719  1.000 13.93461 ? 753 SER B CA  1 
ATOM   925  C C   . SER B 2 51 ? -5.75550  0.00738   14.61603  1.000 16.85581 ? 753 SER B C   1 
ATOM   926  O O   . SER B 2 51 ? -6.71851  0.31878   15.31668  1.000 15.10384 ? 753 SER B O   1 
ATOM   927  C CB  . SER B 2 51 ? -5.02253  2.43004   14.67325  1.000 17.17211 ? 753 SER B CB  1 
ATOM   928  O OG  . SER B 2 51 ? -3.89057  3.27969   14.62120  1.000 18.41769 ? 753 SER B OG  1 
ATOM   929  N N   . ILE B 2 52 ? -5.63390  -1.20026  14.08638  1.000 14.11011 ? 754 ILE B N   1 
ATOM   930  C CA  . ILE B 2 52 ? -6.60260  -2.26367  14.32688  1.000 13.10862 ? 754 ILE B CA  1 
ATOM   931  C C   . ILE B 2 52 ? -6.03769  -3.20781  15.38373  1.000 13.60200 ? 754 ILE B C   1 
ATOM   932  O O   . ILE B 2 52 ? -4.84079  -3.53132  15.37472  1.000 14.44601 ? 754 ILE B O   1 
ATOM   933  C CB  . ILE B 2 52 ? -6.94787  -2.98265  13.00980  1.000 13.35490 ? 754 ILE B CB  1 
ATOM   934  C CG1 . ILE B 2 52 ? -7.76389  -2.03467  12.12186  1.000 13.16981 ? 754 ILE B CG1 1 
ATOM   935  C CG2 . ILE B 2 52 ? -7.73010  -4.26220  13.27556  1.000 14.81345 ? 754 ILE B CG2 1 
ATOM   936  C CD1 . ILE B 2 52 ? -8.00224  -2.52910  10.69892  1.000 16.97858 ? 754 ILE B CD1 1 
ATOM   937  N N   . LYS B 2 53 ? -6.88910  -3.62164  16.32165  1.000 12.89826 ? 755 LYS B N   1 
ATOM   938  C CA  . LYS B 2 53 ? -6.44246  -4.45023  17.43228  1.000 14.77260 ? 755 LYS B CA  1 
ATOM   939  C C   . LYS B 2 53 ? -5.88794  -5.78794  16.93753  1.000 17.93632 ? 755 LYS B C   1 
ATOM   940  O O   . LYS B 2 53 ? -6.19187  -6.25377  15.83820  1.000 15.33826 ? 755 LYS B O   1 
ATOM   941  C CB  . LYS B 2 53 ? -7.59770  -4.68605  18.40933  1.000 15.08993 ? 755 LYS B CB  1 
ATOM   942  C CG  . LYS B 2 53 ? -7.96676  -3.44399  19.22681  1.000 18.34780 ? 755 LYS B CG  1 
ATOM   943  C CD  . LYS B 2 53 ? -9.22954  -3.66760  20.06362  1.000 22.81704 ? 755 LYS B CD  1 
ATOM   944  C CE  . LYS B 2 53 ? -8.97827  -4.59235  21.24068  1.000 23.38604 ? 755 LYS B CE  1 
ATOM   945  N NZ  . LYS B 2 53 ? -10.25392 -4.93099  21.95782  1.000 25.34811 ? 755 LYS B NZ  1 
ATOM   946  N N   . GLU B 2 54 ? -5.06962  -6.41253  17.78962  1.000 14.81512 ? 756 GLU B N   1 
ATOM   947  C CA  . GLU B 2 54 ? -4.35046  -7.62387  17.39962  1.000 17.58917 ? 756 GLU B CA  1 
ATOM   948  C C   . GLU B 2 54 ? -5.29450  -8.74069  16.96551  1.000 16.35299 ? 756 GLU B C   1 
ATOM   949  O O   . GLU B 2 54 ? -5.01816  -9.44603  15.98706  1.000 16.32209 ? 756 GLU B O   1 
ATOM   950  C CB  . GLU B 2 54 ? -3.44736  -8.09011  18.54522  1.000 19.99661 ? 756 GLU B CB  1 
ATOM   951  C CG  . GLU B 2 54 ? -2.06282  -7.48026  18.51057  1.000 29.83458 ? 756 GLU B CG  1 
ATOM   952  C CD  . GLU B 2 54 ? -1.05413  -8.36738  17.79947  1.000 37.91820 ? 756 GLU B CD  1 
ATOM   953  O OE1 . GLU B 2 54 ? -0.33655  -7.86465  16.90342  1.000 41.36311 ? 756 GLU B OE1 1 
ATOM   954  O OE2 . GLU B 2 54 ? -0.97921  -9.56886  18.14145  1.000 42.63704 ? 756 GLU B OE2 1 
ATOM   955  N N   . GLY B 2 55 ? -6.40477  -8.92665  17.67909  1.000 16.36858 ? 757 GLY B N   1 
ATOM   956  C CA  . GLY B 2 55 ? -7.33841  -9.99020  17.36988  1.000 17.28919 ? 757 GLY B CA  1 
ATOM   957  C C   . GLY B 2 55 ? -7.87696  -9.93980  15.94819  1.000 16.95704 ? 757 GLY B C   1 
ATOM   958  O O   . GLY B 2 55 ? -7.71433  -10.88143 15.16173  1.000 15.78329 ? 757 GLY B O   1 
ATOM   959  N N   . PRO B 2 56 ? -8.55111  -8.84567  15.59356  1.000 16.20156 ? 758 PRO B N   1 
ATOM   960  C CA  . PRO B 2 56 ? -8.99865  -8.70412  14.19676  1.000 13.36729 ? 758 PRO B CA  1 
ATOM   961  C C   . PRO B 2 56 ? -7.84746  -8.65531  13.20435  1.000 14.25840 ? 758 PRO B C   1 
ATOM   962  O O   . PRO B 2 56 ? -7.96762  -9.20757  12.10399  1.000 13.38888 ? 758 PRO B O   1 
ATOM   963  C CB  . PRO B 2 56 ? -9.84070  -7.41661  14.21290  1.000 14.55145 ? 758 PRO B CB  1 
ATOM   964  C CG  . PRO B 2 56 ? -9.45746  -6.71634  15.48272  1.000 19.74671 ? 758 PRO B CG  1 
ATOM   965  C CD  . PRO B 2 56 ? -9.08466  -7.78365  16.46050  1.000 16.54911 ? 758 PRO B CD  1 
ATOM   966  N N   . ALA B 2 57 ? -6.71699  -8.03789  13.57218  1.000 12.65436 ? 759 ALA B N   1 
ATOM   967  C CA  . ALA B 2 57 ? -5.57335  -7.99623  12.66293  1.000 13.90951 ? 759 ALA B CA  1 
ATOM   968  C C   . ALA B 2 57 ? -5.09973  -9.39645  12.31142  1.000 13.14570 ? 759 ALA B C   1 
ATOM   969  O O   . ALA B 2 57 ? -4.72463  -9.66159  11.16276  1.000 12.75187 ? 759 ALA B O   1 
ATOM   970  C CB  . ALA B 2 57 ? -4.42804  -7.19519  13.28569  1.000 13.71936 ? 759 ALA B CB  1 
ATOM   971  N N   . GLU B 2 58 ? -5.10854  -10.30412 13.29065  1.000 12.76307 ? 760 GLU B N   1 
ATOM   972  C CA  . GLU B 2 58 ? -4.68000  -11.67652 13.04363  1.000 13.20422 ? 760 GLU B CA  1 
ATOM   973  C C   . GLU B 2 58 ? -5.62681  -12.38352 12.08231  1.000 14.34189 ? 760 GLU B C   1 
ATOM   974  O O   . GLU B 2 58 ? -5.18172  -13.13929 11.20774  1.000 15.11473 ? 760 GLU B O   1 
ATOM   975  C CB  . GLU B 2 58 ? -4.59161  -12.43656 14.36707  1.000 19.82141 ? 760 GLU B CB  1 
ATOM   976  C CG  . GLU B 2 58 ? -4.05163  -13.85270 14.23620  1.000 26.21897 ? 760 GLU B CG  1 
ATOM   977  C CD  . GLU B 2 58 ? -3.58071  -14.41511 15.56533  1.000 34.80925 ? 760 GLU B CD  1 
ATOM   978  O OE1 . GLU B 2 58 ? -2.80049  -15.39391 15.55785  1.000 38.54895 ? 760 GLU B OE1 1 
ATOM   979  O OE2 . GLU B 2 58 ? -3.99573  -13.87798 16.61702  1.000 37.54876 ? 760 GLU B OE2 1 
ATOM   980  N N   . LYS B 2 59 ? -6.93129  -12.14283 12.21775  1.000 13.14542 ? 761 LYS B N   1 
ATOM   981  C CA  . LYS B 2 59 ? -7.88648  -12.76505 11.30547  1.000 12.55464 ? 761 LYS B CA  1 
ATOM   982  C C   . LYS B 2 59 ? -7.68961  -12.25062 9.88361   1.000 12.90664 ? 761 LYS B C   1 
ATOM   983  O O   . LYS B 2 59 ? -7.74406  -13.02606 8.91860   1.000 12.94462 ? 761 LYS B O   1 
ATOM   984  C CB  . LYS B 2 59 ? -9.31765  -12.51263 11.78434  1.000 15.03650 ? 761 LYS B CB  1 
ATOM   985  C CG  . LYS B 2 59 ? -9.65199  -13.13361 13.13801  1.000 18.55956 ? 761 LYS B CG  1 
ATOM   986  C CD  . LYS B 2 59 ? -11.04362 -12.73243 13.58877  1.000 24.03674 ? 761 LYS B CD  1 
ATOM   987  C CE  . LYS B 2 59 ? -11.31564 -13.18204 15.02052  1.000 21.99338 ? 761 LYS B CE  1 
ATOM   988  N NZ  . LYS B 2 59 ? -12.63151 -12.66136 15.48211  1.000 31.34184 ? 761 LYS B NZ  1 
ATOM   989  N N   . ILE B 2 60 ? -7.45185  -10.94826 9.73494   1.000 11.65993 ? 762 ILE B N   1 
ATOM   990  C CA  . ILE B 2 60 ? -7.21268  -10.38927 8.40923   1.000 10.43861 ? 762 ILE B CA  1 
ATOM   991  C C   . ILE B 2 60 ? -5.91711  -10.93495 7.81412   1.000 10.89422 ? 762 ILE B C   1 
ATOM   992  O O   . ILE B 2 60 ? -5.87405  -11.33257 6.64084   1.000 11.03873 ? 762 ILE B O   1 
ATOM   993  C CB  . ILE B 2 60 ? -7.22376  -8.85144  8.47066   1.000 9.86950  ? 762 ILE B CB  1 
ATOM   994  C CG1 . ILE B 2 60 ? -8.58987  -8.35521  8.95947   1.000 10.56346 ? 762 ILE B CG1 1 
ATOM   995  C CG2 . ILE B 2 60 ? -6.90751  -8.25824  7.09933   1.000 11.38330 ? 762 ILE B CG2 1 
ATOM   996  C CD1 . ILE B 2 60 ? -8.58950  -6.88291  9.34684   1.000 13.60876 ? 762 ILE B CD1 1 
ATOM   997  N N   . PHE B 2 61 ? -4.83346  -10.94696 8.60038   1.000 11.12867 ? 763 PHE B N   1 
ATOM   998  C CA  . PHE B 2 61 ? -3.56863  -11.44031 8.05826   1.000 11.08199 ? 763 PHE B CA  1 
ATOM   999  C C   . PHE B 2 61 ? -3.64315  -12.92910 7.73572   1.000 10.64729 ? 763 PHE B C   1 
ATOM   1000 O O   . PHE B 2 61 ? -3.07017  -13.37702 6.73799   1.000 10.86936 ? 763 PHE B O   1 
ATOM   1001 C CB  . PHE B 2 61 ? -2.39641  -11.11318 8.99278   1.000 12.05771 ? 763 PHE B CB  1 
ATOM   1002 C CG  . PHE B 2 61 ? -1.03357  -11.45989 8.41775   1.000 11.18872 ? 763 PHE B CG  1 
ATOM   1003 C CD1 . PHE B 2 61 ? -0.59684  -10.89498 7.23211   1.000 12.56267 ? 763 PHE B CD1 1 
ATOM   1004 C CD2 . PHE B 2 61 ? -0.19757  -12.35895 9.07087   1.000 12.73540 ? 763 PHE B CD2 1 
ATOM   1005 C CE1 . PHE B 2 61 ? 0.65835   -11.20487 6.70666   1.000 13.56166 ? 763 PHE B CE1 1 
ATOM   1006 C CE2 . PHE B 2 61 ? 1.05353   -12.68117 8.55365   1.000 15.97196 ? 763 PHE B CE2 1 
ATOM   1007 C CZ  . PHE B 2 61 ? 1.48102   -12.10465 7.36819   1.000 14.10569 ? 763 PHE B CZ  1 
ATOM   1008 N N   . ASN B 2 62 ? -4.35626  -13.70923 8.55283   1.000 12.15677 ? 764 ASN B N   1 
ATOM   1009 C CA  . ASN B 2 62 ? -4.52023  -15.11952 8.21216   1.000 12.05823 ? 764 ASN B CA  1 
ATOM   1010 C C   . ASN B 2 62 ? -5.22806  -15.27978 6.87475   1.000 10.33915 ? 764 ASN B C   1 
ATOM   1011 O O   . ASN B 2 62 ? -4.90999  -16.19759 6.10720   1.000 11.98022 ? 764 ASN B O   1 
ATOM   1012 C CB  . ASN B 2 62 ? -5.25093  -15.86753 9.32921   1.000 13.82332 ? 764 ASN B CB  1 
ATOM   1013 C CG  . ASN B 2 62 ? -4.35799  -16.11095 10.52886  1.000 16.50341 ? 764 ASN B CG  1 
ATOM   1014 O OD1 . ASN B 2 62 ? -3.13066  -16.06450 10.41383  1.000 18.16733 ? 764 ASN B OD1 1 
ATOM   1015 N ND2 . ASN B 2 62 ? -4.95994  -16.35791 11.68262  1.000 20.28924 ? 764 ASN B ND2 1 
ATOM   1016 N N   . SER B 2 63 ? -6.16820  -14.38478 6.56780   1.000 10.65044 ? 765 SER B N   1 
ATOM   1017 C CA  . SER B 2 63 ? -6.80230  -14.41467 5.25428   1.000 11.09629 ? 765 SER B CA  1 
ATOM   1018 C C   . SER B 2 63 ? -5.80954  -14.03872 4.16597   1.000 11.63733 ? 765 SER B C   1 
ATOM   1019 O O   . SER B 2 63 ? -5.76644  -14.68025 3.10942   1.000 10.96456 ? 765 SER B O   1 
ATOM   1020 C CB  . SER B 2 63 ? -8.01409  -13.48801 5.23074   1.000 13.90332 ? 765 SER B CB  1 
ATOM   1021 O OG  . SER B 2 63 ? -8.94260  -13.84641 6.24944   1.000 17.64312 ? 765 SER B OG  1 
ATOM   1022 N N   . ILE B 2 64 ? -4.99198  -13.01133 4.41112   1.000 10.37145 ? 766 ILE B N   1 
ATOM   1023 C CA  . ILE B 2 64 ? -3.98735  -12.61250 3.42874   1.000 9.38421  ? 766 ILE B CA  1 
ATOM   1024 C C   . ILE B 2 64 ? -3.06411  -13.78393 3.11354   1.000 10.61076 ? 766 ILE B C   1 
ATOM   1025 O O   . ILE B 2 64 ? -2.76005  -14.05771 1.94786   1.000 10.89754 ? 766 ILE B O   1 
ATOM   1026 C CB  . ILE B 2 64 ? -3.20486  -11.38390 3.93199   1.000 9.11366  ? 766 ILE B CB  1 
ATOM   1027 C CG1 . ILE B 2 64 ? -4.09347  -10.14157 3.94291   1.000 10.38105 ? 766 ILE B CG1 1 
ATOM   1028 C CG2 . ILE B 2 64 ? -1.93821  -11.16369 3.09599   1.000 11.04475 ? 766 ILE B CG2 1 
ATOM   1029 C CD1 . ILE B 2 64 ? -3.47971  -8.97136  4.70780   1.000 12.54575 ? 766 ILE B CD1 1 
ATOM   1030 N N   . LEU B 2 65 ? -2.60742  -14.49372 4.15042   1.000 12.01564 ? 767 LEU B N   1 
ATOM   1031 C CA  . LEU B 2 65 ? -1.72135  -15.63397 3.92645   1.000 11.91108 ? 767 LEU B CA  1 
ATOM   1032 C C   . LEU B 2 65 ? -2.38567  -16.69132 3.05143   1.000 10.92356 ? 767 LEU B C   1 
ATOM   1033 O O   . LEU B 2 65 ? -1.76887  -17.20560 2.11321   1.000 11.88330 ? 767 LEU B O   1 
ATOM   1034 C CB  . LEU B 2 65 ? -1.28585  -16.23509 5.26468   1.000 11.82531 ? 767 LEU B CB  1 
ATOM   1035 C CG  . LEU B 2 65 ? -0.34383  -15.38099 6.11941   1.000 12.89615 ? 767 LEU B CG  1 
ATOM   1036 C CD1 . LEU B 2 65 ? -0.29088  -15.92348 7.54715   1.000 16.39543 ? 767 LEU B CD1 1 
ATOM   1037 C CD2 . LEU B 2 65 ? 1.05265   -15.36735 5.50634   1.000 15.89603 ? 767 LEU B CD2 1 
ATOM   1038 N N   . MET B 2 66 ? -3.65766  -16.99632 3.31575   1.000 12.48915 ? 768 MET B N   1 
ATOM   1039 C CA  . MET B 2 66 ? -4.36858  -17.97869 2.50168   1.000 13.53829 ? 768 MET B CA  1 
ATOM   1040 C C   . MET B 2 66 ? -4.49598  -17.49212 1.05900   1.000 14.67680 ? 768 MET B C   1 
ATOM   1041 O O   . MET B 2 66 ? -4.26712  -18.25103 0.10565   1.000 13.61105 ? 768 MET B O   1 
ATOM   1042 C CB  . MET B 2 66 ? -5.74385  -18.23175 3.13025   1.000 16.26491 ? 768 MET B CB  1 
ATOM   1043 C CG  . MET B 2 66 ? -6.53433  -19.41059 2.58183   1.000 21.41342 ? 768 MET B CG  1 
ATOM   1044 S SD  . MET B 2 66 ? -8.32064  -19.16388 2.82011   1.000 24.47551 ? 768 MET B SD  1 
ATOM   1045 C CE  . MET B 2 66 ? -8.66783  -19.92575 4.40053   1.000 30.28362 ? 768 MET B CE  1 
ATOM   1046 N N   . PHE B 2 67 ? -4.81245  -16.20787 0.88146   1.000 10.10341 ? 769 PHE B N   1 
ATOM   1047 C CA  . PHE B 2 67 ? -4.95201  -15.65412 -0.46274  1.000 11.61417 ? 769 PHE B CA  1 
ATOM   1048 C C   . PHE B 2 67 ? -3.62082  -15.67371 -1.20562  1.000 13.77513 ? 769 PHE B C   1 
ATOM   1049 O O   . PHE B 2 67 ? -3.57322  -15.97188 -2.40404  1.000 14.62576 ? 769 PHE B O   1 
ATOM   1050 C CB  . PHE B 2 67 ? -5.47981  -14.21827 -0.38679  1.000 13.29101 ? 769 PHE B CB  1 
ATOM   1051 C CG  . PHE B 2 67 ? -6.90153  -14.09164 0.13614   1.000 13.66103 ? 769 PHE B CG  1 
ATOM   1052 C CD1 . PHE B 2 67 ? -7.75909  -15.17098 0.16628   1.000 18.87327 ? 769 PHE B CD1 1 
ATOM   1053 C CD2 . PHE B 2 67 ? -7.35868  -12.86880 0.59928   1.000 16.70251 ? 769 PHE B CD2 1 
ATOM   1054 C CE1 . PHE B 2 67 ? -9.05654  -15.03021 0.64656   1.000 22.00802 ? 769 PHE B CE1 1 
ATOM   1055 C CE2 . PHE B 2 67 ? -8.65284  -12.71955 1.07964   1.000 19.52875 ? 769 PHE B CE2 1 
ATOM   1056 C CZ  . PHE B 2 67 ? -9.49807  -13.80207 1.09863   1.000 17.34666 ? 769 PHE B CZ  1 
ATOM   1057 N N   . LYS B 2 68 ? -2.52141  -15.36757 -0.51020  1.000 12.32708 ? 770 LYS B N   1 
ATOM   1058 C CA  . LYS B 2 68 ? -1.22062  -15.38001 -1.17430  1.000 11.89890 ? 770 LYS B CA  1 
ATOM   1059 C C   . LYS B 2 68 ? -0.83394  -16.79172 -1.58969  1.000 15.11141 ? 770 LYS B C   1 
ATOM   1060 O O   . LYS B 2 68 ? -0.28030  -16.99536 -2.67899  1.000 17.20421 ? 770 LYS B O   1 
ATOM   1061 C CB  . LYS B 2 68 ? -0.15343  -14.78180 -0.25408  1.000 12.09270 ? 770 LYS B CB  1 
ATOM   1062 C CG  . LYS B 2 68 ? -0.28787  -13.28990 -0.00861  1.000 15.34794 ? 770 LYS B CG  1 
ATOM   1063 C CD  . LYS B 2 68 ? 0.88496   -12.77692 0.84694   1.000 13.22959 ? 770 LYS B CD  1 
ATOM   1064 C CE  . LYS B 2 68 ? 2.14549   -12.64298 0.01728   1.000 12.99235 ? 770 LYS B CE  1 
ATOM   1065 N NZ  . LYS B 2 68 ? 1.94538   -11.74889 -1.18178  1.000 14.20927 ? 770 LYS B NZ  1 
ATOM   1066 N N   . ALA B 2 69 ? -1.12067  -17.77640 -0.73299  1.000 13.56117 ? 771 ALA B N   1 
ATOM   1067 C CA  . ALA B 2 69 ? -0.76381  -19.15642 -1.04076  1.000 15.89062 ? 771 ALA B CA  1 
ATOM   1068 C C   . ALA B 2 69 ? -1.49863  -19.64794 -2.27612  1.000 19.48268 ? 771 ALA B C   1 
ATOM   1069 O O   . ALA B 2 69 ? -1.00723  -20.53914 -2.97681  1.000 22.22059 ? 771 ALA B O   1 
ATOM   1070 C CB  . ALA B 2 69 ? -1.05984  -20.05387 0.15889   1.000 17.88200 ? 771 ALA B CB  1 
ATOM   1071 N N   . ALA B 2 70 ? -2.65659  -19.06333 -2.57088  1.000 16.72808 ? 772 ALA B N   1 
ATOM   1072 C CA  . ALA B 2 70 ? -3.46051  -19.46074 -3.71850  1.000 20.99689 ? 772 ALA B CA  1 
ATOM   1073 C C   . ALA B 2 70 ? -3.05021  -18.77302 -5.01334  1.000 22.12782 ? 772 ALA B C   1 
ATOM   1074 O O   . ALA B 2 70 ? -3.53252  -19.16777 -6.08170  1.000 25.10130 ? 772 ALA B O   1 
ATOM   1075 C CB  . ALA B 2 70 ? -4.94356  -19.17690 -3.45421  1.000 20.86529 ? 772 ALA B CB  1 
ATOM   1076 N N   . GLU B 2 71 ? -2.19433  -17.75889 -4.95183  1.000 22.02947 ? 773 GLU B N   1 
ATOM   1077 C CA  . GLU B 2 71 ? -1.73303  -17.08629 -6.15872  1.000 22.81047 ? 773 GLU B CA  1 
ATOM   1078 C C   . GLU B 2 71 ? -0.71568  -17.95550 -6.89094  1.000 27.75678 ? 773 GLU B C   1 
ATOM   1079 O O   . GLU B 2 71 ? -0.66030  -17.94805 -8.12056  1.000 32.99615 ? 773 GLU B O   1 
ATOM   1080 C CB  . GLU B 2 71 ? -1.12968  -15.71389 -5.83089  1.000 22.32976 ? 773 GLU B CB  1 
ATOM   1081 C CG  . GLU B 2 71 ? -2.13144  -14.70715 -5.26154  1.000 24.29254 ? 773 GLU B CG  1 
ATOM   1082 C CD  . GLU B 2 71 ? -3.00967  -14.04982 -6.32760  1.000 27.77896 ? 773 GLU B CD  1 
ATOM   1083 O OE1 . GLU B 2 71 ? -2.49771  -13.74700 -7.42733  1.000 26.75499 ? 773 GLU B OE1 1 
ATOM   1084 O OE2 . GLU B 2 71 ? -4.21504  -13.82447 -6.06017  1.000 25.00609 ? 773 GLU B OE2 1 
HETATM 1085 O O   . HOH C 3 .  ? -0.34598  5.36976   3.82301   1.000 23.76519 ? 601 HOH A O   1 
HETATM 1086 O O   . HOH C 3 .  ? 17.58702  13.00311  -15.65268 1.000 27.83239 ? 602 HOH A O   1 
HETATM 1087 O O   . HOH C 3 .  ? 1.38143   9.25502   8.68573   1.000 34.20963 ? 603 HOH A O   1 
HETATM 1088 O O   . HOH C 3 .  ? 27.00844  9.60815   -14.37402 1.000 22.05067 ? 604 HOH A O   1 
HETATM 1089 O O   . HOH C 3 .  ? 2.28534   -8.03537  -6.25280  1.000 33.52448 ? 605 HOH A O   1 
HETATM 1090 O O   . HOH C 3 .  ? 12.56765  -9.06905  -2.84400  1.000 22.57168 ? 606 HOH A O   1 
HETATM 1091 O O   . HOH C 3 .  ? 8.81669   12.20537  -21.11594 1.000 32.03073 ? 607 HOH A O   1 
HETATM 1092 O O   . HOH C 3 .  ? -2.95203  8.53268   -8.48255  1.000 20.55485 ? 608 HOH A O   1 
HETATM 1093 O O   . HOH C 3 .  ? 2.65587   3.82508   -18.36272 1.000 29.96612 ? 609 HOH A O   1 
HETATM 1094 O O   . HOH C 3 .  ? 4.58106   18.38846  -9.27123  1.000 30.54465 ? 610 HOH A O   1 
HETATM 1095 O O   . HOH C 3 .  ? 12.07192  17.30612  2.29404   1.000 28.62581 ? 611 HOH A O   1 
HETATM 1096 O O   . HOH C 3 .  ? 17.88837  3.72080   3.51852   1.000 24.07814 ? 612 HOH A O   1 
HETATM 1097 O O   . HOH C 3 .  ? -7.99114  8.70314   -5.90891  1.000 33.05612 ? 613 HOH A O   1 
HETATM 1098 O O   . HOH C 3 .  ? 14.67225  1.50017   -0.01219  1.000 18.99412 ? 614 HOH A O   1 
HETATM 1099 O O   . HOH C 3 .  ? 14.62286  17.21038  -14.50004 1.000 26.06902 ? 615 HOH A O   1 
HETATM 1100 O O   . HOH C 3 .  ? -1.16366  13.08637  6.65983   1.000 30.92223 ? 616 HOH A O   1 
HETATM 1101 O O   . HOH C 3 .  ? 19.33937  7.41995   -15.84512 1.000 36.73735 ? 617 HOH A O   1 
HETATM 1102 O O   . HOH C 3 .  ? 11.71649  14.44734  -16.07304 1.000 36.29441 ? 618 HOH A O   1 
HETATM 1103 O O   . HOH C 3 .  ? 20.35925  14.65405  -10.34221 1.000 27.96362 ? 619 HOH A O   1 
HETATM 1104 O O   . HOH C 3 .  ? 8.71425   -5.93284  2.18446   1.000 28.96577 ? 620 HOH A O   1 
HETATM 1105 O O   . HOH C 3 .  ? 15.72529  1.14984   -3.80969  1.000 12.01944 ? 621 HOH A O   1 
HETATM 1106 O O   . HOH C 3 .  ? 2.60831   0.85606   -12.61303 1.000 30.20903 ? 622 HOH A O   1 
HETATM 1107 O O   . HOH C 3 .  ? 15.94648  0.71583   -12.68118 1.000 23.89244 ? 623 HOH A O   1 
HETATM 1108 O O   . HOH C 3 .  ? 19.22438  11.91302  -7.33272  1.000 15.71174 ? 624 HOH A O   1 
HETATM 1109 O O   . HOH C 3 .  ? 10.67484  0.20281   -12.72243 1.000 35.34134 ? 625 HOH A O   1 
HETATM 1110 O O   . HOH C 3 .  ? 8.27610   15.79162  -14.34014 1.000 17.04925 ? 626 HOH A O   1 
HETATM 1111 O O   . HOH C 3 .  ? 0.97807   14.91137  -10.21349 1.000 19.04035 ? 627 HOH A O   1 
HETATM 1112 O O   . HOH C 3 .  ? 8.89549   -6.55348  -5.89740  1.000 33.37511 ? 628 HOH A O   1 
HETATM 1113 O O   . HOH C 3 .  ? 15.31622  8.91511   1.75967   1.000 17.60564 ? 629 HOH A O   1 
HETATM 1114 O O   . HOH C 3 .  ? 16.26896  -3.19008  -3.18635  1.000 19.87359 ? 630 HOH A O   1 
HETATM 1115 O O   . HOH C 3 .  ? 20.23276  13.36225  -13.94384 0.50  26.56738 ? 631 HOH A O   1 
HETATM 1116 O O   . HOH C 3 .  ? 2.39426   14.81393  -12.55804 1.000 15.74950 ? 632 HOH A O   1 
HETATM 1117 O O   . HOH C 3 .  ? 12.72905  15.30129  1.69054   1.000 34.60122 ? 633 HOH A O   1 
HETATM 1118 O O   . HOH C 3 .  ? 17.80676  0.86867   -5.82280  1.000 13.52015 ? 634 HOH A O   1 
HETATM 1119 O O   . HOH C 3 .  ? -3.03349  8.92130   -2.21155  1.000 18.05879 ? 635 HOH A O   1 
HETATM 1120 O O   . HOH C 3 .  ? -0.64358  13.34115  -2.70405  1.000 24.81816 ? 636 HOH A O   1 
HETATM 1121 O O   . HOH C 3 .  ? 0.44642   16.80148  1.38513   1.000 24.19703 ? 637 HOH A O   1 
HETATM 1122 O O   . HOH C 3 .  ? 19.38841  13.15994  -2.15150  1.000 24.78630 ? 638 HOH A O   1 
HETATM 1123 O O   . HOH C 3 .  ? 7.10894   -1.56760  7.09098   1.000 27.73056 ? 639 HOH A O   1 
HETATM 1124 O O   . HOH C 3 .  ? 16.00335  14.61281  -2.11219  1.000 19.53837 ? 640 HOH A O   1 
HETATM 1125 O O   . HOH C 3 .  ? 25.85243  9.60204   -10.18123 0.50  18.76956 ? 641 HOH A O   1 
HETATM 1126 O O   . HOH C 3 .  ? -0.91623  9.56937   -14.67551 1.000 17.68261 ? 642 HOH A O   1 
HETATM 1127 O O   . HOH C 3 .  ? -1.75579  14.63204  1.04958   1.000 33.42817 ? 643 HOH A O   1 
HETATM 1128 O O   . HOH C 3 .  ? 15.87663  17.89050  -3.71622  1.000 29.64279 ? 644 HOH A O   1 
HETATM 1129 O O   . HOH C 3 .  ? 11.51776  14.42637  3.28359   1.000 27.00973 ? 645 HOH A O   1 
HETATM 1130 O O   . HOH C 3 .  ? 6.96679   4.86027   -15.06831 1.000 19.27655 ? 646 HOH A O   1 
HETATM 1131 O O   . HOH C 3 .  ? 6.98103   8.98846   -19.78427 1.000 27.28663 ? 647 HOH A O   1 
HETATM 1132 O O   . HOH C 3 .  ? 0.93311   13.87146  -0.45622  1.000 23.13854 ? 648 HOH A O   1 
HETATM 1133 O O   . HOH C 3 .  ? 3.92556   14.73347  1.44051   1.000 21.19900 ? 649 HOH A O   1 
HETATM 1134 O O   . HOH C 3 .  ? 2.50439   8.06949   3.24970   1.000 14.04914 ? 650 HOH A O   1 
HETATM 1135 O O   . HOH C 3 .  ? 16.59668  -2.60635  -6.74764  1.000 21.76412 ? 651 HOH A O   1 
HETATM 1136 O O   . HOH C 3 .  ? 10.57343  0.28322   7.19342   1.000 26.89015 ? 652 HOH A O   1 
HETATM 1137 O O   . HOH C 3 .  ? 14.07592  15.25119  0.03343   1.000 31.90392 ? 653 HOH A O   1 
HETATM 1138 O O   . HOH C 3 .  ? 14.23638  -1.15768  -0.41715  1.000 25.18485 ? 654 HOH A O   1 
HETATM 1139 O O   . HOH C 3 .  ? 17.94864  16.21299  -2.69672  1.000 31.14870 ? 655 HOH A O   1 
HETATM 1140 O O   . HOH C 3 .  ? 18.92076  15.81608  -7.66699  1.000 26.75075 ? 656 HOH A O   1 
HETATM 1141 O O   . HOH C 3 .  ? 12.15351  9.39792   -14.74977 1.000 29.27566 ? 657 HOH A O   1 
HETATM 1142 O O   . HOH C 3 .  ? 12.43917  -0.90991  4.59853   1.000 29.36658 ? 658 HOH A O   1 
HETATM 1143 O O   . HOH C 3 .  ? 10.40653  20.63254  0.16296   0.50  24.35970 ? 659 HOH A O   1 
HETATM 1144 O O   . HOH C 3 .  ? -2.56190  14.90655  -5.57933  1.000 30.33390 ? 660 HOH A O   1 
HETATM 1145 O O   . HOH C 3 .  ? -0.70676  5.88638   6.57183   1.000 37.52841 ? 661 HOH A O   1 
HETATM 1146 O O   . HOH C 3 .  ? 3.54430   14.43878  4.22228   0.50  23.52570 ? 662 HOH A O   1 
HETATM 1147 O O   . HOH C 3 .  ? 17.28509  13.50758  1.80919   1.000 44.47253 ? 663 HOH A O   1 
HETATM 1148 O O   . HOH C 3 .  ? 19.81873  10.94982  -0.20270  1.000 28.80431 ? 664 HOH A O   1 
HETATM 1149 O O   . HOH C 3 .  ? 2.11049   -0.89541  -10.12657 1.000 23.68874 ? 665 HOH A O   1 
HETATM 1150 O O   . HOH C 3 .  ? 11.56991  -4.06167  3.50765   1.000 36.31652 ? 666 HOH A O   1 
HETATM 1151 O O   . HOH C 3 .  ? 14.63073  17.79240  0.19079   1.000 31.54846 ? 667 HOH A O   1 
HETATM 1152 O O   . HOH C 3 .  ? 21.32234  13.23676  -6.10355  1.000 27.81036 ? 668 HOH A O   1 
HETATM 1153 O O   . HOH C 3 .  ? 9.98905   15.74150  -16.32529 1.000 31.44709 ? 669 HOH A O   1 
HETATM 1154 O O   . HOH C 3 .  ? 18.77061  14.85996  -0.07004  1.000 39.22592 ? 670 HOH A O   1 
HETATM 1155 O O   . HOH C 3 .  ? 7.04292   -5.71237  5.75828   1.000 26.13012 ? 671 HOH A O   1 
HETATM 1156 O O   . HOH C 3 .  ? 6.32328   -6.65292  3.41464   1.000 28.28657 ? 672 HOH A O   1 
HETATM 1157 O O   . HOH C 3 .  ? 5.22600   3.22736   -16.45863 1.000 28.16530 ? 673 HOH A O   1 
HETATM 1158 O O   . HOH C 3 .  ? 17.45740  6.35199   -16.21286 1.000 39.08229 ? 674 HOH A O   1 
HETATM 1159 O O   . HOH C 3 .  ? 15.32987  7.56578   4.01428   1.000 23.32614 ? 675 HOH A O   1 
HETATM 1160 O O   . HOH C 3 .  ? 7.83718   21.35258  -11.53193 1.000 30.15324 ? 676 HOH A O   1 
HETATM 1161 O O   . HOH C 3 .  ? 15.08298  -2.73185  2.58892   1.000 39.19518 ? 677 HOH A O   1 
HETATM 1162 O O   . HOH C 3 .  ? -5.36096  9.62766   -3.08924  1.000 44.20702 ? 678 HOH A O   1 
HETATM 1163 O O   . HOH C 3 .  ? 18.20754  10.45654  2.11781   1.000 27.16880 ? 679 HOH A O   1 
HETATM 1164 O O   . HOH C 3 .  ? 0.43161   6.46747   8.39094   1.000 32.72066 ? 680 HOH A O   1 
HETATM 1165 O O   . HOH C 3 .  ? 17.65953  6.39234   4.83171   1.000 29.47273 ? 681 HOH A O   1 
HETATM 1166 O O   . HOH C 3 .  ? 14.86579  19.43337  -13.15513 1.000 30.15028 ? 682 HOH A O   1 
HETATM 1167 O O   . HOH C 3 .  ? 13.53970  10.95967  1.52160   1.000 32.60172 ? 683 HOH A O   1 
HETATM 1168 O O   . HOH C 3 .  ? 6.38044   -2.71512  9.26927   1.000 32.25171 ? 684 HOH A O   1 
HETATM 1169 O O   . HOH C 3 .  ? 27.48952  8.62144   -2.54041  1.000 23.83878 ? 685 HOH A O   1 
HETATM 1170 O O   . HOH C 3 .  ? 4.13528   -2.67078  -11.93718 1.000 38.38631 ? 686 HOH A O   1 
HETATM 1171 O O   . HOH C 3 .  ? 5.62913   -8.86800  -2.80531  1.000 33.66091 ? 687 HOH A O   1 
HETATM 1172 O O   . HOH C 3 .  ? -3.03861  15.39531  -8.45004  1.000 31.08653 ? 688 HOH A O   1 
HETATM 1173 O O   . HOH C 3 .  ? 10.75899  8.12306   -16.42689 1.000 36.07512 ? 689 HOH A O   1 
HETATM 1174 O O   . HOH C 3 .  ? 19.28025  10.47708  -15.73809 1.000 34.23835 ? 690 HOH A O   1 
HETATM 1175 O O   . HOH C 3 .  ? 29.23952  8.42757   -12.56228 1.000 23.68418 ? 691 HOH A O   1 
HETATM 1176 O O   . HOH C 3 .  ? 16.99585  10.56537  -17.50277 1.000 29.68716 ? 692 HOH A O   1 
HETATM 1177 O O   . HOH C 3 .  ? -2.43877  1.69981   -14.15860 1.000 39.40233 ? 693 HOH A O   1 
HETATM 1178 O O   . HOH C 3 .  ? 14.99628  2.54312   -14.35397 1.000 34.04059 ? 694 HOH A O   1 
HETATM 1179 O O   . HOH C 3 .  ? 8.72558   4.65967   -16.77663 1.000 34.07223 ? 695 HOH A O   1 
HETATM 1180 O O   . HOH C 3 .  ? 11.71795  4.16510   -16.12481 1.000 39.59720 ? 696 HOH A O   1 
HETATM 1181 O O   . HOH D 3 .  ? -18.85347 -10.10731 14.66760  1.000 39.86281 ? 801 HOH B O   1 
HETATM 1182 O O   . HOH D 3 .  ? -9.40263  -6.55585  23.67168  1.000 30.24224 ? 802 HOH B O   1 
HETATM 1183 O O   . HOH D 3 .  ? -8.37907  1.92598   11.12391  1.000 27.11719 ? 803 HOH B O   1 
HETATM 1184 O O   . HOH D 3 .  ? 4.33233   -1.65005  8.98282   1.000 26.00854 ? 804 HOH B O   1 
HETATM 1185 O O   . HOH D 3 .  ? -4.31339  -21.56767 -6.81372  1.000 36.71861 ? 805 HOH B O   1 
HETATM 1186 O O   . HOH D 3 .  ? -18.73551 -10.14951 10.36042  1.000 31.92517 ? 806 HOH B O   1 
HETATM 1187 O O   . HOH D 3 .  ? -10.08941 -15.96098 -4.76447  1.000 33.44455 ? 807 HOH B O   1 
HETATM 1188 O O   . HOH D 3 .  ? -16.46303 -0.31827  3.26345   1.000 24.62931 ? 808 HOH B O   1 
HETATM 1189 O O   . HOH D 3 .  ? -19.37070 -8.54580  3.90438   1.000 18.12461 ? 809 HOH B O   1 
HETATM 1190 O O   . HOH D 3 .  ? -5.56491  -15.46879 -4.45423  1.000 20.43459 ? 810 HOH B O   1 
HETATM 1191 O O   . HOH D 3 .  ? -8.18550  6.15784   6.65818   1.000 26.28069 ? 811 HOH B O   1 
HETATM 1192 O O   . HOH D 3 .  ? -9.87009  7.25970   -0.68937  1.000 30.33792 ? 812 HOH B O   1 
HETATM 1193 O O   . HOH D 3 .  ? -13.40447 6.75332   0.42008   1.000 30.22323 ? 813 HOH B O   1 
HETATM 1194 O O   . HOH D 3 .  ? -14.91230 -11.11757 -3.61090  1.000 18.83361 ? 814 HOH B O   1 
HETATM 1195 O O   . HOH D 3 .  ? -15.35234 -5.90530  -7.76320  1.000 13.22363 ? 815 HOH B O   1 
HETATM 1196 O O   . HOH D 3 .  ? -20.68876 0.07150   15.51469  1.000 26.14055 ? 816 HOH B O   1 
HETATM 1197 O O   . HOH D 3 .  ? 5.60294   -5.12443  8.30773   1.000 22.30953 ? 817 HOH B O   1 
HETATM 1198 O O   . HOH D 3 .  ? -16.27663 1.56695   11.64651  1.000 18.55011 ? 818 HOH B O   1 
HETATM 1199 O O   . HOH D 3 .  ? -15.86413 4.91275   2.91610   1.000 22.58651 ? 819 HOH B O   1 
HETATM 1200 O O   . HOH D 3 .  ? -11.99630 3.83358   -2.23375  1.000 22.20427 ? 820 HOH B O   1 
HETATM 1201 O O   . HOH D 3 .  ? -15.33890 -4.83905  14.04511  1.000 20.20050 ? 821 HOH B O   1 
HETATM 1202 O O   . HOH D 3 .  ? -4.43019  -20.99037 0.13876   1.000 20.84235 ? 822 HOH B O   1 
HETATM 1203 O O   . HOH D 3 .  ? 0.28183   -7.98926  -5.06989  1.000 21.33054 ? 823 HOH B O   1 
HETATM 1204 O O   . HOH D 3 .  ? -19.94763 -3.49143  8.37873   1.000 25.67861 ? 824 HOH B O   1 
HETATM 1205 O O   . HOH D 3 .  ? -9.08433  1.51196   16.09950  1.000 14.84741 ? 825 HOH B O   1 
HETATM 1206 O O   . HOH D 3 .  ? 1.13248   -22.08900 -2.15836  1.000 33.44615 ? 826 HOH B O   1 
HETATM 1207 O O   . HOH D 3 .  ? -10.96551 -12.54811 -8.71663  1.000 29.99381 ? 827 HOH B O   1 
HETATM 1208 O O   . HOH D 3 .  ? -21.16150 -3.42581  3.69133   1.000 42.53519 ? 828 HOH B O   1 
HETATM 1209 O O   . HOH D 3 .  ? 0.87546   -13.38518 -3.14652  1.000 19.58782 ? 829 HOH B O   1 
HETATM 1210 O O   . HOH D 3 .  ? 0.98182   -17.54944 2.17153   1.000 15.00206 ? 830 HOH B O   1 
HETATM 1211 O O   . HOH D 3 .  ? -10.95647 0.61762   11.55656  1.000 20.75668 ? 831 HOH B O   1 
HETATM 1212 O O   . HOH D 3 .  ? -10.49005 -2.30486  0.62749   1.000 16.08361 ? 832 HOH B O   1 
HETATM 1213 O O   . HOH D 3 .  ? 2.05234   -9.71905  2.48434   1.000 12.40642 ? 833 HOH B O   1 
HETATM 1214 O O   . HOH D 3 .  ? -10.90379 6.55188   -2.78293  1.000 29.03869 ? 834 HOH B O   1 
HETATM 1215 O O   . HOH D 3 .  ? -19.75946 -3.93840  14.55703  1.000 32.38122 ? 835 HOH B O   1 
HETATM 1216 O O   . HOH D 3 .  ? -15.66009 -9.73443  -1.36514  1.000 14.95582 ? 836 HOH B O   1 
HETATM 1217 O O   . HOH D 3 .  ? -8.22747  -2.47704  -8.37300  1.000 20.57470 ? 837 HOH B O   1 
HETATM 1218 O O   . HOH D 3 .  ? -4.51427  1.18081   -4.78087  1.000 22.49271 ? 838 HOH B O   1 
HETATM 1219 O O   . HOH D 3 .  ? -6.48473  -5.68041  -7.45778  1.000 14.73922 ? 839 HOH B O   1 
HETATM 1220 O O   . HOH D 3 .  ? -11.58910 -10.15168 16.24406  1.000 28.57849 ? 840 HOH B O   1 
HETATM 1221 O O   . HOH D 3 .  ? -3.72537  -18.74675 6.40605   1.000 19.67719 ? 841 HOH B O   1 
HETATM 1222 O O   . HOH D 3 .  ? -7.75222  -16.39219 12.13456  1.000 22.07640 ? 842 HOH B O   1 
HETATM 1223 O O   . HOH D 3 .  ? -0.53252  -11.71212 -7.62368  1.000 32.72504 ? 843 HOH B O   1 
HETATM 1224 O O   . HOH D 3 .  ? -7.85723  -13.51211 16.22401  1.000 22.05083 ? 844 HOH B O   1 
HETATM 1225 O O   . HOH D 3 .  ? -14.92239 7.85433   4.94758   1.000 26.27955 ? 845 HOH B O   1 
HETATM 1226 O O   . HOH D 3 .  ? -16.40177 -1.44954  7.68390   1.000 18.43643 ? 846 HOH B O   1 
HETATM 1227 O O   . HOH D 3 .  ? 4.53562   -11.61923 -2.47659  1.000 22.47230 ? 847 HOH B O   1 
HETATM 1228 O O   . HOH D 3 .  ? -10.34747 -1.20838  -6.93259  1.000 12.05636 ? 848 HOH B O   1 
HETATM 1229 O O   . HOH D 3 .  ? -18.43676 8.08717   4.25086   1.000 36.06210 ? 849 HOH B O   1 
HETATM 1230 O O   . HOH D 3 .  ? -16.77423 -12.89391 2.21380   0.50  14.42307 ? 850 HOH B O   1 
HETATM 1231 O O   . HOH D 3 .  ? -20.21027 -8.26445  -0.55093  1.000 18.59534 ? 851 HOH B O   1 
HETATM 1232 O O   . HOH D 3 .  ? -9.49352  -4.71121  -9.60226  1.000 24.39542 ? 852 HOH B O   1 
HETATM 1233 O O   . HOH D 3 .  ? -7.46433  -7.93535  20.21757  1.000 22.56370 ? 853 HOH B O   1 
HETATM 1234 O O   . HOH D 3 .  ? -5.13589  -3.72645  -9.22185  1.000 25.04531 ? 854 HOH B O   1 
HETATM 1235 O O   . HOH D 3 .  ? -14.79804 -11.65971 17.23635  1.000 29.05756 ? 855 HOH B O   1 
HETATM 1236 O O   . HOH D 3 .  ? -20.75043 -1.29859  5.80376   1.000 31.01050 ? 856 HOH B O   1 
HETATM 1237 O O   . HOH D 3 .  ? -6.87930  0.63310   -7.13641  1.000 29.15481 ? 857 HOH B O   1 
HETATM 1238 O O   . HOH D 3 .  ? -12.37501 -14.50445 17.90430  1.000 29.17697 ? 858 HOH B O   1 
HETATM 1239 O O   . HOH D 3 .  ? 3.29972   -8.73153  13.92164  1.000 30.95274 ? 859 HOH B O   1 
HETATM 1240 O O   . HOH D 3 .  ? -4.10745  -4.75606  20.25540  1.000 28.87948 ? 860 HOH B O   1 
HETATM 1241 O O   . HOH D 3 .  ? 1.81173   -9.96139  -3.80052  1.000 23.00259 ? 861 HOH B O   1 
HETATM 1242 O O   . HOH D 3 .  ? -21.01051 -6.61597  4.31042   1.000 38.25738 ? 862 HOH B O   1 
HETATM 1243 O O   . HOH D 3 .  ? -18.17039 -0.47633  5.81152   1.000 24.69329 ? 863 HOH B O   1 
HETATM 1244 O O   . HOH D 3 .  ? -22.38715 -3.36910  6.43738   1.000 38.85670 ? 864 HOH B O   1 
HETATM 1245 O O   . HOH D 3 .  ? -2.25802  -20.07135 4.17742   1.000 18.19451 ? 865 HOH B O   1 
HETATM 1246 O O   . HOH D 3 .  ? -17.73610 -11.81126 16.41805  1.000 37.91215 ? 866 HOH B O   1 
HETATM 1247 O O   . HOH D 3 .  ? 2.37987   -17.80852 -0.20368  1.000 27.22215 ? 867 HOH B O   1 
HETATM 1248 O O   . HOH D 3 .  ? 2.93350   -15.32631 -2.72849  1.000 23.01707 ? 868 HOH B O   1 
HETATM 1249 O O   . HOH D 3 .  ? -7.49832  -19.01187 11.17994  1.000 29.05066 ? 869 HOH B O   1 
HETATM 1250 O O   . HOH D 3 .  ? -17.45564 -10.73656 0.37540   1.000 17.27869 ? 870 HOH B O   1 
HETATM 1251 O O   . HOH D 3 .  ? 0.53487   -19.63834 3.85971   1.000 16.59641 ? 871 HOH B O   1 
HETATM 1252 O O   . HOH D 3 .  ? -20.29266 -9.90479  1.64898   1.000 23.62394 ? 872 HOH B O   1 
HETATM 1253 O O   . HOH D 3 .  ? -22.68367 -1.64370  16.01917  1.000 31.99492 ? 873 HOH B O   1 
HETATM 1254 O O   . HOH D 3 .  ? -16.94739 2.28163   2.93798   1.000 25.45075 ? 874 HOH B O   1 
HETATM 1255 O O   . HOH D 3 .  ? -7.80149  -15.78947 14.73435  1.000 26.70506 ? 875 HOH B O   1 
HETATM 1256 O O   . HOH D 3 .  ? 3.15776   -20.27304 -2.41376  1.000 33.09498 ? 876 HOH B O   1 
HETATM 1257 O O   . HOH D 3 .  ? 1.20699   -12.10452 -5.49376  1.000 25.97414 ? 877 HOH B O   1 
HETATM 1258 O O   . HOH D 3 .  ? -17.93638 -8.55389  -2.32536  1.000 20.06404 ? 878 HOH B O   1 
HETATM 1259 O O   . HOH D 3 .  ? -9.29714  -13.53823 18.49303  1.000 38.60351 ? 879 HOH B O   1 
HETATM 1260 O O   . HOH D 3 .  ? -0.87606  -9.19466  -7.16113  1.000 30.73147 ? 880 HOH B O   1 
HETATM 1261 O O   . HOH D 3 .  ? -3.34082  -22.01635 2.53282   1.000 21.74402 ? 881 HOH B O   1 
HETATM 1262 O O   . HOH D 3 .  ? -9.92816  -11.84535 19.87017  1.000 45.53392 ? 882 HOH B O   1 
# 
